data_2OFW
#
_entry.id   2OFW
#
_cell.length_a   181.190
_cell.length_b   69.030
_cell.length_c   150.610
_cell.angle_alpha   90.000
_cell.angle_beta   116.610
_cell.angle_gamma   90.000
#
_symmetry.space_group_name_H-M   'C 1 2 1'
#
loop_
_entity.id
_entity.type
_entity.pdbx_description
1 polymer 'APS kinase domain of the PAPS synthetase 1'
2 non-polymer "ADENOSINE-5'-PHOSPHOSULFATE"
3 non-polymer 'MAGNESIUM ION'
4 water water
#
_entity_poly.entity_id   1
_entity_poly.type   'polypeptide(L)'
_entity_poly.pdbx_seq_one_letter_code
;QGHMRATNVTYQAHHVSRNKRGQVVGTRGGFRGCTIWLTGLSGAGKTTVSMALEEYLVCHGIPCYTLDGDNIRQGLNKNL
GFSPEDREENVRRIAEVAKLFADAGLVCITSFISPYTQDRNNARQIHEGASLPFFEVFVDAPLHVCEQRDVKGLYKKARA
GEIKGFTGIDSEYEKPEAPELVLKTDSCDVNDCVQQVVELLNERDILP
;
_entity_poly.pdbx_strand_id   A,B,C,D,E,F,G,H
#
# COMPACT_ATOMS: atom_id res chain seq x y z
N ASN A 8 -36.01 11.96 25.54
CA ASN A 8 -35.20 10.88 26.15
C ASN A 8 -35.78 9.50 25.85
N VAL A 9 -35.99 9.28 24.55
CA VAL A 9 -36.58 8.06 24.01
C VAL A 9 -35.51 7.33 23.17
N THR A 10 -35.26 6.06 23.49
CA THR A 10 -34.24 5.26 22.78
C THR A 10 -34.75 3.87 22.29
N TYR A 11 -34.52 3.60 21.00
CA TYR A 11 -35.02 2.42 20.29
C TYR A 11 -34.71 1.07 20.96
N GLN A 12 -35.74 0.20 20.95
CA GLN A 12 -35.68 -1.16 21.47
C GLN A 12 -35.76 -2.15 20.31
N ALA A 13 -34.73 -2.98 20.16
CA ALA A 13 -34.70 -3.97 19.08
C ALA A 13 -35.60 -5.15 19.38
N HIS A 14 -36.25 -5.69 18.36
CA HIS A 14 -36.98 -6.96 18.49
C HIS A 14 -36.02 -8.14 18.68
N HIS A 15 -36.56 -9.31 19.01
CA HIS A 15 -35.77 -10.55 19.05
C HIS A 15 -35.99 -11.40 17.80
N VAL A 16 -37.05 -11.08 17.04
CA VAL A 16 -37.47 -11.88 15.87
C VAL A 16 -37.23 -11.22 14.51
N SER A 17 -36.46 -11.92 13.69
CA SER A 17 -36.12 -11.49 12.34
C SER A 17 -37.29 -11.67 11.35
N ARG A 18 -37.20 -10.95 10.24
CA ARG A 18 -38.19 -11.02 9.19
C ARG A 18 -38.34 -12.42 8.65
N ASN A 19 -37.22 -13.13 8.52
CA ASN A 19 -37.24 -14.47 7.96
C ASN A 19 -38.08 -15.44 8.76
N LYS A 20 -37.92 -15.41 10.08
CA LYS A 20 -38.74 -16.17 11.02
C LYS A 20 -40.22 -15.76 10.97
N ARG A 21 -40.47 -14.46 10.79
CA ARG A 21 -41.83 -13.94 10.68
C ARG A 21 -42.54 -14.51 9.46
N GLY A 22 -41.83 -14.56 8.33
CA GLY A 22 -42.34 -15.14 7.09
C GLY A 22 -42.52 -16.64 7.13
N GLN A 23 -41.79 -17.30 8.02
CA GLN A 23 -41.98 -18.72 8.31
C GLN A 23 -43.27 -18.95 9.10
N VAL A 24 -43.56 -18.02 10.00
CA VAL A 24 -44.66 -18.14 10.98
C VAL A 24 -46.00 -17.63 10.43
N VAL A 25 -45.97 -16.55 9.68
CA VAL A 25 -47.21 -15.97 9.13
C VAL A 25 -47.71 -16.71 7.90
N GLY A 26 -46.85 -16.79 6.89
CA GLY A 26 -47.21 -17.41 5.60
C GLY A 26 -46.93 -18.90 5.59
N THR A 27 -47.91 -19.67 5.12
CA THR A 27 -47.76 -21.11 4.94
C THR A 27 -47.06 -21.35 3.61
N ARG A 28 -46.14 -22.33 3.62
CA ARG A 28 -45.11 -22.45 2.58
C ARG A 28 -44.42 -21.09 2.54
N GLY A 29 -43.72 -20.80 3.62
CA GLY A 29 -43.25 -19.46 3.99
C GLY A 29 -42.64 -18.54 2.95
N GLY A 30 -41.51 -17.96 3.30
CA GLY A 30 -40.95 -16.85 2.52
C GLY A 30 -41.59 -15.55 2.98
N PHE A 31 -40.76 -14.59 3.40
CA PHE A 31 -41.19 -13.26 3.80
C PHE A 31 -41.64 -12.45 2.60
N ARG A 32 -42.92 -12.08 2.58
CA ARG A 32 -43.48 -11.29 1.49
C ARG A 32 -44.20 -10.02 1.97
N GLY A 33 -43.70 -9.45 3.09
CA GLY A 33 -44.23 -8.20 3.64
C GLY A 33 -44.07 -7.06 2.64
N CYS A 34 -45.15 -6.36 2.36
CA CYS A 34 -45.08 -5.19 1.48
C CYS A 34 -46.30 -4.31 1.64
N THR A 35 -46.31 -3.19 0.91
CA THR A 35 -47.44 -2.29 0.89
C THR A 35 -47.84 -1.97 -0.54
N ILE A 36 -49.15 -2.05 -0.77
CA ILE A 36 -49.76 -1.72 -2.05
C ILE A 36 -50.54 -0.45 -1.84
N TRP A 37 -49.99 0.65 -2.35
CA TRP A 37 -50.57 1.97 -2.15
C TRP A 37 -51.44 2.44 -3.27
N LEU A 38 -52.75 2.39 -3.08
CA LEU A 38 -53.71 2.86 -4.08
C LEU A 38 -53.95 4.36 -3.91
N THR A 39 -54.06 5.09 -5.02
CA THR A 39 -54.16 6.54 -4.99
C THR A 39 -55.09 6.98 -6.12
N GLY A 40 -55.86 8.03 -5.88
CA GLY A 40 -56.86 8.46 -6.86
C GLY A 40 -58.06 9.17 -6.27
N LEU A 41 -58.82 9.76 -7.17
CA LEU A 41 -60.03 10.53 -6.85
C LEU A 41 -61.09 9.73 -6.12
N SER A 42 -61.92 10.43 -5.34
CA SER A 42 -63.06 9.82 -4.65
C SER A 42 -64.07 9.22 -5.64
N GLY A 43 -64.37 7.94 -5.44
CA GLY A 43 -65.27 7.21 -6.33
C GLY A 43 -64.59 6.64 -7.56
N ALA A 44 -63.25 6.57 -7.54
CA ALA A 44 -62.51 6.04 -8.69
C ALA A 44 -62.42 4.53 -8.69
N GLY A 45 -62.46 3.93 -7.50
CA GLY A 45 -62.43 2.47 -7.40
C GLY A 45 -61.43 1.81 -6.47
N LYS A 46 -60.85 2.59 -5.55
CA LYS A 46 -59.77 2.13 -4.67
C LYS A 46 -60.26 1.08 -3.70
N THR A 47 -61.35 1.37 -2.98
CA THR A 47 -61.88 0.45 -1.98
C THR A 47 -62.37 -0.82 -2.66
N THR A 48 -63.12 -0.64 -3.75
CA THR A 48 -63.55 -1.77 -4.56
C THR A 48 -62.36 -2.66 -4.90
N VAL A 49 -61.32 -2.07 -5.51
CA VAL A 49 -60.16 -2.84 -5.93
C VAL A 49 -59.42 -3.48 -4.74
N SER A 50 -59.25 -2.71 -3.66
CA SER A 50 -58.50 -3.25 -2.51
C SER A 50 -59.23 -4.38 -1.78
N MET A 51 -60.55 -4.35 -1.70
CA MET A 51 -61.26 -5.44 -1.04
C MET A 51 -61.27 -6.75 -1.85
N ALA A 52 -61.32 -6.65 -3.19
CA ALA A 52 -61.19 -7.84 -4.07
C ALA A 52 -59.76 -8.38 -4.12
N LEU A 53 -58.79 -7.51 -3.89
CA LEU A 53 -57.41 -7.94 -3.90
C LEU A 53 -57.15 -8.68 -2.60
N GLU A 54 -57.65 -8.11 -1.51
CA GLU A 54 -57.58 -8.76 -0.21
C GLU A 54 -58.27 -10.13 -0.25
N GLU A 55 -59.42 -10.20 -0.91
CA GLU A 55 -60.16 -11.45 -1.10
C GLU A 55 -59.34 -12.46 -1.88
N TYR A 56 -58.85 -12.04 -3.06
CA TYR A 56 -58.01 -12.92 -3.85
C TYR A 56 -56.85 -13.45 -3.00
N LEU A 57 -56.18 -12.56 -2.27
CA LEU A 57 -54.96 -12.92 -1.53
C LEU A 57 -55.20 -13.91 -0.42
N VAL A 58 -56.23 -13.65 0.39
CA VAL A 58 -56.66 -14.58 1.45
C VAL A 58 -57.08 -15.93 0.85
N CYS A 59 -57.72 -15.90 -0.31
CA CYS A 59 -58.11 -17.14 -1.01
C CYS A 59 -56.93 -17.93 -1.62
N HIS A 60 -55.74 -17.32 -1.63
CA HIS A 60 -54.55 -18.02 -2.05
C HIS A 60 -53.52 -18.13 -0.94
N GLY A 61 -54.01 -18.04 0.30
CA GLY A 61 -53.23 -18.37 1.47
C GLY A 61 -52.21 -17.32 1.85
N ILE A 62 -52.35 -16.13 1.28
CA ILE A 62 -51.46 -15.00 1.58
C ILE A 62 -52.15 -13.98 2.51
N PRO A 63 -51.68 -13.89 3.78
CA PRO A 63 -52.11 -12.94 4.82
C PRO A 63 -51.95 -11.47 4.42
N CYS A 64 -53.00 -10.70 4.70
CA CYS A 64 -53.07 -9.27 4.30
C CYS A 64 -54.08 -8.50 5.15
N TYR A 65 -53.96 -7.17 5.11
CA TYR A 65 -54.93 -6.31 5.75
C TYR A 65 -55.09 -5.10 4.89
N THR A 66 -56.31 -4.57 4.84
CA THR A 66 -56.61 -3.36 4.09
C THR A 66 -56.90 -2.19 5.02
N LEU A 67 -56.28 -1.07 4.72
CA LEU A 67 -56.43 0.16 5.47
C LEU A 67 -57.11 1.11 4.52
N ASP A 68 -58.36 1.44 4.80
CA ASP A 68 -59.12 2.32 3.93
C ASP A 68 -59.38 3.60 4.66
N GLY A 69 -59.19 4.68 3.90
N GLY A 69 -59.72 4.67 3.94
CA GLY A 69 -59.08 6.03 4.42
CA GLY A 69 -60.39 5.81 4.59
C GLY A 69 -60.31 6.27 5.26
C GLY A 69 -61.49 5.40 5.56
N ASP A 70 -61.45 5.98 4.66
N ASP A 70 -62.22 4.33 5.21
CA ASP A 70 -62.74 6.09 5.32
CA ASP A 70 -63.29 3.79 6.07
C ASP A 70 -62.78 5.37 6.69
C ASP A 70 -62.81 3.34 7.45
N ASN A 71 -62.23 4.16 6.76
N ASN A 71 -61.87 2.41 7.50
CA ASN A 71 -62.22 3.36 8.02
CA ASN A 71 -61.42 1.95 8.81
C ASN A 71 -61.28 3.90 9.10
C ASN A 71 -60.44 2.91 9.48
N ILE A 72 -59.98 3.96 8.78
CA ILE A 72 -58.96 4.83 9.44
C ILE A 72 -59.45 6.21 9.93
N ARG A 73 -60.18 6.91 9.08
CA ARG A 73 -60.62 8.25 9.42
C ARG A 73 -61.74 8.28 10.46
N GLN A 74 -62.31 7.13 10.81
CA GLN A 74 -63.22 7.09 11.98
C GLN A 74 -62.57 6.50 13.25
N GLY A 75 -61.35 5.97 13.12
CA GLY A 75 -60.57 5.49 14.26
C GLY A 75 -59.27 6.24 14.51
N LEU A 76 -58.16 5.72 14.00
CA LEU A 76 -56.84 6.37 14.13
C LEU A 76 -56.83 7.89 13.76
N ASN A 77 -57.51 8.24 12.68
CA ASN A 77 -57.48 9.64 12.17
C ASN A 77 -58.80 10.39 12.26
N LYS A 78 -59.62 10.04 13.26
CA LYS A 78 -60.92 10.70 13.46
C LYS A 78 -60.71 12.18 13.77
N ASN A 79 -59.52 12.51 14.25
CA ASN A 79 -59.21 13.87 14.68
C ASN A 79 -58.60 14.75 13.58
N LEU A 80 -58.60 14.25 12.34
CA LEU A 80 -58.08 15.01 11.19
C LEU A 80 -59.16 15.42 10.18
N GLY A 81 -59.00 16.61 9.62
CA GLY A 81 -59.89 17.09 8.57
C GLY A 81 -59.23 16.97 7.21
N PHE A 82 -59.53 17.92 6.34
CA PHE A 82 -59.09 17.86 4.94
C PHE A 82 -58.31 19.09 4.46
N SER A 83 -57.79 19.86 5.40
CA SER A 83 -56.80 20.87 5.05
C SER A 83 -55.58 20.17 4.49
N PRO A 84 -54.76 20.87 3.67
CA PRO A 84 -53.51 20.29 3.19
C PRO A 84 -52.67 19.67 4.32
N GLU A 85 -52.63 20.34 5.46
CA GLU A 85 -51.78 19.87 6.56
C GLU A 85 -52.35 18.62 7.20
N ASP A 86 -53.68 18.52 7.25
CA ASP A 86 -54.30 17.33 7.85
C ASP A 86 -54.18 16.13 6.94
N ARG A 87 -54.16 16.38 5.65
CA ARG A 87 -54.00 15.28 4.68
C ARG A 87 -52.56 14.82 4.68
N GLU A 88 -51.62 15.74 4.81
CA GLU A 88 -50.22 15.39 5.06
C GLU A 88 -50.08 14.43 6.27
N GLU A 89 -50.72 14.79 7.37
CA GLU A 89 -50.63 14.02 8.60
C GLU A 89 -51.45 12.72 8.54
N ASN A 90 -52.60 12.76 7.86
CA ASN A 90 -53.42 11.57 7.56
C ASN A 90 -52.57 10.51 6.87
N VAL A 91 -52.01 10.91 5.73
CA VAL A 91 -51.12 10.04 4.95
C VAL A 91 -49.87 9.60 5.73
N ARG A 92 -49.28 10.50 6.53
CA ARG A 92 -48.00 10.22 7.23
C ARG A 92 -48.21 9.09 8.23
N ARG A 93 -49.26 9.21 9.03
CA ARG A 93 -49.59 8.21 10.02
C ARG A 93 -49.86 6.84 9.40
N ILE A 94 -50.65 6.82 8.34
CA ILE A 94 -50.97 5.55 7.72
C ILE A 94 -49.79 4.90 7.00
N ALA A 95 -48.87 5.72 6.50
CA ALA A 95 -47.57 5.24 5.98
C ALA A 95 -46.78 4.56 7.09
N GLU A 96 -46.71 5.21 8.24
CA GLU A 96 -46.11 4.56 9.40
C GLU A 96 -46.83 3.26 9.81
N VAL A 97 -48.17 3.23 9.75
CA VAL A 97 -48.91 2.02 10.16
C VAL A 97 -48.63 0.89 9.17
N ALA A 98 -48.80 1.16 7.88
CA ALA A 98 -48.53 0.22 6.78
C ALA A 98 -47.13 -0.42 6.84
N LYS A 99 -46.13 0.38 7.21
CA LYS A 99 -44.74 -0.08 7.41
C LYS A 99 -44.62 -1.15 8.52
N LEU A 100 -45.42 -1.03 9.58
CA LEU A 100 -45.46 -2.04 10.63
C LEU A 100 -46.10 -3.37 10.15
N PHE A 101 -47.20 -3.25 9.40
CA PHE A 101 -47.84 -4.40 8.76
C PHE A 101 -46.92 -5.13 7.77
N ALA A 102 -46.24 -4.41 6.88
CA ALA A 102 -45.24 -5.07 6.00
C ALA A 102 -44.05 -5.63 6.80
N ASP A 103 -43.75 -5.03 7.93
CA ASP A 103 -42.65 -5.52 8.72
C ASP A 103 -43.08 -6.79 9.49
N ALA A 104 -44.38 -6.87 9.74
CA ALA A 104 -44.98 -8.00 10.44
C ALA A 104 -45.08 -9.27 9.56
N GLY A 105 -45.04 -9.09 8.24
CA GLY A 105 -45.09 -10.19 7.26
C GLY A 105 -46.30 -10.20 6.33
N LEU A 106 -47.17 -9.20 6.51
CA LEU A 106 -48.41 -9.10 5.73
C LEU A 106 -48.28 -8.20 4.51
N VAL A 107 -49.09 -8.50 3.49
CA VAL A 107 -49.27 -7.62 2.35
C VAL A 107 -50.28 -6.58 2.83
N CYS A 108 -49.83 -5.34 3.01
CA CYS A 108 -50.71 -4.26 3.43
C CYS A 108 -51.20 -3.54 2.20
N ILE A 109 -52.52 -3.35 2.13
CA ILE A 109 -53.17 -2.62 1.06
C ILE A 109 -53.83 -1.34 1.59
N THR A 110 -53.40 -0.20 1.09
CA THR A 110 -53.99 1.09 1.47
C THR A 110 -54.80 1.68 0.34
N SER A 111 -55.91 2.32 0.68
CA SER A 111 -56.79 2.97 -0.28
C SER A 111 -57.24 4.34 0.25
N PHE A 112 -56.40 5.34 -0.02
CA PHE A 112 -56.58 6.70 0.43
C PHE A 112 -56.47 7.54 -0.81
N ILE A 113 -57.28 8.58 -0.92
CA ILE A 113 -57.10 9.50 -2.05
C ILE A 113 -55.62 9.85 -2.24
N SER A 114 -54.97 10.26 -1.14
CA SER A 114 -53.56 10.66 -1.14
C SER A 114 -53.17 11.54 -2.34
N PRO A 115 -53.67 12.80 -2.36
CA PRO A 115 -53.64 13.74 -3.48
C PRO A 115 -52.33 14.54 -3.68
N TYR A 116 -51.38 14.39 -2.78
CA TYR A 116 -50.10 15.11 -2.86
C TYR A 116 -48.98 14.14 -3.12
N THR A 117 -48.31 14.33 -4.25
CA THR A 117 -47.14 13.55 -4.64
C THR A 117 -46.03 13.49 -3.59
N GLN A 118 -45.69 14.63 -2.97
CA GLN A 118 -44.64 14.72 -1.93
C GLN A 118 -44.92 13.76 -0.76
N ASP A 119 -46.19 13.65 -0.41
CA ASP A 119 -46.63 12.81 0.70
C ASP A 119 -46.62 11.33 0.34
N ARG A 120 -47.01 11.00 -0.89
CA ARG A 120 -46.90 9.60 -1.41
C ARG A 120 -45.44 9.12 -1.54
N ASN A 121 -44.55 10.04 -1.93
CA ASN A 121 -43.11 9.77 -1.98
C ASN A 121 -42.47 9.58 -0.60
N ASN A 122 -42.98 10.30 0.40
CA ASN A 122 -42.52 10.17 1.79
C ASN A 122 -42.91 8.81 2.31
N ALA A 123 -44.15 8.43 2.02
CA ALA A 123 -44.69 7.12 2.40
C ALA A 123 -43.82 6.01 1.82
N ARG A 124 -43.41 6.19 0.56
CA ARG A 124 -42.53 5.22 -0.12
C ARG A 124 -41.15 5.10 0.54
N GLN A 125 -40.61 6.24 0.97
CA GLN A 125 -39.26 6.34 1.54
C GLN A 125 -39.23 5.73 2.92
N ILE A 126 -40.37 5.82 3.62
CA ILE A 126 -40.55 5.17 4.91
C ILE A 126 -40.40 3.64 4.76
N HIS A 127 -40.91 3.10 3.65
CA HIS A 127 -40.81 1.68 3.32
C HIS A 127 -39.46 1.32 2.72
N GLU A 128 -39.06 2.02 1.67
CA GLU A 128 -37.81 1.69 0.97
C GLU A 128 -36.58 1.85 1.88
N GLY A 129 -36.60 2.85 2.76
CA GLY A 129 -35.58 3.00 3.80
C GLY A 129 -35.43 1.73 4.61
N ALA A 130 -36.57 1.20 5.06
CA ALA A 130 -36.60 -0.02 5.85
C ALA A 130 -36.50 -1.29 5.01
N SER A 131 -36.21 -1.12 3.72
CA SER A 131 -36.04 -2.24 2.75
C SER A 131 -37.31 -3.05 2.58
N LEU A 132 -38.44 -2.34 2.55
CA LEU A 132 -39.72 -2.93 2.27
C LEU A 132 -40.23 -2.46 0.90
N PRO A 133 -40.74 -3.40 0.09
CA PRO A 133 -41.32 -3.04 -1.23
C PRO A 133 -42.60 -2.21 -1.12
N PHE A 134 -42.66 -1.16 -1.92
CA PHE A 134 -43.76 -0.21 -1.92
C PHE A 134 -44.30 -0.10 -3.34
N PHE A 135 -45.55 -0.49 -3.55
CA PHE A 135 -46.16 -0.47 -4.89
C PHE A 135 -47.25 0.59 -5.03
N GLU A 136 -46.93 1.66 -5.74
CA GLU A 136 -47.87 2.74 -6.00
C GLU A 136 -48.74 2.40 -7.21
N VAL A 137 -50.05 2.33 -6.97
CA VAL A 137 -51.00 2.00 -8.02
C VAL A 137 -51.96 3.17 -8.20
N PHE A 138 -51.88 3.82 -9.37
CA PHE A 138 -52.79 4.91 -9.72
C PHE A 138 -54.12 4.38 -10.22
N VAL A 139 -55.15 4.54 -9.42
CA VAL A 139 -56.51 4.17 -9.80
C VAL A 139 -57.14 5.39 -10.49
N ASP A 140 -57.27 5.29 -11.81
CA ASP A 140 -57.49 6.46 -12.65
C ASP A 140 -58.85 6.44 -13.36
N ALA A 141 -59.84 7.15 -12.81
CA ALA A 141 -61.07 7.34 -13.55
C ALA A 141 -61.31 8.83 -13.72
N PRO A 142 -61.70 9.26 -14.94
CA PRO A 142 -62.02 10.68 -15.17
C PRO A 142 -63.00 11.27 -14.15
N LEU A 143 -62.78 12.54 -13.78
CA LEU A 143 -63.59 13.19 -12.75
C LEU A 143 -65.08 12.95 -12.90
N HIS A 144 -65.63 13.23 -14.09
CA HIS A 144 -67.07 13.05 -14.35
C HIS A 144 -67.58 11.63 -14.09
N VAL A 145 -66.75 10.65 -14.36
CA VAL A 145 -67.12 9.27 -14.11
C VAL A 145 -67.25 9.04 -12.59
N CYS A 146 -66.26 9.52 -11.84
CA CYS A 146 -66.27 9.44 -10.38
C CYS A 146 -67.48 10.15 -9.79
N GLU A 147 -67.90 11.24 -10.42
CA GLU A 147 -68.98 12.07 -9.88
C GLU A 147 -70.38 11.44 -10.02
N GLN A 148 -70.67 10.86 -11.18
CA GLN A 148 -71.99 10.25 -11.41
C GLN A 148 -72.12 8.89 -10.72
N ARG A 149 -70.98 8.36 -10.25
CA ARG A 149 -70.94 7.18 -9.38
C ARG A 149 -71.41 7.51 -7.96
N ASP A 150 -71.26 8.77 -7.55
CA ASP A 150 -71.72 9.24 -6.25
C ASP A 150 -73.24 9.24 -6.20
N LYS A 152 -72.88 7.73 -2.16
CA LYS A 152 -73.76 8.87 -2.45
C LYS A 152 -73.54 10.06 -1.50
N GLY A 153 -73.89 11.27 -1.97
CA GLY A 153 -73.94 12.46 -1.11
C GLY A 153 -72.96 13.60 -1.33
N LEU A 154 -71.66 13.28 -1.43
CA LEU A 154 -70.59 14.29 -1.23
C LEU A 154 -70.34 15.31 -2.35
N TYR A 155 -70.16 14.83 -3.58
CA TYR A 155 -69.99 15.68 -4.75
C TYR A 155 -71.10 16.75 -4.86
N LYS A 156 -72.35 16.36 -4.55
CA LYS A 156 -73.49 17.29 -4.59
C LYS A 156 -73.38 18.41 -3.56
N LYS A 157 -73.02 18.04 -2.32
CA LYS A 157 -72.90 19.00 -1.21
C LYS A 157 -71.71 19.93 -1.47
N ALA A 158 -70.69 19.39 -2.14
CA ALA A 158 -69.47 20.13 -2.48
C ALA A 158 -69.70 21.17 -3.59
N ARG A 159 -70.49 20.82 -4.60
CA ARG A 159 -70.88 21.79 -5.64
C ARG A 159 -71.78 22.90 -5.08
N ALA A 160 -72.47 22.61 -3.98
CA ALA A 160 -73.37 23.56 -3.31
C ALA A 160 -72.67 24.41 -2.24
N GLY A 161 -71.38 24.15 -2.03
CA GLY A 161 -70.59 24.91 -1.05
C GLY A 161 -70.88 24.51 0.38
N GLU A 162 -71.01 23.22 0.61
CA GLU A 162 -71.17 22.70 1.96
C GLU A 162 -69.97 21.82 2.35
N ILE A 163 -69.25 21.32 1.35
CA ILE A 163 -67.96 20.67 1.58
C ILE A 163 -66.90 21.49 0.86
N LYS A 164 -66.08 22.17 1.67
CA LYS A 164 -65.01 23.02 1.16
C LYS A 164 -63.70 22.24 0.99
N GLY A 165 -62.99 22.55 -0.08
CA GLY A 165 -61.71 21.91 -0.38
C GLY A 165 -61.81 20.44 -0.76
N PHE A 166 -62.77 20.10 -1.63
CA PHE A 166 -63.02 18.71 -2.03
C PHE A 166 -62.10 18.33 -3.21
N THR A 167 -61.42 17.18 -3.09
CA THR A 167 -60.44 16.75 -4.11
C THR A 167 -61.18 16.66 -5.46
N GLY A 168 -60.60 17.28 -6.49
CA GLY A 168 -61.15 17.21 -7.84
C GLY A 168 -61.93 18.45 -8.21
N ILE A 169 -62.47 19.12 -7.21
CA ILE A 169 -63.17 20.39 -7.42
C ILE A 169 -62.34 21.56 -6.93
N ASP A 170 -62.38 21.75 -5.62
CA ASP A 170 -61.89 22.90 -4.88
C ASP A 170 -60.41 22.68 -4.57
N SER A 171 -60.01 21.42 -4.50
CA SER A 171 -58.63 21.05 -4.23
C SER A 171 -58.12 20.17 -5.33
N GLU A 172 -56.82 20.26 -5.58
CA GLU A 172 -56.16 19.57 -6.68
C GLU A 172 -55.83 18.12 -6.33
N TYR A 173 -55.88 17.25 -7.34
CA TYR A 173 -55.32 15.93 -7.18
C TYR A 173 -54.00 15.88 -7.97
N GLU A 174 -52.91 15.50 -7.30
CA GLU A 174 -51.61 15.37 -7.96
C GLU A 174 -51.36 13.94 -8.40
N LYS A 175 -51.28 13.74 -9.72
CA LYS A 175 -51.17 12.38 -10.30
C LYS A 175 -49.75 11.87 -10.17
N PRO A 176 -49.57 10.55 -9.93
CA PRO A 176 -48.20 10.02 -9.92
C PRO A 176 -47.67 10.12 -11.34
N GLU A 177 -46.40 10.44 -11.49
CA GLU A 177 -45.84 10.59 -12.83
C GLU A 177 -45.56 9.26 -13.49
N ALA A 178 -44.84 8.40 -12.78
CA ALA A 178 -44.52 7.06 -13.26
C ALA A 178 -44.72 6.01 -12.15
N PRO A 179 -45.99 5.69 -11.80
CA PRO A 179 -46.25 4.66 -10.79
C PRO A 179 -45.93 3.23 -11.24
N GLU A 180 -45.97 2.29 -10.30
CA GLU A 180 -45.80 0.88 -10.65
C GLU A 180 -46.91 0.37 -11.55
N LEU A 181 -48.07 1.03 -11.50
CA LEU A 181 -49.26 0.58 -12.25
C LEU A 181 -50.34 1.69 -12.34
N VAL A 182 -50.99 1.77 -13.51
CA VAL A 182 -52.17 2.61 -13.70
C VAL A 182 -53.36 1.70 -13.97
N LEU A 183 -54.45 1.92 -13.22
CA LEU A 183 -55.66 1.14 -13.36
C LEU A 183 -56.79 2.01 -13.89
N LYS A 184 -57.15 1.80 -15.15
CA LYS A 184 -58.17 2.56 -15.83
C LYS A 184 -59.55 1.97 -15.54
N THR A 185 -60.09 2.27 -14.35
CA THR A 185 -61.34 1.65 -13.90
C THR A 185 -62.61 1.94 -14.75
N ASP A 186 -62.55 2.93 -15.65
CA ASP A 186 -63.69 3.20 -16.55
C ASP A 186 -63.75 2.22 -17.72
N SER A 187 -62.59 1.70 -18.11
CA SER A 187 -62.52 0.78 -19.23
C SER A 187 -62.10 -0.63 -18.80
N CYS A 188 -61.81 -0.79 -17.51
CA CYS A 188 -61.29 -2.06 -16.97
C CYS A 188 -62.29 -2.71 -16.00
N ASP A 189 -62.26 -4.03 -15.97
CA ASP A 189 -63.13 -4.84 -15.10
C ASP A 189 -62.51 -4.96 -13.72
N VAL A 190 -63.36 -5.14 -12.70
CA VAL A 190 -62.90 -5.33 -11.33
C VAL A 190 -61.94 -6.52 -11.23
N ASN A 191 -62.29 -7.66 -11.82
CA ASN A 191 -61.43 -8.84 -11.82
C ASN A 191 -60.13 -8.58 -12.60
N ASP A 192 -60.26 -7.87 -13.73
CA ASP A 192 -59.12 -7.50 -14.57
C ASP A 192 -58.13 -6.57 -13.85
N CYS A 193 -58.68 -5.59 -13.13
CA CYS A 193 -57.88 -4.70 -12.27
C CYS A 193 -57.08 -5.50 -11.26
N VAL A 194 -57.77 -6.33 -10.49
CA VAL A 194 -57.16 -7.26 -9.54
C VAL A 194 -56.06 -8.14 -10.16
N GLN A 195 -56.33 -8.69 -11.35
CA GLN A 195 -55.35 -9.51 -12.07
C GLN A 195 -54.08 -8.74 -12.42
N GLN A 196 -54.24 -7.50 -12.86
CA GLN A 196 -53.09 -6.65 -13.15
C GLN A 196 -52.22 -6.44 -11.91
N VAL A 197 -52.86 -6.18 -10.76
CA VAL A 197 -52.12 -6.05 -9.50
C VAL A 197 -51.37 -7.36 -9.16
N VAL A 198 -52.06 -8.49 -9.31
CA VAL A 198 -51.47 -9.82 -9.09
C VAL A 198 -50.27 -10.10 -10.01
N GLU A 199 -50.42 -9.74 -11.29
CA GLU A 199 -49.33 -9.86 -12.24
C GLU A 199 -48.07 -9.11 -11.75
N LEU A 200 -48.26 -7.86 -11.31
CA LEU A 200 -47.19 -7.06 -10.67
C LEU A 200 -46.59 -7.75 -9.43
N LEU A 201 -47.44 -8.23 -8.54
CA LEU A 201 -46.98 -8.97 -7.36
C LEU A 201 -46.24 -10.28 -7.72
N ASN A 202 -46.60 -10.88 -8.85
CA ASN A 202 -45.91 -12.07 -9.37
C ASN A 202 -44.45 -11.77 -9.73
N GLU A 203 -44.23 -10.79 -10.60
CA GLU A 203 -42.89 -10.41 -11.03
C GLU A 203 -42.06 -9.97 -9.85
N ARG A 204 -42.62 -9.04 -9.07
CA ARG A 204 -41.90 -8.44 -7.95
C ARG A 204 -41.76 -9.40 -6.75
N ASP A 205 -42.07 -10.67 -7.02
CA ASP A 205 -41.81 -11.83 -6.13
C ASP A 205 -42.60 -11.89 -4.82
N ILE A 206 -43.78 -11.29 -4.79
CA ILE A 206 -44.65 -11.33 -3.60
C ILE A 206 -45.57 -12.55 -3.63
N LEU A 207 -46.19 -12.79 -4.78
CA LEU A 207 -47.02 -13.97 -4.99
C LEU A 207 -46.26 -14.96 -5.85
N PRO A 208 -46.17 -16.23 -5.40
CA PRO A 208 -45.43 -17.32 -6.06
C PRO A 208 -45.86 -17.56 -7.51
N VAL B 16 -63.61 -10.08 3.54
CA VAL B 16 -63.03 -11.25 4.29
C VAL B 16 -63.37 -11.18 5.80
N SER B 17 -63.83 -12.29 6.34
CA SER B 17 -64.26 -12.39 7.73
C SER B 17 -63.11 -12.82 8.64
N ARG B 18 -63.25 -12.59 9.94
CA ARG B 18 -62.24 -13.04 10.90
C ARG B 18 -61.98 -14.55 10.83
N ASN B 19 -63.04 -15.31 10.61
CA ASN B 19 -62.96 -16.75 10.45
C ASN B 19 -62.11 -17.17 9.23
N LYS B 20 -62.22 -16.43 8.13
CA LYS B 20 -61.42 -16.73 6.94
C LYS B 20 -59.95 -16.34 7.12
N ARG B 21 -59.72 -15.29 7.90
CA ARG B 21 -58.36 -14.87 8.26
C ARG B 21 -57.62 -15.92 9.09
N GLY B 22 -58.31 -16.45 10.10
CA GLY B 22 -57.74 -17.44 11.01
C GLY B 22 -57.33 -18.76 10.38
N GLN B 23 -57.85 -19.04 9.18
CA GLN B 23 -57.42 -20.24 8.45
C GLN B 23 -56.22 -20.03 7.52
N VAL B 24 -55.88 -18.76 7.25
CA VAL B 24 -54.74 -18.43 6.37
C VAL B 24 -53.58 -17.74 7.10
N VAL B 25 -53.89 -17.04 8.20
CA VAL B 25 -52.90 -16.36 9.04
C VAL B 25 -52.15 -17.36 9.92
N GLY B 26 -52.90 -18.11 10.74
CA GLY B 26 -52.31 -19.10 11.64
C GLY B 26 -51.47 -20.13 10.90
N THR B 27 -50.49 -20.69 11.62
CA THR B 27 -49.69 -21.79 11.10
C THR B 27 -50.44 -23.11 11.35
N ARG B 28 -51.32 -23.12 12.35
CA ARG B 28 -52.37 -24.13 12.44
C ARG B 28 -53.68 -23.45 12.86
N GLY B 29 -54.51 -23.16 11.84
CA GLY B 29 -55.89 -22.66 11.95
C GLY B 29 -56.53 -22.14 13.22
N GLY B 30 -57.54 -21.29 13.02
CA GLY B 30 -58.35 -20.73 14.10
C GLY B 30 -57.96 -19.30 14.43
N PHE B 31 -58.94 -18.40 14.45
CA PHE B 31 -58.68 -16.98 14.67
C PHE B 31 -58.29 -16.61 16.12
N ARG B 32 -57.09 -16.06 16.28
CA ARG B 32 -56.59 -15.64 17.60
C ARG B 32 -56.20 -14.17 17.74
N GLY B 33 -56.82 -13.29 16.95
CA GLY B 33 -56.56 -11.85 17.06
C GLY B 33 -56.85 -11.31 18.44
N CYS B 34 -55.91 -10.58 19.02
CA CYS B 34 -56.07 -10.02 20.36
C CYS B 34 -54.95 -9.07 20.71
N THR B 35 -55.16 -8.31 21.78
CA THR B 35 -54.16 -7.38 22.29
C THR B 35 -53.83 -7.60 23.75
N ILE B 36 -52.55 -7.87 23.98
CA ILE B 36 -51.96 -7.93 25.30
C ILE B 36 -51.36 -6.58 25.51
N TRP B 37 -51.91 -5.85 26.48
CA TRP B 37 -51.56 -4.48 26.73
C TRP B 37 -50.83 -4.35 28.06
N LEU B 38 -49.52 -4.08 27.98
CA LEU B 38 -48.67 -3.99 29.17
C LEU B 38 -48.60 -2.56 29.66
N THR B 39 -48.82 -2.39 30.96
CA THR B 39 -48.72 -1.06 31.58
C THR B 39 -47.79 -1.18 32.80
N GLY B 40 -47.05 -0.12 33.13
CA GLY B 40 -46.21 -0.14 34.32
C GLY B 40 -45.15 0.93 34.28
N LEU B 41 -44.41 1.06 35.37
CA LEU B 41 -43.39 2.12 35.49
C LEU B 41 -42.22 1.91 34.54
N SER B 42 -41.52 3.00 34.27
CA SER B 42 -40.24 2.95 33.58
C SER B 42 -39.31 2.03 34.34
N GLY B 43 -38.89 0.96 33.69
CA GLY B 43 -37.93 0.02 34.29
C GLY B 43 -38.59 -1.21 34.91
N ALA B 44 -39.93 -1.22 34.92
CA ALA B 44 -40.70 -2.28 35.54
C ALA B 44 -40.51 -3.62 34.81
N GLY B 45 -40.17 -3.56 33.53
CA GLY B 45 -39.96 -4.77 32.73
C GLY B 45 -40.87 -4.94 31.52
N LYS B 46 -41.49 -3.86 31.02
CA LYS B 46 -42.43 -3.99 29.89
C LYS B 46 -41.80 -4.51 28.59
N THR B 47 -40.69 -3.92 28.19
CA THR B 47 -40.00 -4.26 26.94
C THR B 47 -39.41 -5.65 27.04
N THR B 48 -38.80 -5.91 28.19
CA THR B 48 -38.26 -7.22 28.48
C THR B 48 -39.33 -8.29 28.28
N VAL B 49 -40.48 -8.13 28.94
CA VAL B 49 -41.51 -9.17 28.87
C VAL B 49 -42.07 -9.31 27.46
N SER B 50 -42.45 -8.20 26.84
CA SER B 50 -43.09 -8.23 25.52
C SER B 50 -42.23 -8.88 24.43
N MET B 51 -40.94 -8.57 24.41
CA MET B 51 -40.04 -9.15 23.41
C MET B 51 -39.77 -10.64 23.64
N ALA B 52 -39.57 -11.04 24.89
CA ALA B 52 -39.51 -12.46 25.28
C ALA B 52 -40.85 -13.19 25.08
N LEU B 53 -41.95 -12.47 25.22
CA LEU B 53 -43.26 -13.00 24.87
C LEU B 53 -43.44 -13.08 23.33
N GLU B 54 -42.98 -12.05 22.61
CA GLU B 54 -42.95 -12.11 21.14
C GLU B 54 -42.10 -13.28 20.64
N GLU B 55 -40.96 -13.54 21.29
CA GLU B 55 -40.10 -14.69 20.98
C GLU B 55 -40.78 -16.06 21.18
N TYR B 56 -41.57 -16.17 22.26
CA TYR B 56 -42.29 -17.41 22.55
C TYR B 56 -43.31 -17.67 21.44
N LEU B 57 -44.21 -16.72 21.23
CA LEU B 57 -45.33 -16.89 20.30
C LEU B 57 -44.88 -17.25 18.89
N VAL B 58 -43.80 -16.61 18.43
CA VAL B 58 -43.26 -16.87 17.10
C VAL B 58 -42.67 -18.29 16.97
N CYS B 59 -41.83 -18.67 17.94
CA CYS B 59 -41.25 -20.03 17.98
C CYS B 59 -42.29 -21.16 18.16
N HIS B 60 -43.51 -20.78 18.50
CA HIS B 60 -44.59 -21.75 18.64
C HIS B 60 -45.60 -21.67 17.50
N GLY B 61 -45.23 -20.98 16.42
CA GLY B 61 -46.05 -20.88 15.21
C GLY B 61 -47.23 -19.92 15.27
N ILE B 62 -47.17 -18.95 16.19
CA ILE B 62 -48.25 -17.96 16.33
C ILE B 62 -47.78 -16.54 15.98
N PRO B 63 -48.31 -15.97 14.88
CA PRO B 63 -47.89 -14.67 14.40
C PRO B 63 -48.33 -13.57 15.34
N CYS B 64 -47.43 -12.64 15.58
CA CYS B 64 -47.65 -11.55 16.53
C CYS B 64 -46.82 -10.35 16.11
N TYR B 65 -46.95 -9.28 16.88
CA TYR B 65 -46.15 -8.07 16.65
C TYR B 65 -46.18 -7.23 17.90
N THR B 66 -45.01 -6.75 18.29
CA THR B 66 -44.89 -5.84 19.40
C THR B 66 -44.79 -4.38 18.97
N LEU B 67 -45.59 -3.56 19.65
CA LEU B 67 -45.61 -2.12 19.50
C LEU B 67 -45.04 -1.52 20.77
N ASP B 68 -43.82 -1.01 20.69
CA ASP B 68 -43.17 -0.51 21.88
C ASP B 68 -43.20 1.00 21.91
N GLY B 69 -43.57 1.56 23.06
CA GLY B 69 -43.76 2.97 23.21
C GLY B 69 -42.60 3.79 22.72
N ASP B 70 -41.39 3.24 22.87
CA ASP B 70 -40.16 3.97 22.55
C ASP B 70 -39.90 3.96 21.06
N ASN B 71 -40.02 2.79 20.44
CA ASN B 71 -39.98 2.64 18.98
C ASN B 71 -41.10 3.43 18.23
N ILE B 72 -42.34 3.29 18.69
CA ILE B 72 -43.51 3.99 18.10
C ILE B 72 -43.34 5.51 18.17
N ARG B 73 -42.63 5.99 19.19
CA ARG B 73 -42.41 7.42 19.38
C ARG B 73 -41.29 7.92 18.47
N GLN B 74 -40.68 7.00 17.71
CA GLN B 74 -39.68 7.36 16.70
C GLN B 74 -40.32 7.52 15.33
N GLY B 75 -41.59 7.10 15.19
CA GLY B 75 -42.22 7.05 13.89
C GLY B 75 -43.62 7.66 13.90
N LEU B 76 -44.63 6.81 14.07
CA LEU B 76 -46.03 7.21 14.12
C LEU B 76 -46.27 8.37 15.09
N ASN B 77 -45.70 8.26 16.30
CA ASN B 77 -45.94 9.23 17.37
C ASN B 77 -44.76 10.18 17.69
N LYS B 78 -44.00 10.55 16.65
CA LYS B 78 -42.84 11.42 16.80
C LYS B 78 -43.21 12.90 17.02
N ASN B 79 -44.48 13.25 16.80
CA ASN B 79 -44.94 14.64 17.01
C ASN B 79 -45.69 14.88 18.34
N LEU B 80 -45.37 14.05 19.33
CA LEU B 80 -45.98 14.04 20.65
C LEU B 80 -44.85 14.04 21.71
N GLY B 81 -45.09 14.71 22.84
CA GLY B 81 -44.16 14.71 23.97
C GLY B 81 -44.86 14.01 25.10
N PHE B 82 -44.70 14.51 26.32
CA PHE B 82 -45.20 13.82 27.54
C PHE B 82 -46.23 14.61 28.39
N SER B 83 -46.80 15.65 27.81
CA SER B 83 -47.93 16.32 28.44
C SER B 83 -49.07 15.32 28.67
N PRO B 84 -49.93 15.57 29.70
CA PRO B 84 -51.14 14.76 29.87
C PRO B 84 -51.88 14.47 28.54
N GLU B 85 -52.07 15.51 27.75
CA GLU B 85 -52.81 15.43 26.47
C GLU B 85 -52.06 14.63 25.39
N ASP B 86 -50.73 14.78 25.33
CA ASP B 86 -49.88 14.03 24.40
C ASP B 86 -49.75 12.52 24.72
N ARG B 87 -49.62 12.20 26.01
CA ARG B 87 -49.73 10.85 26.50
C ARG B 87 -51.11 10.25 26.21
N GLU B 88 -52.15 11.07 26.34
CA GLU B 88 -53.49 10.63 25.94
C GLU B 88 -53.55 10.31 24.44
N GLU B 89 -53.03 11.21 23.59
CA GLU B 89 -53.02 10.98 22.14
C GLU B 89 -52.14 9.78 21.72
N ASN B 90 -50.98 9.64 22.36
CA ASN B 90 -50.05 8.53 22.14
C ASN B 90 -50.74 7.19 22.32
N VAL B 91 -51.37 7.02 23.47
CA VAL B 91 -52.11 5.82 23.83
C VAL B 91 -53.34 5.63 22.93
N ARG B 92 -54.00 6.73 22.57
CA ARG B 92 -55.20 6.65 21.71
C ARG B 92 -54.85 6.09 20.33
N ARG B 93 -53.75 6.56 19.75
CA ARG B 93 -53.30 6.12 18.44
C ARG B 93 -52.86 4.65 18.43
N ILE B 94 -52.09 4.25 19.43
CA ILE B 94 -51.60 2.87 19.43
C ILE B 94 -52.71 1.83 19.72
N ALA B 95 -53.72 2.24 20.47
CA ALA B 95 -54.90 1.40 20.74
C ALA B 95 -55.64 1.16 19.44
N GLU B 96 -55.76 2.20 18.64
CA GLU B 96 -56.38 2.10 17.31
C GLU B 96 -55.57 1.22 16.35
N VAL B 97 -54.23 1.31 16.41
CA VAL B 97 -53.34 0.46 15.61
C VAL B 97 -53.40 -1.00 16.07
N ALA B 98 -53.36 -1.20 17.38
CA ALA B 98 -53.41 -2.54 17.98
C ALA B 98 -54.72 -3.30 17.65
N LYS B 99 -55.84 -2.60 17.60
CA LYS B 99 -57.11 -3.16 17.13
C LYS B 99 -57.12 -3.57 15.64
N LEU B 100 -56.32 -2.90 14.82
CA LEU B 100 -56.12 -3.32 13.42
C LEU B 100 -55.28 -4.61 13.33
N PHE B 101 -54.17 -4.69 14.07
CA PHE B 101 -53.38 -5.94 14.16
C PHE B 101 -54.18 -7.13 14.70
N ALA B 102 -54.93 -6.89 15.77
CA ALA B 102 -55.89 -7.86 16.34
C ALA B 102 -56.89 -8.38 15.28
N ASP B 103 -57.66 -7.46 14.71
CA ASP B 103 -58.59 -7.71 13.59
C ASP B 103 -57.97 -8.44 12.40
N ALA B 104 -56.69 -8.17 12.14
CA ALA B 104 -55.93 -8.87 11.10
C ALA B 104 -55.56 -10.31 11.50
N GLY B 105 -55.73 -10.63 12.79
CA GLY B 105 -55.55 -11.99 13.29
C GLY B 105 -54.24 -12.27 14.01
N LEU B 106 -53.46 -11.22 14.25
CA LEU B 106 -52.16 -11.32 14.93
C LEU B 106 -52.37 -11.09 16.42
N VAL B 107 -51.50 -11.68 17.24
CA VAL B 107 -51.46 -11.38 18.68
C VAL B 107 -50.61 -10.11 18.85
N CYS B 108 -51.25 -8.99 19.20
CA CYS B 108 -50.56 -7.69 19.31
C CYS B 108 -50.13 -7.44 20.73
N ILE B 109 -48.83 -7.24 20.92
CA ILE B 109 -48.28 -6.98 22.25
C ILE B 109 -47.86 -5.51 22.28
N THR B 110 -48.47 -4.73 23.18
CA THR B 110 -48.08 -3.33 23.34
C THR B 110 -47.38 -3.12 24.68
N SER B 111 -46.28 -2.34 24.68
CA SER B 111 -45.63 -1.99 25.95
C SER B 111 -45.33 -0.50 26.11
N PHE B 112 -46.35 0.23 26.56
CA PHE B 112 -46.26 1.67 26.82
C PHE B 112 -46.44 1.87 28.33
N ILE B 113 -45.85 2.91 28.89
CA ILE B 113 -46.12 3.23 30.30
C ILE B 113 -47.63 3.32 30.53
N SER B 114 -48.33 3.95 29.60
CA SER B 114 -49.77 4.21 29.71
C SER B 114 -50.17 4.47 31.15
N PRO B 115 -49.83 5.64 31.67
CA PRO B 115 -49.91 5.91 33.11
C PRO B 115 -51.32 6.16 33.64
N TYR B 116 -52.25 6.52 32.74
CA TYR B 116 -53.59 6.98 33.09
C TYR B 116 -54.68 5.95 32.84
N THR B 117 -55.46 5.67 33.89
CA THR B 117 -56.54 4.68 33.81
C THR B 117 -57.64 5.05 32.79
N GLN B 118 -58.01 6.33 32.67
CA GLN B 118 -59.02 6.76 31.67
C GLN B 118 -58.63 6.36 30.25
N ASP B 119 -57.33 6.47 29.94
CA ASP B 119 -56.86 6.21 28.57
C ASP B 119 -56.72 4.71 28.27
N ARG B 120 -56.31 3.93 29.27
CA ARG B 120 -56.25 2.47 29.15
C ARG B 120 -57.63 1.82 29.01
N ASN B 121 -58.62 2.34 29.74
CA ASN B 121 -60.02 1.88 29.64
C ASN B 121 -60.58 2.19 28.27
N ASN B 122 -60.19 3.35 27.74
CA ASN B 122 -60.55 3.77 26.38
C ASN B 122 -59.94 2.85 25.33
N ALA B 123 -58.69 2.44 25.57
CA ALA B 123 -58.02 1.51 24.65
C ALA B 123 -58.71 0.18 24.69
N ARG B 124 -59.08 -0.27 25.89
CA ARG B 124 -59.95 -1.44 26.07
C ARG B 124 -61.28 -1.36 25.31
N GLN B 125 -62.05 -0.29 25.51
CA GLN B 125 -63.36 -0.13 24.90
C GLN B 125 -63.28 -0.20 23.37
N ILE B 126 -62.25 0.47 22.82
CA ILE B 126 -61.92 0.43 21.39
C ILE B 126 -61.90 -1.04 20.89
N HIS B 127 -61.25 -1.90 21.66
CA HIS B 127 -61.17 -3.31 21.34
C HIS B 127 -62.47 -4.11 21.61
N GLU B 128 -62.95 -4.04 22.86
CA GLU B 128 -64.10 -4.86 23.27
C GLU B 128 -65.38 -4.53 22.45
N GLY B 129 -65.53 -3.27 22.06
CA GLY B 129 -66.60 -2.85 21.14
C GLY B 129 -66.40 -3.29 19.69
N ALA B 130 -65.29 -3.97 19.40
CA ALA B 130 -65.09 -4.64 18.11
C ALA B 130 -65.00 -6.16 18.34
N SER B 131 -65.46 -6.57 19.52
CA SER B 131 -65.42 -7.97 19.96
C SER B 131 -64.04 -8.60 19.75
N LEU B 132 -63.00 -7.90 20.19
CA LEU B 132 -61.65 -8.44 20.21
C LEU B 132 -61.14 -8.51 21.66
N PRO B 133 -60.52 -9.62 22.05
CA PRO B 133 -59.91 -9.74 23.37
C PRO B 133 -58.82 -8.69 23.69
N PHE B 134 -58.88 -8.20 24.92
CA PHE B 134 -57.97 -7.18 25.43
C PHE B 134 -57.52 -7.64 26.79
N PHE B 135 -56.21 -7.84 26.95
CA PHE B 135 -55.67 -8.25 28.23
C PHE B 135 -54.79 -7.14 28.81
N GLU B 136 -55.31 -6.46 29.85
CA GLU B 136 -54.54 -5.49 30.61
C GLU B 136 -53.60 -6.20 31.61
N VAL B 137 -52.29 -6.08 31.35
CA VAL B 137 -51.25 -6.77 32.14
C VAL B 137 -50.44 -5.73 32.88
N PHE B 138 -50.55 -5.75 34.21
CA PHE B 138 -49.84 -4.80 35.04
C PHE B 138 -48.47 -5.35 35.37
N VAL B 139 -47.42 -4.69 34.88
CA VAL B 139 -46.04 -5.12 35.11
C VAL B 139 -45.62 -4.30 36.31
N ASP B 140 -45.56 -4.92 37.47
CA ASP B 140 -45.62 -4.19 38.73
C ASP B 140 -44.38 -4.39 39.60
N ALA B 141 -43.44 -3.45 39.51
CA ALA B 141 -42.31 -3.38 40.40
C ALA B 141 -42.42 -2.03 41.09
N PRO B 142 -42.15 -1.98 42.42
CA PRO B 142 -42.25 -0.66 43.05
C PRO B 142 -41.16 0.28 42.57
N LEU B 143 -41.39 1.58 42.79
CA LEU B 143 -40.49 2.60 42.30
C LEU B 143 -39.04 2.34 42.72
N HIS B 144 -38.82 2.03 43.99
CA HIS B 144 -37.43 1.86 44.47
C HIS B 144 -36.65 0.79 43.69
N VAL B 145 -37.37 -0.26 43.28
CA VAL B 145 -36.79 -1.33 42.48
C VAL B 145 -36.47 -0.83 41.07
N CYS B 146 -37.48 -0.30 40.37
CA CYS B 146 -37.28 0.38 39.08
C CYS B 146 -36.12 1.40 39.13
N GLU B 147 -36.10 2.26 40.16
CA GLU B 147 -35.03 3.25 40.34
C GLU B 147 -33.65 2.61 40.51
N GLN B 148 -33.60 1.50 41.25
CA GLN B 148 -32.34 0.77 41.50
C GLN B 148 -31.72 0.27 40.22
N ARG B 149 -32.54 -0.42 39.43
CA ARG B 149 -32.17 -0.90 38.10
C ARG B 149 -31.69 0.27 37.23
N ASP B 150 -32.46 1.36 37.23
CA ASP B 150 -32.22 2.55 36.39
C ASP B 150 -31.46 2.23 35.10
N VAL B 151 -31.96 1.23 34.36
CA VAL B 151 -31.31 0.68 33.18
C VAL B 151 -30.85 1.73 32.14
N LYS B 152 -31.61 2.82 32.02
CA LYS B 152 -31.40 3.85 30.99
C LYS B 152 -30.88 5.15 31.54
N GLY B 153 -30.61 5.19 32.85
CA GLY B 153 -30.14 6.41 33.50
C GLY B 153 -31.18 7.51 33.68
N LEU B 154 -32.44 7.21 33.32
CA LEU B 154 -33.53 8.20 33.38
C LEU B 154 -33.90 8.64 34.80
N TYR B 155 -33.93 7.71 35.77
CA TYR B 155 -34.31 8.10 37.14
C TYR B 155 -33.36 9.10 37.78
N LYS B 156 -32.06 8.85 37.60
CA LYS B 156 -31.02 9.75 38.11
C LYS B 156 -31.09 11.12 37.43
N LYS B 157 -31.31 11.11 36.12
CA LYS B 157 -31.50 12.35 35.35
C LYS B 157 -32.72 13.11 35.83
N ALA B 158 -33.82 12.40 36.06
CA ALA B 158 -35.03 12.98 36.61
C ALA B 158 -34.74 13.65 37.96
N ARG B 159 -34.15 12.88 38.88
CA ARG B 159 -33.82 13.39 40.21
C ARG B 159 -32.69 14.44 40.21
N ALA B 160 -31.91 14.50 39.13
CA ALA B 160 -30.91 15.56 38.95
C ALA B 160 -31.52 16.88 38.43
N GLY B 161 -32.78 16.83 38.03
CA GLY B 161 -33.48 18.01 37.53
C GLY B 161 -33.26 18.21 36.04
N GLU B 162 -32.79 17.16 35.38
CA GLU B 162 -32.50 17.18 33.95
C GLU B 162 -33.66 16.65 33.09
N ILE B 163 -34.65 16.01 33.72
CA ILE B 163 -35.90 15.60 33.05
C ILE B 163 -37.11 15.89 33.97
N LYS B 164 -37.97 16.82 33.55
CA LYS B 164 -39.18 17.16 34.30
C LYS B 164 -40.35 16.22 34.00
N GLY B 165 -41.34 16.24 34.89
CA GLY B 165 -42.55 15.41 34.72
C GLY B 165 -42.29 13.94 34.44
N PHE B 166 -41.22 13.37 35.01
CA PHE B 166 -40.93 11.95 34.79
C PHE B 166 -41.89 11.06 35.58
N THR B 167 -42.46 10.07 34.90
CA THR B 167 -43.40 9.15 35.53
C THR B 167 -42.88 8.61 36.87
N GLY B 168 -43.73 8.70 37.91
CA GLY B 168 -43.36 8.25 39.27
C GLY B 168 -42.62 9.23 40.16
N ILE B 169 -42.21 10.37 39.60
CA ILE B 169 -41.40 11.38 40.32
C ILE B 169 -42.05 12.80 40.28
N ASP B 170 -42.53 13.21 39.10
CA ASP B 170 -43.12 14.54 38.88
C ASP B 170 -44.29 14.42 37.89
N SER B 171 -44.79 13.19 37.74
CA SER B 171 -46.11 12.93 37.17
C SER B 171 -46.54 11.56 37.64
N GLU B 172 -47.83 11.28 37.48
CA GLU B 172 -48.45 10.16 38.16
C GLU B 172 -48.56 8.89 37.34
N TYR B 173 -48.48 7.78 38.06
CA TYR B 173 -48.90 6.54 37.53
C TYR B 173 -50.20 6.14 38.28
N GLU B 174 -51.21 5.78 37.50
CA GLU B 174 -52.48 5.25 38.01
C GLU B 174 -52.58 3.75 37.74
N LYS B 175 -52.49 2.95 38.81
CA LYS B 175 -52.56 1.49 38.76
C LYS B 175 -53.91 1.00 38.24
N PRO B 176 -53.91 -0.10 37.44
CA PRO B 176 -55.14 -0.71 36.96
C PRO B 176 -55.99 -1.22 38.10
N GLU B 177 -57.29 -1.30 37.92
CA GLU B 177 -58.15 -1.75 39.02
C GLU B 177 -58.63 -3.18 38.82
N ALA B 178 -58.80 -3.59 37.57
CA ALA B 178 -59.16 -4.96 37.25
C ALA B 178 -58.30 -5.56 36.13
N PRO B 179 -56.95 -5.51 36.28
CA PRO B 179 -56.13 -6.12 35.24
C PRO B 179 -56.40 -7.61 35.14
N GLU B 180 -56.26 -8.16 33.94
CA GLU B 180 -56.37 -9.59 33.73
C GLU B 180 -55.19 -10.35 34.35
N LEU B 181 -54.08 -9.64 34.58
CA LEU B 181 -52.86 -10.26 35.09
C LEU B 181 -51.98 -9.20 35.75
N VAL B 182 -51.44 -9.52 36.92
CA VAL B 182 -50.36 -8.74 37.51
C VAL B 182 -49.11 -9.59 37.43
N LEU B 183 -48.00 -8.94 37.12
CA LEU B 183 -46.70 -9.60 37.10
C LEU B 183 -45.80 -8.89 38.07
N LYS B 184 -45.32 -9.63 39.06
CA LYS B 184 -44.44 -9.07 40.05
C LYS B 184 -43.00 -9.35 39.62
N THR B 185 -42.47 -8.45 38.80
CA THR B 185 -41.12 -8.59 38.23
C THR B 185 -39.99 -8.47 39.27
N ASP B 186 -40.33 -8.05 40.48
CA ASP B 186 -39.38 -7.97 41.59
C ASP B 186 -39.14 -9.35 42.23
N SER B 187 -40.10 -10.26 42.11
CA SER B 187 -40.01 -11.57 42.74
C SER B 187 -40.04 -12.71 41.74
N CYS B 188 -40.16 -12.36 40.46
CA CYS B 188 -40.14 -13.33 39.38
C CYS B 188 -39.01 -13.02 38.41
N ASP B 189 -38.59 -14.04 37.66
CA ASP B 189 -37.67 -13.81 36.54
C ASP B 189 -38.42 -13.73 35.22
N VAL B 190 -37.73 -13.27 34.18
CA VAL B 190 -38.36 -12.97 32.90
C VAL B 190 -39.27 -14.10 32.46
N ASN B 191 -38.76 -15.32 32.50
CA ASN B 191 -39.46 -16.47 31.96
C ASN B 191 -40.67 -16.88 32.81
N ASP B 192 -40.51 -16.77 34.12
CA ASP B 192 -41.64 -16.91 35.05
C ASP B 192 -42.79 -16.01 34.56
N CYS B 193 -42.46 -14.76 34.28
CA CYS B 193 -43.41 -13.74 33.81
C CYS B 193 -44.02 -14.03 32.45
N VAL B 194 -43.19 -14.47 31.50
CA VAL B 194 -43.68 -14.84 30.17
C VAL B 194 -44.74 -15.93 30.30
N GLN B 195 -44.41 -16.96 31.08
CA GLN B 195 -45.33 -18.09 31.25
C GLN B 195 -46.66 -17.73 31.90
N GLN B 196 -46.65 -16.81 32.86
CA GLN B 196 -47.91 -16.34 33.43
C GLN B 196 -48.81 -15.85 32.30
N VAL B 197 -48.24 -15.03 31.42
CA VAL B 197 -48.97 -14.48 30.25
C VAL B 197 -49.56 -15.58 29.38
N VAL B 198 -48.71 -16.53 28.98
CA VAL B 198 -49.10 -17.63 28.08
C VAL B 198 -50.30 -18.41 28.65
N GLU B 199 -50.33 -18.56 29.97
CA GLU B 199 -51.31 -19.41 30.63
C GLU B 199 -52.67 -18.76 30.68
N LEU B 200 -52.66 -17.42 30.77
CA LEU B 200 -53.86 -16.60 30.57
C LEU B 200 -54.32 -16.70 29.11
N LEU B 201 -53.37 -16.74 28.17
CA LEU B 201 -53.70 -16.86 26.75
C LEU B 201 -54.28 -18.24 26.44
N ASN B 202 -53.72 -19.27 27.08
CA ASN B 202 -54.23 -20.66 27.06
C ASN B 202 -55.66 -20.74 27.58
N GLU B 203 -55.91 -20.01 28.65
CA GLU B 203 -57.23 -19.88 29.28
C GLU B 203 -58.30 -19.34 28.30
N ARG B 204 -57.91 -18.42 27.42
CA ARG B 204 -58.84 -17.73 26.52
C ARG B 204 -58.78 -18.24 25.08
N ASP B 205 -58.22 -19.44 24.90
CA ASP B 205 -58.11 -20.14 23.60
C ASP B 205 -57.34 -19.39 22.51
N ILE B 206 -56.56 -18.39 22.90
CA ILE B 206 -55.62 -17.71 22.01
C ILE B 206 -54.42 -18.64 21.74
N LEU B 207 -53.90 -19.26 22.79
CA LEU B 207 -52.82 -20.25 22.67
C LEU B 207 -53.31 -21.66 22.94
N PRO B 208 -52.92 -22.63 22.08
CA PRO B 208 -53.30 -24.02 22.30
C PRO B 208 -52.49 -24.70 23.41
N ARG C 5 0.67 12.25 14.69
CA ARG C 5 -0.62 12.42 15.44
C ARG C 5 -0.53 11.96 16.89
N ALA C 6 -0.88 10.70 17.17
CA ALA C 6 -0.71 10.16 18.53
C ALA C 6 0.77 9.99 18.79
N THR C 7 1.27 10.69 19.81
CA THR C 7 2.72 10.72 20.11
C THR C 7 2.96 10.42 21.58
N ASN C 8 4.11 9.83 21.89
CA ASN C 8 4.53 9.47 23.26
C ASN C 8 3.62 8.43 23.92
N VAL C 9 3.08 7.55 23.08
CA VAL C 9 2.18 6.52 23.53
C VAL C 9 2.95 5.19 23.57
N THR C 10 2.63 4.35 24.55
CA THR C 10 3.34 3.08 24.73
C THR C 10 2.42 1.86 24.76
N TYR C 11 2.79 0.81 24.01
CA TYR C 11 2.02 -0.42 23.96
C TYR C 11 2.09 -1.16 25.28
N GLN C 12 0.95 -1.70 25.70
CA GLN C 12 0.82 -2.47 26.93
C GLN C 12 0.28 -3.84 26.57
N ALA C 13 1.01 -4.90 26.90
CA ALA C 13 0.55 -6.27 26.61
C ALA C 13 -0.67 -6.67 27.47
N HIS C 14 -1.45 -7.64 26.99
CA HIS C 14 -2.49 -8.26 27.80
C HIS C 14 -1.84 -9.36 28.63
N HIS C 15 -2.57 -9.84 29.64
CA HIS C 15 -2.05 -10.93 30.45
C HIS C 15 -2.49 -12.25 29.88
N VAL C 16 -3.72 -12.28 29.36
CA VAL C 16 -4.28 -13.49 28.77
C VAL C 16 -3.69 -13.80 27.36
N SER C 17 -3.58 -15.08 27.05
CA SER C 17 -3.14 -15.53 25.71
C SER C 17 -4.32 -15.83 24.79
N ARG C 18 -4.09 -15.74 23.48
CA ARG C 18 -5.08 -16.20 22.51
C ARG C 18 -5.58 -17.61 22.84
N ASN C 19 -4.66 -18.50 23.20
CA ASN C 19 -5.01 -19.85 23.64
C ASN C 19 -6.08 -19.85 24.75
N LYS C 20 -5.85 -19.09 25.83
CA LYS C 20 -6.77 -19.06 26.96
C LYS C 20 -8.13 -18.49 26.58
N ARG C 21 -8.10 -17.46 25.75
CA ARG C 21 -9.31 -16.91 25.15
C ARG C 21 -10.16 -17.94 24.44
N GLY C 22 -9.52 -18.81 23.66
CA GLY C 22 -10.19 -19.91 22.97
C GLY C 22 -10.90 -20.86 23.91
N GLN C 23 -10.35 -21.00 25.11
CA GLN C 23 -10.91 -21.87 26.14
C GLN C 23 -12.12 -21.26 26.86
N VAL C 24 -12.37 -19.97 26.60
CA VAL C 24 -13.37 -19.20 27.36
C VAL C 24 -14.47 -18.58 26.49
N VAL C 25 -14.16 -18.32 25.22
CA VAL C 25 -15.03 -17.53 24.37
C VAL C 25 -16.24 -18.30 23.82
N GLY C 26 -16.05 -19.56 23.46
CA GLY C 26 -17.16 -20.34 22.95
C GLY C 26 -17.44 -21.50 23.89
N THR C 27 -18.28 -22.42 23.43
CA THR C 27 -18.52 -23.68 24.14
C THR C 27 -17.74 -24.86 23.51
N ARG C 28 -17.14 -24.62 22.35
CA ARG C 28 -16.17 -25.50 21.72
C ARG C 28 -14.81 -24.81 21.79
N GLY C 29 -13.86 -25.45 22.48
CA GLY C 29 -12.52 -24.90 22.68
C GLY C 29 -11.77 -24.64 21.38
N GLY C 30 -10.60 -24.02 21.50
CA GLY C 30 -9.81 -23.61 20.35
C GLY C 30 -10.13 -22.17 20.00
N PHE C 31 -9.09 -21.44 19.61
CA PHE C 31 -9.20 -20.04 19.22
C PHE C 31 -9.59 -19.96 17.75
N ARG C 32 -10.65 -19.23 17.44
CA ARG C 32 -11.03 -19.07 16.03
C ARG C 32 -11.32 -17.62 15.64
N GLY C 33 -10.65 -16.70 16.30
CA GLY C 33 -10.75 -15.28 15.99
C GLY C 33 -10.26 -15.02 14.59
N CYS C 34 -11.11 -14.41 13.79
CA CYS C 34 -10.81 -14.09 12.40
C CYS C 34 -11.73 -12.98 11.87
N THR C 35 -11.46 -12.49 10.67
CA THR C 35 -12.34 -11.53 10.01
C THR C 35 -12.78 -12.04 8.66
N ILE C 36 -14.10 -12.00 8.46
CA ILE C 36 -14.73 -12.29 7.18
C ILE C 36 -15.14 -10.96 6.59
N TRP C 37 -14.43 -10.55 5.55
CA TRP C 37 -14.55 -9.23 4.98
C TRP C 37 -15.28 -9.29 3.65
N LEU C 38 -16.55 -8.87 3.66
CA LEU C 38 -17.38 -8.69 2.45
C LEU C 38 -17.18 -7.33 1.73
N THR C 39 -17.29 -7.37 0.41
CA THR C 39 -17.12 -6.20 -0.45
C THR C 39 -18.02 -6.36 -1.68
N GLY C 40 -18.51 -5.25 -2.21
CA GLY C 40 -19.32 -5.30 -3.40
C GLY C 40 -20.27 -4.16 -3.50
N LEU C 41 -20.98 -4.16 -4.63
CA LEU C 41 -21.90 -3.10 -4.99
C LEU C 41 -23.03 -3.00 -3.98
N SER C 42 -23.62 -1.82 -3.95
CA SER C 42 -24.86 -1.55 -3.23
C SER C 42 -25.95 -2.45 -3.81
N GLY C 43 -26.63 -3.17 -2.94
CA GLY C 43 -27.72 -4.03 -3.33
C GLY C 43 -27.26 -5.41 -3.78
N ALA C 44 -25.94 -5.64 -3.74
CA ALA C 44 -25.33 -6.87 -4.23
C ALA C 44 -25.54 -8.05 -3.30
N GLY C 45 -25.91 -7.78 -2.03
CA GLY C 45 -26.23 -8.84 -1.06
C GLY C 45 -25.44 -8.94 0.24
N LYS C 46 -24.55 -7.98 0.50
CA LYS C 46 -23.63 -8.04 1.67
C LYS C 46 -24.28 -8.18 3.06
N THR C 47 -25.28 -7.35 3.33
CA THR C 47 -26.03 -7.38 4.60
C THR C 47 -26.86 -8.66 4.69
N THR C 48 -27.59 -8.98 3.61
CA THR C 48 -28.34 -10.23 3.57
C THR C 48 -27.46 -11.41 3.97
N VAL C 49 -26.30 -11.54 3.33
CA VAL C 49 -25.33 -12.60 3.66
C VAL C 49 -24.71 -12.45 5.06
N SER C 50 -24.29 -11.22 5.39
CA SER C 50 -23.73 -10.88 6.71
C SER C 50 -24.59 -11.35 7.87
N MET C 51 -25.84 -10.94 7.83
CA MET C 51 -26.73 -11.19 8.95
C MET C 51 -27.12 -12.66 9.01
N ALA C 52 -27.25 -13.30 7.86
CA ALA C 52 -27.55 -14.74 7.80
C ALA C 52 -26.33 -15.60 8.14
N LEU C 53 -25.14 -15.14 7.78
CA LEU C 53 -23.92 -15.81 8.26
C LEU C 53 -23.77 -15.71 9.79
N GLU C 54 -24.01 -14.52 10.34
CA GLU C 54 -23.94 -14.33 11.78
C GLU C 54 -24.95 -15.23 12.47
N GLU C 55 -26.19 -15.24 11.99
CA GLU C 55 -27.20 -16.14 12.54
C GLU C 55 -26.78 -17.62 12.52
N TYR C 56 -26.23 -18.09 11.39
CA TYR C 56 -25.78 -19.48 11.25
C TYR C 56 -24.71 -19.83 12.28
N LEU C 57 -23.81 -18.88 12.49
CA LEU C 57 -22.67 -19.11 13.38
C LEU C 57 -23.11 -19.22 14.82
N VAL C 58 -23.98 -18.30 15.25
CA VAL C 58 -24.51 -18.29 16.63
C VAL C 58 -25.24 -19.61 16.89
N CYS C 59 -26.21 -19.91 16.03
CA CYS C 59 -27.01 -21.14 16.12
C CYS C 59 -26.18 -22.43 16.12
N HIS C 60 -24.90 -22.32 15.75
CA HIS C 60 -23.97 -23.46 15.78
C HIS C 60 -22.86 -23.34 16.83
N GLY C 61 -23.07 -22.46 17.82
CA GLY C 61 -22.17 -22.31 18.96
C GLY C 61 -20.88 -21.53 18.71
N ILE C 62 -20.81 -20.81 17.58
CA ILE C 62 -19.64 -20.01 17.23
C ILE C 62 -19.95 -18.53 17.46
N PRO C 63 -19.37 -17.95 18.52
CA PRO C 63 -19.55 -16.53 18.80
C PRO C 63 -18.98 -15.63 17.70
N CYS C 64 -19.80 -14.65 17.28
CA CYS C 64 -19.42 -13.74 16.19
C CYS C 64 -20.16 -12.40 16.26
N TYR C 65 -19.78 -11.48 15.37
CA TYR C 65 -20.39 -10.15 15.32
C TYR C 65 -20.28 -9.46 13.98
N THR C 66 -21.42 -8.96 13.51
CA THR C 66 -21.54 -8.23 12.24
C THR C 66 -21.38 -6.71 12.38
N LEU C 67 -20.34 -6.20 11.74
CA LEU C 67 -20.17 -4.75 11.59
C LEU C 67 -20.62 -4.37 10.20
N ASP C 68 -21.73 -3.65 10.15
CA ASP C 68 -22.35 -3.28 8.89
C ASP C 68 -22.15 -1.80 8.61
N GLY C 69 -21.71 -1.50 7.39
CA GLY C 69 -21.33 -0.13 7.02
C GLY C 69 -22.37 0.91 7.37
N ASP C 70 -23.63 0.61 7.04
CA ASP C 70 -24.76 1.48 7.32
C ASP C 70 -25.03 1.62 8.80
N ASN C 71 -24.90 0.53 9.54
CA ASN C 71 -25.02 0.61 10.99
C ASN C 71 -23.88 1.42 11.62
N ILE C 72 -22.65 1.15 11.20
CA ILE C 72 -21.44 1.81 11.75
C ILE C 72 -21.43 3.29 11.48
N ARG C 73 -21.90 3.64 10.29
CA ARG C 73 -21.95 5.02 9.85
C ARG C 73 -23.01 5.87 10.60
N GLN C 74 -23.78 5.23 11.45
CA GLN C 74 -24.72 5.93 12.33
C GLN C 74 -24.15 6.04 13.76
N GLY C 75 -22.90 5.58 13.95
CA GLY C 75 -22.28 5.48 15.27
C GLY C 75 -20.81 5.82 15.26
N LEU C 76 -19.95 4.81 15.29
CA LEU C 76 -18.49 5.02 15.17
C LEU C 76 -18.10 5.99 14.03
N ASN C 77 -18.74 5.85 12.87
CA ASN C 77 -18.33 6.61 11.69
C ASN C 77 -19.36 7.64 11.19
N LYS C 78 -20.19 8.13 12.12
CA LYS C 78 -21.24 9.10 11.83
C LYS C 78 -20.67 10.43 11.31
N ASN C 79 -19.39 10.68 11.58
CA ASN C 79 -18.67 11.89 11.17
C ASN C 79 -17.89 11.78 9.85
N LEU C 80 -18.29 10.85 9.00
CA LEU C 80 -17.63 10.57 7.72
C LEU C 80 -18.63 10.56 6.58
N GLY C 81 -18.31 11.26 5.49
CA GLY C 81 -19.12 11.22 4.25
C GLY C 81 -18.60 10.15 3.29
N PHE C 82 -18.74 10.39 1.99
CA PHE C 82 -18.36 9.39 1.00
C PHE C 82 -17.25 9.81 0.04
N SER C 83 -16.56 10.92 0.33
CA SER C 83 -15.37 11.30 -0.45
C SER C 83 -14.40 10.14 -0.40
N PRO C 84 -13.46 10.02 -1.39
CA PRO C 84 -12.41 9.01 -1.36
C PRO C 84 -11.64 8.99 -0.04
N GLU C 85 -11.34 10.18 0.51
CA GLU C 85 -10.69 10.33 1.80
C GLU C 85 -11.54 9.75 2.95
N ASP C 86 -12.84 10.01 2.94
CA ASP C 86 -13.73 9.51 4.03
C ASP C 86 -13.97 8.01 3.96
N ARG C 87 -14.07 7.49 2.72
CA ARG C 87 -14.19 6.06 2.49
C ARG C 87 -12.92 5.33 2.89
N GLU C 88 -11.77 5.96 2.65
CA GLU C 88 -10.51 5.42 3.20
C GLU C 88 -10.55 5.41 4.76
N GLU C 89 -10.94 6.52 5.37
CA GLU C 89 -11.02 6.54 6.86
C GLU C 89 -12.06 5.54 7.40
N ASN C 90 -13.20 5.46 6.74
CA ASN C 90 -14.30 4.55 7.10
C ASN C 90 -13.83 3.07 7.18
N VAL C 91 -13.16 2.64 6.13
CA VAL C 91 -12.64 1.26 6.05
C VAL C 91 -11.48 1.03 7.05
N ARG C 92 -10.59 2.01 7.16
CA ARG C 92 -9.43 1.91 8.06
C ARG C 92 -9.86 1.72 9.51
N ARG C 93 -10.83 2.51 9.96
CA ARG C 93 -11.39 2.35 11.30
C ARG C 93 -12.05 0.99 11.54
N ILE C 94 -12.93 0.57 10.65
CA ILE C 94 -13.60 -0.72 10.87
C ILE C 94 -12.64 -1.91 10.80
N ALA C 95 -11.60 -1.79 9.96
CA ALA C 95 -10.53 -2.81 9.87
C ALA C 95 -9.82 -2.92 11.21
N GLU C 96 -9.54 -1.79 11.84
CA GLU C 96 -8.96 -1.81 13.20
C GLU C 96 -9.93 -2.43 14.25
N VAL C 97 -11.22 -2.16 14.11
CA VAL C 97 -12.22 -2.68 15.08
C VAL C 97 -12.42 -4.19 14.87
N ALA C 98 -12.44 -4.61 13.61
CA ALA C 98 -12.56 -6.02 13.26
C ALA C 98 -11.37 -6.79 13.82
N LYS C 99 -10.18 -6.19 13.71
CA LYS C 99 -8.95 -6.70 14.29
C LYS C 99 -9.07 -6.99 15.83
N LEU C 100 -9.73 -6.09 16.56
CA LEU C 100 -10.00 -6.26 17.99
C LEU C 100 -11.01 -7.37 18.27
N PHE C 101 -12.12 -7.41 17.53
CA PHE C 101 -13.13 -8.48 17.62
C PHE C 101 -12.53 -9.87 17.30
N ALA C 102 -11.63 -9.92 16.30
CA ALA C 102 -10.87 -11.15 15.98
C ALA C 102 -9.88 -11.53 17.08
N ASP C 103 -9.11 -10.56 17.58
CA ASP C 103 -8.16 -10.78 18.69
C ASP C 103 -8.83 -11.28 19.97
N ALA C 104 -10.09 -10.84 20.18
CA ALA C 104 -10.91 -11.24 21.33
C ALA C 104 -11.44 -12.67 21.20
N GLY C 105 -11.27 -13.27 20.02
CA GLY C 105 -11.71 -14.64 19.76
C GLY C 105 -13.01 -14.79 18.99
N LEU C 106 -13.60 -13.68 18.55
CA LEU C 106 -14.88 -13.76 17.84
C LEU C 106 -14.63 -13.83 16.35
N VAL C 107 -15.61 -14.34 15.62
CA VAL C 107 -15.58 -14.26 14.17
C VAL C 107 -16.26 -12.91 13.84
N CYS C 108 -15.51 -12.00 13.26
CA CYS C 108 -16.06 -10.70 12.92
C CYS C 108 -16.38 -10.68 11.42
N ILE C 109 -17.62 -10.33 11.09
CA ILE C 109 -18.05 -10.26 9.71
C ILE C 109 -18.29 -8.79 9.40
N THR C 110 -17.53 -8.22 8.48
CA THR C 110 -17.82 -6.85 8.01
C THR C 110 -18.63 -6.80 6.71
N SER C 111 -19.55 -5.84 6.58
CA SER C 111 -20.31 -5.73 5.34
C SER C 111 -20.36 -4.28 4.85
N PHE C 112 -19.24 -3.83 4.29
CA PHE C 112 -19.01 -2.47 3.82
C PHE C 112 -18.82 -2.60 2.32
N ILE C 113 -19.34 -1.67 1.53
CA ILE C 113 -18.99 -1.63 0.08
C ILE C 113 -17.48 -1.76 -0.07
N SER C 114 -16.72 -1.07 0.78
CA SER C 114 -15.25 -1.02 0.66
C SER C 114 -14.82 -1.12 -0.84
N PRO C 115 -15.00 -0.01 -1.60
CA PRO C 115 -14.81 0.03 -3.05
C PRO C 115 -13.37 0.14 -3.56
N TYR C 116 -12.41 0.33 -2.65
CA TYR C 116 -11.03 0.64 -3.03
C TYR C 116 -10.06 -0.46 -2.56
N THR C 117 -9.34 -1.03 -3.54
CA THR C 117 -8.44 -2.19 -3.35
C THR C 117 -7.40 -1.94 -2.29
N GLN C 118 -6.76 -0.79 -2.38
CA GLN C 118 -5.69 -0.43 -1.46
C GLN C 118 -6.14 -0.39 0.01
N ASP C 119 -7.43 -0.15 0.23
CA ASP C 119 -7.93 -0.04 1.60
C ASP C 119 -8.31 -1.41 2.12
N ARG C 120 -8.82 -2.28 1.24
CA ARG C 120 -9.08 -3.68 1.56
C ARG C 120 -7.74 -4.39 1.76
N ASN C 121 -6.76 -4.03 0.94
CA ASN C 121 -5.41 -4.56 1.11
C ASN C 121 -4.84 -4.20 2.48
N ASN C 122 -4.95 -2.91 2.84
CA ASN C 122 -4.49 -2.40 4.12
C ASN C 122 -5.17 -3.07 5.32
N ALA C 123 -6.47 -3.33 5.17
CA ALA C 123 -7.24 -4.07 6.19
C ALA C 123 -6.66 -5.47 6.42
N ARG C 124 -6.39 -6.16 5.31
CA ARG C 124 -5.74 -7.46 5.32
C ARG C 124 -4.40 -7.41 6.06
N GLN C 125 -3.59 -6.41 5.74
CA GLN C 125 -2.25 -6.27 6.32
C GLN C 125 -2.30 -5.97 7.81
N ILE C 126 -3.26 -5.16 8.22
CA ILE C 126 -3.60 -4.95 9.64
C ILE C 126 -3.74 -6.31 10.35
N HIS C 127 -4.43 -7.24 9.71
CA HIS C 127 -4.70 -8.53 10.29
C HIS C 127 -3.50 -9.49 10.24
N GLU C 128 -2.81 -9.52 9.10
CA GLU C 128 -1.62 -10.36 8.95
C GLU C 128 -0.53 -10.05 10.00
N GLY C 129 -0.27 -8.77 10.21
CA GLY C 129 0.69 -8.30 11.23
C GLY C 129 0.35 -8.68 12.67
N ALA C 130 -0.90 -9.04 12.89
CA ALA C 130 -1.37 -9.50 14.19
C ALA C 130 -1.57 -11.00 14.16
N SER C 131 -1.20 -11.60 13.03
CA SER C 131 -1.40 -13.04 12.76
C SER C 131 -2.87 -13.45 12.92
N LEU C 132 -3.77 -12.57 12.50
CA LEU C 132 -5.19 -12.92 12.53
C LEU C 132 -5.63 -13.19 11.10
N PRO C 133 -6.36 -14.30 10.89
CA PRO C 133 -7.00 -14.67 9.61
C PRO C 133 -7.95 -13.61 9.06
N PHE C 134 -7.81 -13.36 7.77
CA PHE C 134 -8.59 -12.39 7.01
C PHE C 134 -9.07 -13.10 5.74
N PHE C 135 -10.39 -13.06 5.52
CA PHE C 135 -11.04 -13.66 4.35
C PHE C 135 -11.87 -12.63 3.60
N GLU C 136 -11.36 -12.26 2.45
CA GLU C 136 -12.00 -11.34 1.53
C GLU C 136 -12.98 -12.10 0.63
N VAL C 137 -14.26 -11.83 0.84
CA VAL C 137 -15.34 -12.39 0.03
C VAL C 137 -15.91 -11.29 -0.86
N PHE C 138 -15.79 -11.49 -2.18
CA PHE C 138 -16.38 -10.58 -3.16
C PHE C 138 -17.85 -10.97 -3.31
N VAL C 139 -18.76 -10.10 -2.89
CA VAL C 139 -20.18 -10.33 -3.03
C VAL C 139 -20.63 -9.69 -4.36
N ASP C 140 -20.68 -10.54 -5.38
CA ASP C 140 -20.61 -10.13 -6.79
C ASP C 140 -21.92 -10.31 -7.55
N ALA C 141 -22.59 -9.18 -7.81
CA ALA C 141 -23.74 -9.12 -8.70
C ALA C 141 -23.54 -7.93 -9.64
N PRO C 142 -23.79 -8.11 -10.97
CA PRO C 142 -23.63 -7.01 -11.93
C PRO C 142 -24.53 -5.84 -11.59
N LEU C 143 -24.11 -4.64 -12.00
CA LEU C 143 -24.83 -3.40 -11.68
C LEU C 143 -26.33 -3.41 -12.03
N HIS C 144 -26.68 -3.80 -13.26
CA HIS C 144 -28.08 -3.76 -13.65
C HIS C 144 -28.95 -4.66 -12.75
N VAL C 145 -28.36 -5.76 -12.26
CA VAL C 145 -28.99 -6.64 -11.27
C VAL C 145 -29.21 -5.95 -9.92
N CYS C 146 -28.24 -5.16 -9.48
CA CYS C 146 -28.36 -4.38 -8.23
C CYS C 146 -29.34 -3.23 -8.41
N GLU C 147 -29.30 -2.61 -9.59
CA GLU C 147 -30.19 -1.49 -9.91
C GLU C 147 -31.65 -1.92 -10.07
N GLN C 148 -31.86 -3.15 -10.53
CA GLN C 148 -33.18 -3.72 -10.78
C GLN C 148 -33.86 -4.00 -9.43
N ARG C 149 -33.09 -4.60 -8.51
CA ARG C 149 -33.48 -4.75 -7.10
C ARG C 149 -33.82 -3.39 -6.46
N ASP C 150 -32.95 -2.41 -6.70
CA ASP C 150 -33.03 -1.11 -6.05
C ASP C 150 -33.80 -1.14 -4.72
N VAL C 151 -33.27 -1.91 -3.79
CA VAL C 151 -33.98 -2.24 -2.55
C VAL C 151 -34.38 -1.01 -1.70
N LYS C 152 -33.51 0.00 -1.67
CA LYS C 152 -33.73 1.18 -0.86
C LYS C 152 -34.09 2.45 -1.62
N GLY C 153 -34.33 2.33 -2.92
CA GLY C 153 -34.57 3.48 -3.79
C GLY C 153 -33.36 4.32 -4.17
N LEU C 154 -32.16 3.90 -3.78
CA LEU C 154 -30.93 4.68 -3.98
C LEU C 154 -30.45 4.85 -5.43
N TYR C 155 -30.61 3.82 -6.25
CA TYR C 155 -30.24 3.88 -7.67
C TYR C 155 -31.15 4.84 -8.47
N LYS C 156 -32.45 4.75 -8.19
CA LYS C 156 -33.45 5.68 -8.73
C LYS C 156 -33.03 7.10 -8.35
N LYS C 157 -32.75 7.32 -7.07
CA LYS C 157 -32.25 8.63 -6.61
C LYS C 157 -30.97 9.03 -7.35
N ALA C 158 -30.02 8.11 -7.43
CA ALA C 158 -28.73 8.38 -8.10
C ALA C 158 -28.85 8.70 -9.60
N ARG C 159 -29.77 8.01 -10.28
CA ARG C 159 -30.00 8.28 -11.69
C ARG C 159 -30.66 9.64 -11.88
N ALA C 160 -31.46 10.05 -10.90
CA ALA C 160 -32.12 11.34 -10.94
C ALA C 160 -31.19 12.50 -10.58
N GLY C 161 -29.99 12.18 -10.10
CA GLY C 161 -29.06 13.20 -9.62
C GLY C 161 -29.50 13.76 -8.27
N GLU C 162 -30.06 12.91 -7.43
CA GLU C 162 -30.43 13.27 -6.06
C GLU C 162 -29.31 12.86 -5.11
N ILE C 163 -28.52 11.89 -5.56
CA ILE C 163 -27.36 11.41 -4.82
C ILE C 163 -26.15 11.42 -5.75
N LYS C 164 -25.21 12.33 -5.52
CA LYS C 164 -23.99 12.35 -6.31
C LYS C 164 -23.00 11.32 -5.83
N GLY C 165 -22.03 10.98 -6.70
CA GLY C 165 -20.96 10.06 -6.36
C GLY C 165 -21.39 8.69 -5.90
N PHE C 166 -22.51 8.20 -6.41
CA PHE C 166 -22.96 6.86 -5.98
C PHE C 166 -22.12 5.79 -6.62
N THR C 167 -21.60 4.88 -5.78
CA THR C 167 -20.83 3.69 -6.18
C THR C 167 -21.45 3.01 -7.40
N GLY C 168 -20.67 2.90 -8.47
CA GLY C 168 -21.08 2.22 -9.68
C GLY C 168 -21.65 3.16 -10.72
N ILE C 169 -22.01 4.38 -10.28
CA ILE C 169 -22.58 5.39 -11.18
C ILE C 169 -21.67 6.62 -11.29
N ASP C 170 -21.40 7.29 -10.18
CA ASP C 170 -20.60 8.49 -10.20
C ASP C 170 -19.42 8.38 -9.23
N SER C 171 -19.05 7.14 -8.93
CA SER C 171 -17.75 6.84 -8.36
C SER C 171 -17.40 5.35 -8.58
N GLU C 172 -16.16 4.99 -8.30
CA GLU C 172 -15.61 3.70 -8.75
C GLU C 172 -15.88 2.58 -7.77
N TYR C 173 -16.03 1.38 -8.30
CA TYR C 173 -15.87 0.20 -7.51
C TYR C 173 -14.72 -0.58 -8.10
N GLU C 174 -13.67 -0.79 -7.32
CA GLU C 174 -12.52 -1.61 -7.77
C GLU C 174 -12.66 -3.00 -7.19
N LYS C 175 -13.00 -3.95 -8.08
CA LYS C 175 -13.33 -5.29 -7.63
C LYS C 175 -12.08 -6.10 -7.31
N PRO C 176 -12.18 -7.00 -6.31
CA PRO C 176 -11.01 -7.71 -5.82
C PRO C 176 -10.35 -8.52 -6.91
N GLU C 177 -9.03 -8.66 -6.80
CA GLU C 177 -8.22 -9.42 -7.77
C GLU C 177 -7.99 -10.89 -7.37
N ALA C 178 -7.67 -11.12 -6.10
CA ALA C 178 -7.42 -12.47 -5.59
C ALA C 178 -8.29 -12.82 -4.38
N PRO C 179 -9.62 -12.57 -4.47
CA PRO C 179 -10.40 -12.73 -3.24
C PRO C 179 -10.43 -14.18 -2.82
N GLU C 180 -10.59 -14.45 -1.53
CA GLU C 180 -10.71 -15.82 -1.04
C GLU C 180 -11.94 -16.55 -1.60
N LEU C 181 -12.99 -15.78 -1.93
CA LEU C 181 -14.26 -16.36 -2.36
C LEU C 181 -15.10 -15.34 -3.12
N VAL C 182 -15.76 -15.81 -4.17
CA VAL C 182 -16.70 -15.00 -4.94
C VAL C 182 -18.08 -15.59 -4.71
N LEU C 183 -19.03 -14.73 -4.34
CA LEU C 183 -20.43 -15.12 -4.26
C LEU C 183 -21.18 -14.47 -5.42
N LYS C 184 -21.61 -15.30 -6.37
CA LYS C 184 -22.38 -14.79 -7.50
C LYS C 184 -23.87 -14.84 -7.15
N THR C 185 -24.33 -13.70 -6.67
CA THR C 185 -25.57 -13.57 -5.91
C THR C 185 -26.81 -13.63 -6.80
N ASP C 186 -26.59 -13.48 -8.11
CA ASP C 186 -27.64 -13.63 -9.13
C ASP C 186 -27.74 -15.07 -9.66
N SER C 187 -26.77 -15.90 -9.27
CA SER C 187 -26.69 -17.30 -9.71
C SER C 187 -27.15 -18.25 -8.62
N CYS C 188 -27.26 -17.77 -7.38
CA CYS C 188 -27.66 -18.63 -6.28
C CYS C 188 -28.46 -17.95 -5.17
N ASP C 189 -29.10 -18.77 -4.33
CA ASP C 189 -29.91 -18.31 -3.20
C ASP C 189 -29.06 -17.95 -1.97
N VAL C 190 -29.65 -17.16 -1.07
CA VAL C 190 -28.97 -16.69 0.15
C VAL C 190 -28.35 -17.85 0.92
N ASN C 191 -29.09 -18.94 1.02
CA ASN C 191 -28.66 -20.11 1.76
C ASN C 191 -27.38 -20.74 1.20
N ASP C 192 -27.28 -20.78 -0.13
CA ASP C 192 -26.09 -21.33 -0.78
C ASP C 192 -24.88 -20.42 -0.57
N CYS C 193 -25.10 -19.11 -0.70
CA CYS C 193 -24.07 -18.11 -0.42
C CYS C 193 -23.48 -18.27 0.98
N VAL C 194 -24.34 -18.35 2.00
CA VAL C 194 -23.91 -18.63 3.37
C VAL C 194 -23.14 -19.97 3.45
N GLN C 195 -23.71 -21.01 2.87
CA GLN C 195 -23.04 -22.32 2.87
C GLN C 195 -21.67 -22.30 2.20
N GLN C 196 -21.54 -21.53 1.13
CA GLN C 196 -20.25 -21.33 0.47
C GLN C 196 -19.22 -20.69 1.42
N VAL C 197 -19.60 -19.59 2.10
CA VAL C 197 -18.72 -18.98 3.13
C VAL C 197 -18.37 -19.94 4.29
N VAL C 198 -19.36 -20.68 4.76
CA VAL C 198 -19.19 -21.64 5.84
C VAL C 198 -18.16 -22.74 5.48
N GLU C 199 -18.18 -23.18 4.23
CA GLU C 199 -17.20 -24.14 3.70
C GLU C 199 -15.76 -23.60 3.66
N LEU C 200 -15.61 -22.32 3.32
CA LEU C 200 -14.32 -21.65 3.40
C LEU C 200 -13.79 -21.76 4.83
N LEU C 201 -14.65 -21.43 5.80
CA LEU C 201 -14.27 -21.50 7.21
C LEU C 201 -13.95 -22.93 7.66
N ASN C 202 -14.64 -23.91 7.07
CA ASN C 202 -14.33 -25.35 7.26
C ASN C 202 -12.91 -25.68 6.79
N GLU C 203 -12.64 -25.35 5.53
CA GLU C 203 -11.31 -25.51 4.93
C GLU C 203 -10.18 -24.81 5.72
N ARG C 204 -10.46 -23.64 6.28
CA ARG C 204 -9.42 -22.88 6.99
C ARG C 204 -9.36 -23.16 8.50
N ASP C 205 -10.27 -24.02 8.96
CA ASP C 205 -10.31 -24.49 10.36
C ASP C 205 -10.86 -23.45 11.35
N ILE C 206 -11.78 -22.63 10.87
CA ILE C 206 -12.51 -21.71 11.73
C ILE C 206 -13.76 -22.42 12.27
N LEU C 207 -14.52 -23.03 11.37
CA LEU C 207 -15.69 -23.82 11.73
C LEU C 207 -15.31 -25.32 11.79
N PRO C 208 -15.64 -25.99 12.93
CA PRO C 208 -15.37 -27.41 13.23
C PRO C 208 -15.44 -28.31 12.01
N ARG D 5 -22.48 14.14 8.51
CA ARG D 5 -21.64 13.93 7.29
C ARG D 5 -22.10 12.73 6.45
N ALA D 6 -22.73 11.75 7.09
CA ALA D 6 -23.29 10.57 6.40
C ALA D 6 -24.72 10.77 5.92
N THR D 7 -24.89 10.78 4.61
CA THR D 7 -26.18 10.97 3.96
C THR D 7 -26.67 9.67 3.31
N ASN D 8 -27.99 9.51 3.28
CA ASN D 8 -28.67 8.35 2.67
C ASN D 8 -28.23 6.99 3.27
N VAL D 9 -28.13 6.95 4.59
CA VAL D 9 -27.70 5.78 5.35
C VAL D 9 -28.85 5.32 6.25
N THR D 10 -29.14 4.02 6.26
CA THR D 10 -30.25 3.44 7.04
C THR D 10 -29.86 2.17 7.79
N TYR D 11 -30.26 2.11 9.06
CA TYR D 11 -29.90 0.99 9.97
C TYR D 11 -30.49 -0.35 9.52
N GLN D 12 -29.71 -1.41 9.74
CA GLN D 12 -30.07 -2.78 9.37
C GLN D 12 -30.03 -3.68 10.60
N ALA D 13 -31.19 -4.23 10.97
CA ALA D 13 -31.33 -5.03 12.18
C ALA D 13 -30.59 -6.39 12.07
N HIS D 14 -30.02 -6.83 13.20
CA HIS D 14 -29.40 -8.14 13.33
C HIS D 14 -30.47 -9.22 13.47
N HIS D 15 -30.18 -10.42 12.98
CA HIS D 15 -31.11 -11.54 13.10
C HIS D 15 -31.03 -12.29 14.44
N VAL D 16 -30.00 -11.98 15.25
CA VAL D 16 -29.80 -12.63 16.54
C VAL D 16 -30.08 -11.70 17.72
N SER D 17 -30.61 -12.24 18.81
CA SER D 17 -30.92 -11.47 20.02
C SER D 17 -29.74 -11.45 21.01
N ARG D 18 -29.73 -10.45 21.89
CA ARG D 18 -28.76 -10.40 22.99
C ARG D 18 -28.77 -11.71 23.80
N ASN D 19 -29.97 -12.22 24.07
CA ASN D 19 -30.12 -13.42 24.90
C ASN D 19 -29.57 -14.72 24.32
N LYS D 20 -29.68 -14.87 22.99
CA LYS D 20 -29.09 -15.99 22.24
C LYS D 20 -27.57 -15.87 22.20
N ARG D 21 -27.08 -14.65 21.99
CA ARG D 21 -25.65 -14.34 22.10
C ARG D 21 -25.09 -14.73 23.47
N GLY D 22 -25.87 -14.50 24.52
CA GLY D 22 -25.48 -14.83 25.88
C GLY D 22 -25.36 -16.32 26.14
N GLN D 23 -26.14 -17.11 25.40
CA GLN D 23 -26.12 -18.56 25.57
C GLN D 23 -25.03 -19.25 24.73
N VAL D 24 -24.42 -18.50 23.81
CA VAL D 24 -23.36 -19.02 22.96
C VAL D 24 -22.00 -18.51 23.39
N VAL D 25 -21.96 -17.27 23.89
CA VAL D 25 -20.71 -16.55 24.13
C VAL D 25 -19.76 -17.20 25.14
N GLY D 26 -20.28 -17.78 26.21
CA GLY D 26 -19.41 -18.42 27.21
C GLY D 26 -19.87 -19.83 27.54
N THR D 27 -19.30 -20.40 28.59
CA THR D 27 -19.78 -21.66 29.19
C THR D 27 -20.67 -21.37 30.41
N ARG D 28 -20.62 -20.13 30.87
CA ARG D 28 -21.48 -19.64 31.94
C ARG D 28 -22.92 -19.45 31.41
N GLY D 29 -23.82 -18.97 32.25
CA GLY D 29 -25.21 -18.79 31.83
C GLY D 29 -25.67 -17.34 31.82
N GLY D 30 -26.21 -16.90 30.68
CA GLY D 30 -26.88 -15.59 30.60
C GLY D 30 -26.10 -14.48 29.90
N PHE D 31 -26.83 -13.51 29.37
CA PHE D 31 -26.23 -12.32 28.75
C PHE D 31 -25.67 -11.34 29.80
N ARG D 32 -24.38 -11.04 29.67
CA ARG D 32 -23.73 -10.20 30.67
C ARG D 32 -22.81 -9.20 30.01
N GLY D 33 -23.10 -8.89 28.75
CA GLY D 33 -22.42 -7.81 28.07
C GLY D 33 -22.48 -6.56 28.92
N CYS D 34 -21.34 -5.89 29.09
CA CYS D 34 -21.28 -4.59 29.77
C CYS D 34 -19.96 -3.88 29.50
N THR D 35 -19.80 -2.67 30.03
CA THR D 35 -18.58 -1.90 29.90
C THR D 35 -18.19 -1.41 31.28
N ILE D 36 -16.93 -1.66 31.64
CA ILE D 36 -16.31 -1.13 32.85
C ILE D 36 -15.39 0.01 32.45
N TRP D 37 -15.79 1.22 32.80
CA TRP D 37 -15.04 2.35 32.28
C TRP D 37 -14.09 2.88 33.34
N LEU D 38 -12.79 2.60 33.19
CA LEU D 38 -11.81 3.17 34.12
C LEU D 38 -11.36 4.56 33.68
N THR D 39 -11.01 5.40 34.65
CA THR D 39 -10.63 6.78 34.39
C THR D 39 -9.67 7.26 35.48
N GLY D 40 -8.71 8.11 35.08
CA GLY D 40 -7.81 8.78 36.00
C GLY D 40 -6.46 9.22 35.44
N LEU D 41 -5.62 9.69 36.34
CA LEU D 41 -4.27 10.16 36.02
C LEU D 41 -3.36 9.14 35.32
N SER D 42 -2.45 9.66 34.51
CA SER D 42 -1.33 8.89 33.98
C SER D 42 -0.56 8.31 35.15
N GLY D 43 -0.51 6.98 35.23
CA GLY D 43 0.24 6.29 36.26
C GLY D 43 -0.60 5.78 37.42
N ALA D 44 -1.89 6.15 37.47
CA ALA D 44 -2.74 5.84 38.63
C ALA D 44 -2.97 4.35 38.78
N GLY D 45 -2.76 3.63 37.68
CA GLY D 45 -2.94 2.18 37.67
C GLY D 45 -4.11 1.73 36.83
N LYS D 46 -4.51 2.49 35.82
CA LYS D 46 -5.65 2.08 35.00
C LYS D 46 -5.36 0.80 34.25
N THR D 47 -4.20 0.71 33.60
CA THR D 47 -3.80 -0.47 32.80
C THR D 47 -3.49 -1.71 33.65
N THR D 48 -2.86 -1.51 34.80
CA THR D 48 -2.60 -2.61 35.74
C THR D 48 -3.92 -3.26 36.14
N VAL D 49 -4.89 -2.42 36.43
CA VAL D 49 -6.21 -2.87 36.88
C VAL D 49 -6.97 -3.50 35.70
N SER D 50 -7.05 -2.79 34.57
CA SER D 50 -7.74 -3.35 33.41
C SER D 50 -7.22 -4.73 32.98
N MET D 51 -5.91 -4.87 32.86
CA MET D 51 -5.32 -6.14 32.38
C MET D 51 -5.47 -7.26 33.41
N ALA D 52 -5.28 -6.93 34.67
CA ALA D 52 -5.56 -7.87 35.76
C ALA D 52 -7.03 -8.31 35.80
N LEU D 53 -7.96 -7.38 35.65
CA LEU D 53 -9.38 -7.77 35.67
C LEU D 53 -9.78 -8.66 34.49
N GLU D 54 -9.30 -8.28 33.28
CA GLU D 54 -9.42 -9.14 32.11
C GLU D 54 -8.80 -10.53 32.36
N GLU D 55 -7.65 -10.58 33.03
CA GLU D 55 -7.08 -11.87 33.39
C GLU D 55 -7.99 -12.63 34.37
N TYR D 56 -8.50 -11.94 35.38
CA TYR D 56 -9.39 -12.57 36.35
C TYR D 56 -10.62 -13.14 35.67
N LEU D 57 -11.27 -12.31 34.85
CA LEU D 57 -12.54 -12.69 34.26
C LEU D 57 -12.35 -13.89 33.35
N VAL D 58 -11.33 -13.83 32.49
CA VAL D 58 -11.02 -14.93 31.57
C VAL D 58 -10.79 -16.26 32.30
N CYS D 59 -9.97 -16.23 33.36
CA CYS D 59 -9.68 -17.42 34.20
C CYS D 59 -10.85 -17.94 35.05
N HIS D 60 -11.99 -17.26 34.99
CA HIS D 60 -13.18 -17.69 35.71
C HIS D 60 -14.38 -17.80 34.77
N GLY D 61 -14.09 -18.10 33.51
CA GLY D 61 -15.11 -18.42 32.53
C GLY D 61 -15.82 -17.28 31.83
N ILE D 62 -15.41 -16.04 32.06
CA ILE D 62 -16.10 -14.84 31.53
C ILE D 62 -15.40 -14.13 30.32
N PRO D 63 -15.92 -14.34 29.10
CA PRO D 63 -15.43 -13.59 27.92
C PRO D 63 -15.39 -12.06 28.12
N CYS D 64 -14.26 -11.47 27.73
CA CYS D 64 -14.05 -10.03 27.87
C CYS D 64 -12.89 -9.55 27.00
N TYR D 65 -12.72 -8.24 26.93
CA TYR D 65 -11.63 -7.61 26.19
C TYR D 65 -11.31 -6.25 26.75
N THR D 66 -10.03 -6.00 26.99
CA THR D 66 -9.56 -4.69 27.42
C THR D 66 -9.08 -3.83 26.25
N LEU D 67 -9.62 -2.61 26.24
CA LEU D 67 -9.32 -1.57 25.27
C LEU D 67 -8.61 -0.45 26.03
N ASP D 68 -7.31 -0.35 25.78
CA ASP D 68 -6.44 0.54 26.49
C ASP D 68 -6.17 1.80 25.69
N GLY D 69 -6.17 2.93 26.37
CA GLY D 69 -5.87 4.22 25.76
C GLY D 69 -4.70 4.12 24.80
N ASP D 70 -3.53 3.85 25.35
CA ASP D 70 -2.26 3.78 24.59
C ASP D 70 -2.32 2.84 23.39
N ASN D 71 -2.74 1.61 23.65
CA ASN D 71 -2.93 0.56 22.62
C ASN D 71 -3.80 1.00 21.44
N ILE D 72 -4.92 1.65 21.74
CA ILE D 72 -5.88 2.14 20.74
C ILE D 72 -5.29 3.32 19.93
N ARG D 73 -4.45 4.09 20.61
CA ARG D 73 -3.75 5.18 19.98
C ARG D 73 -2.60 4.72 19.08
N GLN D 74 -2.49 3.41 18.88
CA GLN D 74 -1.57 2.85 17.91
C GLN D 74 -2.28 2.28 16.70
N GLY D 75 -3.60 2.19 16.79
CA GLY D 75 -4.41 1.67 15.72
C GLY D 75 -5.54 2.57 15.31
N LEU D 76 -6.71 2.29 15.88
CA LEU D 76 -7.95 2.99 15.56
C LEU D 76 -7.81 4.53 15.68
N ASN D 77 -7.25 4.94 16.81
CA ASN D 77 -7.11 6.33 17.18
C ASN D 77 -5.68 6.85 17.06
N LYS D 78 -4.94 6.33 16.08
CA LYS D 78 -3.58 6.73 15.85
C LYS D 78 -3.53 8.10 15.16
N ASN D 79 -4.64 8.51 14.56
CA ASN D 79 -4.67 9.81 13.89
C ASN D 79 -5.24 10.95 14.77
N LEU D 80 -5.07 10.78 16.09
CA LEU D 80 -5.60 11.71 17.08
C LEU D 80 -4.47 12.17 17.97
N GLY D 81 -4.42 13.49 18.22
CA GLY D 81 -3.52 14.04 19.23
C GLY D 81 -4.16 14.16 20.61
N PHE D 82 -3.73 15.16 21.38
CA PHE D 82 -4.11 15.33 22.79
C PHE D 82 -4.69 16.73 23.05
N SER D 83 -5.12 17.39 21.98
CA SER D 83 -5.89 18.61 22.11
C SER D 83 -7.22 18.22 22.74
N PRO D 84 -7.92 19.13 23.43
CA PRO D 84 -9.22 18.78 24.00
C PRO D 84 -10.20 18.17 22.99
N GLU D 85 -10.24 18.74 21.79
CA GLU D 85 -11.08 18.19 20.72
C GLU D 85 -10.66 16.77 20.31
N ASP D 86 -9.35 16.49 20.30
CA ASP D 86 -8.90 15.14 19.87
C ASP D 86 -9.18 14.09 20.94
N ARG D 87 -8.98 14.45 22.21
CA ARG D 87 -9.39 13.60 23.31
C ARG D 87 -10.90 13.33 23.29
N GLU D 88 -11.68 14.33 22.88
CA GLU D 88 -13.12 14.12 22.78
C GLU D 88 -13.45 13.08 21.72
N GLU D 89 -12.74 13.11 20.59
CA GLU D 89 -12.97 12.14 19.51
C GLU D 89 -12.40 10.76 19.85
N ASN D 90 -11.25 10.76 20.51
CA ASN D 90 -10.66 9.53 21.00
C ASN D 90 -11.63 8.79 21.93
N VAL D 91 -12.15 9.49 22.93
CA VAL D 91 -13.14 8.88 23.84
C VAL D 91 -14.50 8.58 23.17
N ARG D 92 -14.97 9.43 22.25
CA ARG D 92 -16.19 9.13 21.46
C ARG D 92 -16.07 7.82 20.67
N ARG D 93 -14.96 7.63 19.96
CA ARG D 93 -14.80 6.48 19.08
C ARG D 93 -14.83 5.16 19.89
N ILE D 94 -14.06 5.14 20.96
CA ILE D 94 -13.94 3.96 21.81
C ILE D 94 -15.21 3.63 22.62
N ALA D 95 -16.01 4.63 22.95
CA ALA D 95 -17.29 4.36 23.62
C ALA D 95 -18.16 3.63 22.65
N GLU D 96 -18.15 4.11 21.39
CA GLU D 96 -18.89 3.46 20.31
C GLU D 96 -18.44 2.00 20.11
N VAL D 97 -17.14 1.71 20.17
CA VAL D 97 -16.61 0.34 20.02
C VAL D 97 -16.92 -0.56 21.21
N ALA D 98 -16.82 0.04 22.39
CA ALA D 98 -17.10 -0.61 23.65
C ALA D 98 -18.54 -1.11 23.62
N LYS D 99 -19.46 -0.28 23.14
CA LYS D 99 -20.89 -0.61 23.07
C LYS D 99 -21.13 -1.84 22.16
N LEU D 100 -20.36 -1.95 21.09
CA LEU D 100 -20.38 -3.15 20.24
C LEU D 100 -19.90 -4.39 20.98
N PHE D 101 -18.79 -4.26 21.70
CA PHE D 101 -18.29 -5.34 22.56
C PHE D 101 -19.33 -5.78 23.61
N ALA D 102 -19.97 -4.82 24.29
CA ALA D 102 -21.07 -5.11 25.23
C ALA D 102 -22.28 -5.78 24.57
N ASP D 103 -22.69 -5.26 23.42
CA ASP D 103 -23.77 -5.81 22.62
C ASP D 103 -23.47 -7.23 22.11
N ALA D 104 -22.20 -7.55 21.87
CA ALA D 104 -21.80 -8.90 21.48
C ALA D 104 -21.83 -9.86 22.69
N GLY D 105 -21.95 -9.31 23.90
CA GLY D 105 -22.08 -10.12 25.11
C GLY D 105 -20.78 -10.18 25.88
N LEU D 106 -19.78 -9.42 25.45
CA LEU D 106 -18.54 -9.35 26.17
C LEU D 106 -18.58 -8.31 27.28
N VAL D 107 -17.81 -8.55 28.33
CA VAL D 107 -17.46 -7.58 29.32
C VAL D 107 -16.31 -6.75 28.72
N CYS D 108 -16.60 -5.49 28.40
CA CYS D 108 -15.62 -4.63 27.80
C CYS D 108 -15.02 -3.72 28.87
N ILE D 109 -13.69 -3.72 28.95
CA ILE D 109 -12.99 -2.87 29.92
C ILE D 109 -12.20 -1.84 29.16
N THR D 110 -12.44 -0.57 29.46
CA THR D 110 -11.64 0.48 28.87
C THR D 110 -10.70 1.05 29.95
N SER D 111 -9.50 1.45 29.53
CA SER D 111 -8.58 2.16 30.40
C SER D 111 -7.96 3.37 29.67
N PHE D 112 -8.71 4.44 29.65
CA PHE D 112 -8.27 5.68 29.00
C PHE D 112 -8.24 6.70 30.14
N ILE D 113 -7.34 7.68 30.07
CA ILE D 113 -7.32 8.77 31.07
C ILE D 113 -8.72 9.38 31.16
N SER D 114 -9.31 9.59 29.98
CA SER D 114 -10.62 10.20 29.83
C SER D 114 -10.85 11.38 30.80
N PRO D 115 -10.13 12.47 30.58
CA PRO D 115 -10.05 13.50 31.62
C PRO D 115 -11.25 14.42 31.72
N TYR D 116 -12.18 14.36 30.75
CA TYR D 116 -13.36 15.26 30.71
C TYR D 116 -14.67 14.59 31.12
N THR D 117 -15.37 15.19 32.08
CA THR D 117 -16.62 14.65 32.61
C THR D 117 -17.74 14.49 31.57
N GLN D 118 -17.88 15.47 30.68
CA GLN D 118 -18.93 15.46 29.69
C GLN D 118 -18.77 14.29 28.71
N ASP D 119 -17.53 14.03 28.30
CA ASP D 119 -17.24 12.92 27.41
C ASP D 119 -17.45 11.54 28.06
N ARG D 120 -17.04 11.36 29.32
CA ARG D 120 -17.35 10.11 30.05
C ARG D 120 -18.88 9.89 30.23
N ASN D 121 -19.60 10.99 30.47
CA ASN D 121 -21.07 11.03 30.57
C ASN D 121 -21.68 10.65 29.22
N ASN D 122 -21.02 11.10 28.14
CA ASN D 122 -21.48 10.79 26.78
C ASN D 122 -21.35 9.30 26.50
N ALA D 123 -20.20 8.73 26.92
CA ALA D 123 -19.92 7.32 26.76
C ALA D 123 -20.94 6.48 27.50
N ARG D 124 -21.28 6.94 28.71
CA ARG D 124 -22.35 6.33 29.53
C ARG D 124 -23.72 6.32 28.84
N GLN D 125 -24.12 7.47 28.33
CA GLN D 125 -25.41 7.62 27.66
C GLN D 125 -25.50 6.70 26.44
N ILE D 126 -24.38 6.57 25.72
CA ILE D 126 -24.25 5.68 24.57
C ILE D 126 -24.69 4.25 24.96
N HIS D 127 -24.25 3.81 26.13
CA HIS D 127 -24.58 2.49 26.68
C HIS D 127 -25.97 2.40 27.31
N GLU D 128 -26.28 3.33 28.21
CA GLU D 128 -27.54 3.30 28.94
C GLU D 128 -28.75 3.49 28.05
N GLY D 129 -28.58 4.23 26.97
CA GLY D 129 -29.62 4.36 25.97
C GLY D 129 -29.93 3.02 25.32
N ALA D 130 -28.88 2.20 25.15
CA ALA D 130 -29.01 0.88 24.52
C ALA D 130 -29.17 -0.25 25.53
N SER D 131 -29.56 0.11 26.77
CA SER D 131 -29.85 -0.83 27.85
C SER D 131 -28.68 -1.77 28.26
N LEU D 132 -27.48 -1.21 28.22
CA LEU D 132 -26.28 -1.95 28.57
C LEU D 132 -25.67 -1.30 29.80
N PRO D 133 -25.37 -2.13 30.83
CA PRO D 133 -24.67 -1.67 32.03
C PRO D 133 -23.35 -0.97 31.70
N PHE D 134 -23.08 0.11 32.44
CA PHE D 134 -21.91 0.92 32.30
C PHE D 134 -21.44 1.26 33.72
N PHE D 135 -20.21 0.89 34.02
CA PHE D 135 -19.66 1.03 35.37
C PHE D 135 -18.42 1.86 35.31
N GLU D 136 -18.52 3.05 35.90
CA GLU D 136 -17.43 4.00 35.93
C GLU D 136 -16.58 3.78 37.18
N VAL D 137 -15.29 3.54 36.95
CA VAL D 137 -14.37 3.28 38.03
C VAL D 137 -13.28 4.36 38.01
N PHE D 138 -13.28 5.19 39.05
CA PHE D 138 -12.27 6.21 39.23
C PHE D 138 -11.04 5.63 39.88
N VAL D 139 -9.95 5.62 39.12
CA VAL D 139 -8.69 5.10 39.59
C VAL D 139 -7.96 6.29 40.20
N ASP D 140 -8.05 6.36 41.53
CA ASP D 140 -7.74 7.57 42.30
C ASP D 140 -6.43 7.38 43.04
N ALA D 141 -5.40 8.08 42.56
CA ALA D 141 -4.12 8.18 43.21
C ALA D 141 -3.64 9.60 43.01
N PRO D 142 -3.00 10.21 44.05
CA PRO D 142 -2.49 11.58 43.99
C PRO D 142 -1.52 11.78 42.83
N LEU D 143 -1.35 13.02 42.38
CA LEU D 143 -0.31 13.38 41.42
C LEU D 143 1.04 12.81 41.83
N HIS D 144 1.51 13.16 43.05
CA HIS D 144 2.85 12.76 43.48
C HIS D 144 3.06 11.26 43.32
N VAL D 145 2.10 10.47 43.80
CA VAL D 145 2.18 9.01 43.72
C VAL D 145 2.35 8.52 42.27
N CYS D 146 1.48 9.00 41.36
CA CYS D 146 1.59 8.75 39.91
C CYS D 146 2.95 9.21 39.34
N GLU D 147 3.44 10.34 39.82
CA GLU D 147 4.73 10.90 39.40
C GLU D 147 5.90 10.11 39.96
N GLN D 148 5.73 9.58 41.18
CA GLN D 148 6.71 8.72 41.84
C GLN D 148 6.67 7.27 41.29
N ARG D 149 5.68 6.99 40.44
CA ARG D 149 5.49 5.66 39.88
C ARG D 149 6.20 5.41 38.56
N ASP D 150 5.99 6.34 37.62
CA ASP D 150 6.33 6.15 36.20
C ASP D 150 7.69 5.52 35.94
N VAL D 151 7.68 4.25 35.52
CA VAL D 151 8.89 3.60 34.98
C VAL D 151 9.24 4.31 33.68
N LYS D 152 8.19 4.79 32.99
CA LYS D 152 8.32 5.44 31.69
C LYS D 152 9.18 6.68 31.80
N GLY D 153 8.63 7.76 32.34
CA GLY D 153 9.37 8.99 32.55
C GLY D 153 8.80 10.12 31.73
N LEU D 154 7.50 10.07 31.49
CA LEU D 154 6.78 11.08 30.72
C LEU D 154 6.60 12.38 31.50
N TYR D 155 6.23 12.25 32.78
CA TYR D 155 6.01 13.40 33.66
C TYR D 155 7.19 14.38 33.66
N LYS D 156 8.40 13.82 33.67
CA LYS D 156 9.62 14.60 33.59
C LYS D 156 9.78 15.30 32.23
N LYS D 157 9.47 14.58 31.15
CA LYS D 157 9.48 15.16 29.81
C LYS D 157 8.48 16.30 29.69
N ALA D 158 7.28 16.06 30.22
CA ALA D 158 6.21 17.06 30.28
C ALA D 158 6.65 18.28 31.08
N ARG D 159 7.39 18.05 32.17
CA ARG D 159 7.92 19.13 32.97
C ARG D 159 9.03 19.88 32.23
N ALA D 160 9.86 19.13 31.52
CA ALA D 160 10.94 19.70 30.69
C ALA D 160 10.45 20.44 29.43
N GLY D 161 9.14 20.40 29.19
CA GLY D 161 8.55 21.05 28.03
C GLY D 161 8.57 20.19 26.77
N GLU D 162 9.00 18.94 26.90
CA GLU D 162 9.06 18.02 25.77
C GLU D 162 7.68 17.52 25.33
N ILE D 163 6.75 17.42 26.29
CA ILE D 163 5.35 17.12 25.96
C ILE D 163 4.47 18.28 26.43
N LYS D 164 3.59 18.74 25.53
CA LYS D 164 2.69 19.87 25.82
C LYS D 164 1.32 19.32 26.15
N GLY D 165 0.55 20.06 26.96
CA GLY D 165 -0.81 19.67 27.34
C GLY D 165 -0.91 18.30 27.94
N PHE D 166 0.09 17.94 28.75
CA PHE D 166 0.11 16.66 29.46
C PHE D 166 -0.81 16.71 30.68
N THR D 167 -1.65 15.70 30.79
CA THR D 167 -2.68 15.60 31.83
C THR D 167 -2.08 15.57 33.22
N GLY D 168 -2.47 16.53 34.06
CA GLY D 168 -1.99 16.61 35.45
C GLY D 168 -0.89 17.65 35.62
N ILE D 169 -0.48 18.24 34.49
CA ILE D 169 0.55 19.28 34.47
C ILE D 169 -0.05 20.52 33.81
N ASP D 170 0.07 20.63 32.49
CA ASP D 170 -0.50 21.76 31.78
C ASP D 170 -1.90 21.51 31.22
N SER D 171 -2.37 20.26 31.32
CA SER D 171 -3.76 19.95 31.01
C SER D 171 -4.43 19.37 32.24
N GLU D 172 -5.69 19.75 32.44
CA GLU D 172 -6.45 19.34 33.63
C GLU D 172 -7.10 17.95 33.57
N TYR D 173 -7.38 17.40 34.74
CA TYR D 173 -8.19 16.21 34.90
C TYR D 173 -9.47 16.53 35.70
N GLU D 174 -10.62 16.19 35.12
CA GLU D 174 -11.93 16.39 35.78
C GLU D 174 -12.42 15.13 36.48
N LYS D 175 -12.25 15.06 37.80
CA LYS D 175 -12.58 13.83 38.55
C LYS D 175 -14.06 13.50 38.47
N PRO D 176 -14.41 12.19 38.43
CA PRO D 176 -15.82 11.80 38.49
C PRO D 176 -16.52 12.26 39.76
N GLU D 177 -17.78 12.66 39.61
CA GLU D 177 -18.63 13.11 40.71
C GLU D 177 -19.33 11.90 41.36
N ALA D 178 -20.06 11.13 40.57
CA ALA D 178 -20.79 9.96 41.08
C ALA D 178 -20.38 8.60 40.49
N PRO D 179 -19.09 8.21 40.61
CA PRO D 179 -18.72 6.94 40.01
C PRO D 179 -19.23 5.74 40.81
N GLU D 180 -19.48 4.62 40.14
CA GLU D 180 -19.95 3.37 40.79
C GLU D 180 -18.92 2.80 41.78
N LEU D 181 -17.64 3.08 41.53
CA LEU D 181 -16.55 2.63 42.39
C LEU D 181 -15.37 3.59 42.31
N VAL D 182 -14.71 3.78 43.46
CA VAL D 182 -13.46 4.53 43.54
C VAL D 182 -12.33 3.62 44.05
N LEU D 183 -11.32 3.42 43.21
CA LEU D 183 -10.15 2.60 43.56
C LEU D 183 -8.99 3.45 44.00
N LYS D 184 -8.66 3.37 45.30
CA LYS D 184 -7.50 4.09 45.83
C LYS D 184 -6.27 3.20 45.71
N THR D 185 -5.43 3.48 44.71
CA THR D 185 -4.29 2.63 44.40
C THR D 185 -3.01 3.08 45.16
N ASP D 186 -3.09 4.26 45.77
CA ASP D 186 -2.02 4.80 46.63
C ASP D 186 -1.79 3.96 47.88
N SER D 187 -2.76 3.14 48.23
CA SER D 187 -2.79 2.40 49.48
C SER D 187 -3.27 0.96 49.32
N CYS D 188 -4.05 0.72 48.27
CA CYS D 188 -4.63 -0.59 47.99
C CYS D 188 -3.78 -1.38 46.99
N ASP D 189 -3.64 -2.69 47.23
CA ASP D 189 -2.93 -3.63 46.34
C ASP D 189 -3.58 -3.75 44.97
N VAL D 190 -2.94 -4.47 44.06
CA VAL D 190 -3.49 -4.74 42.72
C VAL D 190 -4.61 -5.78 42.78
N ASN D 191 -4.36 -6.90 43.47
CA ASN D 191 -5.37 -7.94 43.63
C ASN D 191 -6.56 -7.45 44.46
N ASP D 192 -6.31 -6.49 45.34
CA ASP D 192 -7.36 -5.87 46.15
C ASP D 192 -8.23 -4.93 45.31
N CYS D 193 -7.61 -4.21 44.37
CA CYS D 193 -8.36 -3.38 43.42
C CYS D 193 -9.24 -4.24 42.51
N VAL D 194 -8.68 -5.34 42.00
CA VAL D 194 -9.46 -6.27 41.18
C VAL D 194 -10.64 -6.88 41.93
N GLN D 195 -10.45 -7.20 43.21
CA GLN D 195 -11.52 -7.81 43.98
C GLN D 195 -12.63 -6.82 44.23
N GLN D 196 -12.27 -5.54 44.33
CA GLN D 196 -13.26 -4.47 44.48
C GLN D 196 -14.17 -4.32 43.24
N VAL D 197 -13.58 -4.32 42.05
CA VAL D 197 -14.37 -4.30 40.80
C VAL D 197 -15.27 -5.55 40.69
N VAL D 198 -14.72 -6.70 41.04
CA VAL D 198 -15.47 -7.97 40.98
C VAL D 198 -16.72 -7.97 41.87
N GLU D 199 -16.58 -7.43 43.09
CA GLU D 199 -17.69 -7.23 44.03
C GLU D 199 -18.76 -6.34 43.41
N LEU D 200 -18.33 -5.23 42.81
CA LEU D 200 -19.24 -4.34 42.08
C LEU D 200 -20.02 -5.13 41.01
N LEU D 201 -19.31 -5.95 40.24
CA LEU D 201 -19.94 -6.76 39.20
C LEU D 201 -20.76 -7.89 39.78
N ASN D 202 -20.32 -8.42 40.92
CA ASN D 202 -21.07 -9.42 41.68
C ASN D 202 -22.49 -8.89 41.99
N GLU D 203 -22.55 -7.68 42.53
CA GLU D 203 -23.80 -7.00 42.90
C GLU D 203 -24.72 -6.72 41.73
N ARG D 204 -24.14 -6.53 40.54
CA ARG D 204 -24.90 -6.13 39.35
C ARG D 204 -25.30 -7.29 38.43
N ASP D 205 -25.15 -8.51 38.94
CA ASP D 205 -25.57 -9.74 38.25
C ASP D 205 -24.78 -10.05 36.95
N ILE D 206 -23.62 -9.43 36.80
CA ILE D 206 -22.73 -9.72 35.67
C ILE D 206 -21.77 -10.86 36.03
N LEU D 207 -21.35 -10.87 37.28
CA LEU D 207 -20.49 -11.93 37.78
C LEU D 207 -21.21 -12.75 38.86
N PRO D 208 -21.23 -14.09 38.71
CA PRO D 208 -21.80 -14.99 39.73
C PRO D 208 -21.09 -14.90 41.10
N ALA E 6 5.52 -6.88 4.47
CA ALA E 6 6.12 -5.82 5.37
C ALA E 6 5.09 -5.32 6.38
N THR E 7 4.91 -6.10 7.44
CA THR E 7 4.01 -5.76 8.54
C THR E 7 4.77 -5.13 9.72
N ASN E 8 4.04 -4.35 10.52
CA ASN E 8 4.53 -3.77 11.76
C ASN E 8 5.71 -2.83 11.57
N VAL E 9 5.57 -2.02 10.53
CA VAL E 9 6.56 -1.04 10.14
C VAL E 9 6.02 0.37 10.39
N THR E 10 6.89 1.22 10.90
CA THR E 10 6.52 2.55 11.36
C THR E 10 7.38 3.60 10.69
N TYR E 11 6.72 4.49 9.95
CA TYR E 11 7.37 5.62 9.32
C TYR E 11 8.15 6.45 10.35
N GLN E 12 9.36 6.85 9.97
CA GLN E 12 10.20 7.69 10.81
C GLN E 12 10.56 8.95 10.07
N ALA E 13 10.18 10.10 10.65
CA ALA E 13 10.46 11.40 10.03
C ALA E 13 11.94 11.78 10.05
N HIS E 14 12.39 12.42 8.97
CA HIS E 14 13.70 13.08 8.93
C HIS E 14 13.62 14.38 9.70
N HIS E 15 14.75 14.83 10.24
CA HIS E 15 14.78 16.11 10.97
C HIS E 15 15.02 17.31 10.05
N VAL E 16 15.52 17.04 8.84
CA VAL E 16 15.86 18.09 7.89
C VAL E 16 14.73 18.39 6.91
N SER E 17 14.44 19.68 6.74
CA SER E 17 13.47 20.13 5.75
C SER E 17 14.09 20.11 4.35
N ARG E 18 13.26 20.16 3.32
CA ARG E 18 13.72 20.28 1.92
C ARG E 18 14.41 21.62 1.66
N ASN E 19 13.89 22.67 2.30
CA ASN E 19 14.47 24.04 2.27
C ASN E 19 15.92 24.07 2.75
N LYS E 20 16.20 23.36 3.83
CA LYS E 20 17.56 23.20 4.36
C LYS E 20 18.45 22.36 3.43
N ARG E 21 17.87 21.33 2.80
CA ARG E 21 18.58 20.48 1.84
C ARG E 21 18.96 21.31 0.62
N GLY E 22 18.06 22.19 0.21
CA GLY E 22 18.28 23.11 -0.90
C GLY E 22 19.39 24.11 -0.66
N GLN E 23 19.57 24.51 0.61
CA GLN E 23 20.67 25.39 1.00
C GLN E 23 21.99 24.65 0.87
N VAL E 24 21.97 23.40 1.30
CA VAL E 24 23.16 22.59 1.48
C VAL E 24 23.64 21.96 0.17
N VAL E 25 22.69 21.58 -0.69
CA VAL E 25 23.01 20.91 -1.96
C VAL E 25 23.60 21.84 -3.03
N GLY E 26 22.90 22.90 -3.41
CA GLY E 26 23.33 23.76 -4.51
C GLY E 26 24.59 24.57 -4.26
N THR E 27 25.23 25.03 -5.33
CA THR E 27 26.11 26.21 -5.30
C THR E 27 25.20 27.43 -5.45
N ARG E 28 24.07 27.20 -6.13
CA ARG E 28 22.93 28.09 -6.08
C ARG E 28 21.86 27.44 -5.19
N GLY E 29 21.58 28.06 -4.05
CA GLY E 29 20.63 27.52 -3.07
C GLY E 29 19.20 27.35 -3.58
N GLY E 30 18.32 26.92 -2.69
CA GLY E 30 16.94 26.60 -3.05
C GLY E 30 16.84 25.17 -3.55
N PHE E 31 15.75 24.50 -3.17
CA PHE E 31 15.55 23.09 -3.47
C PHE E 31 15.15 22.91 -4.94
N ARG E 32 15.91 22.07 -5.64
CA ARG E 32 15.69 21.78 -7.04
C ARG E 32 15.53 20.28 -7.35
N GLY E 33 15.13 19.51 -6.33
CA GLY E 33 14.94 18.05 -6.48
C GLY E 33 13.80 17.63 -7.40
N CYS E 34 14.10 16.71 -8.31
CA CYS E 34 13.14 16.23 -9.31
C CYS E 34 13.67 15.01 -10.11
N THR E 35 12.83 14.52 -11.02
CA THR E 35 13.17 13.39 -11.89
C THR E 35 12.75 13.65 -13.35
N ILE E 36 13.73 13.61 -14.22
CA ILE E 36 13.53 13.60 -15.66
C ILE E 36 13.50 12.14 -16.07
N TRP E 37 12.35 11.69 -16.52
CA TRP E 37 12.15 10.26 -16.84
C TRP E 37 12.17 10.04 -18.34
N LEU E 38 13.26 9.44 -18.83
CA LEU E 38 13.33 9.13 -20.26
C LEU E 38 12.72 7.76 -20.58
N THR E 39 11.96 7.73 -21.66
CA THR E 39 11.30 6.53 -22.15
C THR E 39 11.51 6.41 -23.67
N GLY E 40 11.69 5.19 -24.16
CA GLY E 40 11.97 4.95 -25.56
C GLY E 40 12.43 3.56 -25.93
N LEU E 41 12.45 3.27 -27.24
CA LEU E 41 12.89 1.97 -27.75
C LEU E 41 14.38 1.80 -27.52
N SER E 42 14.84 0.55 -27.50
CA SER E 42 16.26 0.23 -27.52
C SER E 42 16.94 0.93 -28.73
N GLY E 43 17.96 1.72 -28.44
CA GLY E 43 18.73 2.42 -29.48
C GLY E 43 18.19 3.78 -29.88
N ALA E 44 17.04 4.18 -29.31
CA ALA E 44 16.42 5.47 -29.63
C ALA E 44 17.24 6.69 -29.15
N GLY E 45 18.12 6.48 -28.16
CA GLY E 45 19.03 7.53 -27.68
C GLY E 45 18.91 7.96 -26.21
N LYS E 46 18.25 7.14 -25.39
CA LYS E 46 18.01 7.49 -23.97
C LYS E 46 19.29 7.74 -23.18
N THR E 47 20.21 6.79 -23.20
CA THR E 47 21.45 6.90 -22.45
C THR E 47 22.33 8.03 -22.99
N THR E 48 22.48 8.07 -24.30
CA THR E 48 23.19 9.15 -24.95
C THR E 48 22.75 10.50 -24.38
N VAL E 49 21.44 10.73 -24.34
CA VAL E 49 20.87 11.96 -23.77
C VAL E 49 21.12 12.13 -22.25
N SER E 50 20.80 11.09 -21.48
CA SER E 50 20.88 11.16 -20.02
C SER E 50 22.29 11.46 -19.52
N MET E 51 23.28 10.77 -20.06
CA MET E 51 24.68 11.00 -19.67
C MET E 51 25.17 12.40 -20.08
N ALA E 52 24.75 12.86 -21.26
CA ALA E 52 25.10 14.22 -21.69
C ALA E 52 24.33 15.29 -20.93
N LEU E 53 23.09 15.00 -20.55
CA LEU E 53 22.30 15.87 -19.66
C LEU E 53 22.98 15.99 -18.30
N GLU E 54 23.39 14.85 -17.74
CA GLU E 54 24.11 14.83 -16.47
C GLU E 54 25.39 15.68 -16.50
N GLU E 55 26.08 15.66 -17.65
CA GLU E 55 27.33 16.40 -17.81
C GLU E 55 27.06 17.90 -17.93
N TYR E 56 25.98 18.26 -18.61
CA TYR E 56 25.58 19.66 -18.69
C TYR E 56 25.27 20.19 -17.29
N LEU E 57 24.46 19.45 -16.53
CA LEU E 57 24.04 19.86 -15.19
C LEU E 57 25.20 20.04 -14.22
N VAL E 58 26.09 19.06 -14.14
CA VAL E 58 27.25 19.13 -13.25
C VAL E 58 28.12 20.35 -13.62
N CYS E 59 28.39 20.53 -14.91
CA CYS E 59 29.18 21.66 -15.42
C CYS E 59 28.58 23.02 -15.11
N HIS E 60 27.25 23.08 -14.97
CA HIS E 60 26.59 24.33 -14.60
C HIS E 60 26.18 24.30 -13.15
N GLY E 61 27.03 23.70 -12.33
CA GLY E 61 26.88 23.70 -10.87
C GLY E 61 25.65 23.04 -10.28
N ILE E 62 24.93 22.23 -11.07
CA ILE E 62 23.70 21.56 -10.60
C ILE E 62 23.94 20.07 -10.36
N PRO E 63 23.90 19.64 -9.08
CA PRO E 63 24.12 18.24 -8.71
C PRO E 63 23.00 17.32 -9.22
N CYS E 64 23.37 16.17 -9.74
CA CYS E 64 22.43 15.32 -10.45
C CYS E 64 22.93 13.88 -10.51
N TYR E 65 22.05 12.95 -10.83
CA TYR E 65 22.47 11.56 -10.92
C TYR E 65 21.64 10.73 -11.90
N THR E 66 22.34 10.09 -12.83
CA THR E 66 21.71 9.28 -13.85
C THR E 66 21.60 7.82 -13.46
N LEU E 67 20.35 7.35 -13.41
CA LEU E 67 20.05 5.93 -13.20
C LEU E 67 19.70 5.31 -14.55
N ASP E 68 20.60 4.49 -15.06
CA ASP E 68 20.42 3.93 -16.37
C ASP E 68 20.02 2.46 -16.25
N GLY E 69 19.03 2.08 -17.04
CA GLY E 69 18.45 0.73 -17.05
C GLY E 69 19.44 -0.41 -17.10
N ASP E 70 20.44 -0.26 -17.97
CA ASP E 70 21.45 -1.31 -18.14
C ASP E 70 22.37 -1.43 -16.93
N ASN E 71 22.84 -0.28 -16.44
CA ASN E 71 23.64 -0.20 -15.22
C ASN E 71 22.93 -0.78 -13.99
N ILE E 72 21.66 -0.41 -13.84
CA ILE E 72 20.81 -0.82 -12.71
C ILE E 72 20.53 -2.32 -12.75
N ARG E 73 20.38 -2.87 -13.95
CA ARG E 73 20.16 -4.32 -14.14
C ARG E 73 21.40 -5.17 -13.86
N GLN E 74 22.52 -4.52 -13.60
CA GLN E 74 23.72 -5.26 -13.20
C GLN E 74 23.96 -5.24 -11.69
N GLY E 75 23.09 -4.56 -10.96
CA GLY E 75 23.24 -4.38 -9.52
C GLY E 75 21.91 -4.51 -8.80
N LEU E 76 21.29 -3.38 -8.49
CA LEU E 76 20.00 -3.40 -7.77
C LEU E 76 19.00 -4.38 -8.40
N ASN E 77 18.89 -4.35 -9.73
CA ASN E 77 17.86 -5.11 -10.43
C ASN E 77 18.40 -6.29 -11.22
N LYS E 78 19.52 -6.84 -10.76
CA LYS E 78 20.17 -8.01 -11.36
C LYS E 78 19.33 -9.29 -11.19
N ASN E 79 18.42 -9.29 -10.24
CA ASN E 79 17.57 -10.46 -10.07
C ASN E 79 16.26 -10.42 -10.85
N LEU E 80 16.15 -9.49 -11.80
CA LEU E 80 14.96 -9.37 -12.63
C LEU E 80 15.25 -9.65 -14.11
N GLY E 81 14.28 -10.28 -14.79
CA GLY E 81 14.33 -10.47 -16.22
C GLY E 81 13.48 -9.50 -17.02
N PHE E 82 12.95 -9.97 -18.15
CA PHE E 82 12.19 -9.11 -19.08
C PHE E 82 10.74 -9.56 -19.26
N SER E 83 10.24 -10.33 -18.32
CA SER E 83 8.82 -10.65 -18.33
C SER E 83 8.07 -9.36 -18.03
N PRO E 84 6.78 -9.30 -18.45
CA PRO E 84 5.90 -8.18 -18.09
C PRO E 84 5.98 -7.86 -16.60
N GLU E 85 5.98 -8.92 -15.80
CA GLU E 85 5.98 -8.78 -14.36
C GLU E 85 7.33 -8.26 -13.86
N ASP E 86 8.42 -8.76 -14.41
CA ASP E 86 9.78 -8.30 -14.05
C ASP E 86 10.06 -6.86 -14.47
N ARG E 87 9.61 -6.48 -15.66
CA ARG E 87 9.64 -5.08 -16.15
C ARG E 87 8.82 -4.08 -15.29
N GLU E 88 7.64 -4.49 -14.82
CA GLU E 88 6.91 -3.70 -13.82
C GLU E 88 7.71 -3.45 -12.51
N GLU E 89 8.29 -4.52 -11.98
CA GLU E 89 9.11 -4.42 -10.76
C GLU E 89 10.38 -3.61 -11.00
N ASN E 90 10.95 -3.72 -12.19
CA ASN E 90 12.19 -2.98 -12.56
C ASN E 90 11.93 -1.49 -12.48
N VAL E 91 10.85 -1.04 -13.11
CA VAL E 91 10.48 0.37 -13.14
C VAL E 91 9.99 0.85 -11.75
N ARG E 92 9.28 -0.01 -11.01
CA ARG E 92 8.76 0.34 -9.67
C ARG E 92 9.88 0.59 -8.69
N ARG E 93 10.87 -0.29 -8.68
CA ARG E 93 12.00 -0.12 -7.79
C ARG E 93 12.76 1.14 -8.14
N ILE E 94 12.94 1.42 -9.43
CA ILE E 94 13.71 2.62 -9.76
C ILE E 94 12.92 3.93 -9.61
N ALA E 95 11.60 3.90 -9.85
CA ALA E 95 10.77 5.05 -9.48
C ALA E 95 10.97 5.41 -8.00
N GLU E 96 11.09 4.39 -7.16
CA GLU E 96 11.25 4.55 -5.71
C GLU E 96 12.61 5.11 -5.37
N VAL E 97 13.63 4.56 -6.02
CA VAL E 97 14.99 5.06 -5.87
C VAL E 97 15.12 6.49 -6.40
N ALA E 98 14.55 6.76 -7.56
CA ALA E 98 14.52 8.12 -8.11
C ALA E 98 13.81 9.15 -7.19
N LYS E 99 12.70 8.75 -6.57
CA LYS E 99 12.03 9.59 -5.56
C LYS E 99 12.94 10.01 -4.37
N LEU E 100 13.76 9.07 -3.87
CA LEU E 100 14.74 9.37 -2.82
C LEU E 100 15.85 10.35 -3.25
N PHE E 101 16.35 10.18 -4.47
CA PHE E 101 17.38 11.06 -5.04
C PHE E 101 16.79 12.46 -5.24
N ALA E 102 15.61 12.53 -5.82
CA ALA E 102 14.84 13.80 -5.92
C ALA E 102 14.51 14.40 -4.53
N ASP E 103 14.15 13.56 -3.54
CA ASP E 103 13.93 14.06 -2.16
C ASP E 103 15.22 14.65 -1.56
N ALA E 104 16.38 14.13 -1.98
CA ALA E 104 17.67 14.58 -1.46
C ALA E 104 18.20 15.91 -2.04
N GLY E 105 17.59 16.37 -3.14
CA GLY E 105 17.92 17.66 -3.79
C GLY E 105 18.65 17.55 -5.11
N LEU E 106 18.82 16.31 -5.58
CA LEU E 106 19.48 16.04 -6.85
C LEU E 106 18.48 15.96 -7.97
N VAL E 107 18.93 16.30 -9.17
CA VAL E 107 18.15 16.07 -10.37
C VAL E 107 18.47 14.66 -10.79
N CYS E 108 17.47 13.79 -10.68
CA CYS E 108 17.60 12.39 -11.01
C CYS E 108 17.16 12.22 -12.46
N ILE E 109 17.92 11.46 -13.23
CA ILE E 109 17.56 11.18 -14.61
C ILE E 109 17.56 9.67 -14.75
N THR E 110 16.43 9.09 -15.11
CA THR E 110 16.38 7.68 -15.44
C THR E 110 16.34 7.52 -16.95
N SER E 111 17.04 6.50 -17.44
CA SER E 111 16.98 6.16 -18.85
C SER E 111 16.72 4.66 -18.97
N PHE E 112 15.46 4.28 -18.76
CA PHE E 112 14.96 2.90 -18.92
C PHE E 112 14.07 2.87 -20.15
N ILE E 113 13.92 1.71 -20.79
CA ILE E 113 12.93 1.59 -21.87
C ILE E 113 11.53 1.93 -21.34
N SER E 114 11.21 1.48 -20.13
CA SER E 114 9.90 1.68 -19.51
C SER E 114 8.73 1.57 -20.51
N PRO E 115 8.49 0.36 -21.02
CA PRO E 115 7.57 0.15 -22.16
C PRO E 115 6.08 0.24 -21.86
N TYR E 116 5.72 0.30 -20.57
CA TYR E 116 4.32 0.28 -20.13
C TYR E 116 3.80 1.57 -19.54
N THR E 117 2.78 2.09 -20.19
CA THR E 117 2.02 3.26 -19.78
C THR E 117 1.73 3.27 -18.27
N GLN E 118 1.19 2.16 -17.77
CA GLN E 118 0.67 2.08 -16.40
C GLN E 118 1.79 2.18 -15.38
N ASP E 119 2.96 1.67 -15.73
CA ASP E 119 4.10 1.72 -14.85
C ASP E 119 4.76 3.11 -14.86
N ARG E 120 4.91 3.74 -16.03
CA ARG E 120 5.40 5.13 -16.05
C ARG E 120 4.47 6.01 -15.24
N ASN E 121 3.17 5.83 -15.44
CA ASN E 121 2.17 6.58 -14.70
C ASN E 121 2.29 6.32 -13.20
N ASN E 122 2.55 5.07 -12.81
CA ASN E 122 2.79 4.74 -11.40
C ASN E 122 3.95 5.55 -10.80
N ALA E 123 5.05 5.63 -11.56
CA ALA E 123 6.25 6.38 -11.16
C ALA E 123 6.00 7.88 -10.97
N ARG E 124 5.17 8.43 -11.85
CA ARG E 124 4.72 9.81 -11.76
C ARG E 124 3.99 10.08 -10.44
N GLN E 125 3.01 9.23 -10.11
CA GLN E 125 2.22 9.36 -8.88
C GLN E 125 3.06 9.21 -7.61
N ILE E 126 4.03 8.28 -7.62
CA ILE E 126 5.03 8.17 -6.55
C ILE E 126 5.70 9.53 -6.28
N HIS E 127 6.06 10.23 -7.34
CA HIS E 127 6.72 11.53 -7.23
C HIS E 127 5.76 12.61 -6.76
N GLU E 128 4.57 12.61 -7.37
CA GLU E 128 3.48 13.49 -6.94
C GLU E 128 3.06 13.28 -5.48
N GLY E 129 2.91 12.04 -5.06
CA GLY E 129 2.67 11.71 -3.65
C GLY E 129 3.60 12.46 -2.70
N ALA E 130 4.86 12.61 -3.09
CA ALA E 130 5.85 13.35 -2.28
C ALA E 130 6.09 14.78 -2.74
N SER E 131 5.23 15.27 -3.63
CA SER E 131 5.29 16.65 -4.17
C SER E 131 6.65 16.94 -4.83
N LEU E 132 7.12 15.99 -5.65
CA LEU E 132 8.36 16.20 -6.40
C LEU E 132 8.03 16.32 -7.88
N PRO E 133 8.63 17.31 -8.54
CA PRO E 133 8.42 17.45 -9.97
C PRO E 133 8.90 16.21 -10.73
N PHE E 134 8.12 15.81 -11.72
CA PHE E 134 8.39 14.63 -12.51
C PHE E 134 8.13 14.98 -13.97
N PHE E 135 9.15 14.79 -14.81
CA PHE E 135 9.05 15.18 -16.22
C PHE E 135 9.25 13.94 -17.10
N GLU E 136 8.21 13.53 -17.81
CA GLU E 136 8.31 12.40 -18.74
C GLU E 136 8.83 12.87 -20.09
N VAL E 137 9.92 12.25 -20.56
CA VAL E 137 10.54 12.63 -21.83
C VAL E 137 10.57 11.47 -22.79
N PHE E 138 9.72 11.54 -23.80
CA PHE E 138 9.66 10.52 -24.82
C PHE E 138 10.80 10.74 -25.81
N VAL E 139 11.76 9.81 -25.80
CA VAL E 139 12.90 9.83 -26.72
C VAL E 139 12.45 9.05 -27.94
N ASP E 140 11.94 9.75 -28.94
CA ASP E 140 11.24 9.14 -30.05
C ASP E 140 12.06 9.07 -31.34
N ALA E 141 12.50 7.87 -31.67
CA ALA E 141 12.97 7.53 -33.01
C ALA E 141 12.13 6.36 -33.49
N PRO E 142 11.74 6.34 -34.79
CA PRO E 142 11.04 5.17 -35.32
C PRO E 142 11.91 3.92 -35.27
N LEU E 143 11.26 2.76 -35.27
CA LEU E 143 11.91 1.44 -35.14
C LEU E 143 12.98 1.11 -36.18
N HIS E 144 12.79 1.50 -37.43
CA HIS E 144 13.76 1.13 -38.46
C HIS E 144 15.06 1.95 -38.31
N VAL E 145 14.95 3.12 -37.68
CA VAL E 145 16.12 3.94 -37.31
C VAL E 145 16.89 3.28 -36.16
N CYS E 146 16.17 2.80 -35.15
CA CYS E 146 16.76 2.06 -34.03
C CYS E 146 17.48 0.81 -34.51
N GLU E 147 16.79 0.04 -35.35
CA GLU E 147 17.31 -1.18 -35.97
C GLU E 147 18.46 -0.92 -36.95
N GLN E 148 18.60 0.35 -37.37
CA GLN E 148 19.68 0.78 -38.27
C GLN E 148 20.96 1.04 -37.52
N ARG E 149 20.87 1.86 -36.45
CA ARG E 149 21.98 2.12 -35.54
C ARG E 149 22.50 0.80 -34.96
N ASP E 150 21.59 0.02 -34.38
CA ASP E 150 21.88 -1.27 -33.72
C ASP E 150 23.28 -1.36 -33.14
N VAL E 151 23.58 -0.36 -32.32
CA VAL E 151 24.93 -0.14 -31.76
C VAL E 151 25.50 -1.35 -31.04
N LYS E 152 24.62 -2.17 -30.47
CA LYS E 152 25.03 -3.25 -29.60
C LYS E 152 24.76 -4.61 -30.19
N GLY E 153 24.26 -4.64 -31.43
CA GLY E 153 23.97 -5.89 -32.13
C GLY E 153 22.73 -6.63 -31.65
N LEU E 154 21.90 -5.95 -30.86
CA LEU E 154 20.72 -6.57 -30.25
C LEU E 154 19.57 -6.83 -31.21
N TYR E 155 19.36 -5.93 -32.16
CA TYR E 155 18.30 -6.10 -33.13
C TYR E 155 18.58 -7.27 -34.07
N LYS E 156 19.84 -7.44 -34.47
CA LYS E 156 20.25 -8.58 -35.30
C LYS E 156 19.97 -9.92 -34.61
N LYS E 157 20.38 -10.03 -33.37
CA LYS E 157 20.12 -11.22 -32.58
C LYS E 157 18.62 -11.46 -32.37
N ALA E 158 17.88 -10.38 -32.11
CA ALA E 158 16.43 -10.45 -31.92
C ALA E 158 15.74 -10.98 -33.19
N ARG E 159 16.09 -10.42 -34.35
CA ARG E 159 15.57 -10.86 -35.66
C ARG E 159 15.92 -12.31 -35.98
N ALA E 160 17.06 -12.75 -35.46
CA ALA E 160 17.62 -14.07 -35.75
C ALA E 160 17.20 -15.13 -34.73
N GLY E 161 16.22 -14.78 -33.90
CA GLY E 161 15.69 -15.73 -32.90
C GLY E 161 16.62 -16.01 -31.73
N GLU E 162 17.62 -15.16 -31.54
CA GLU E 162 18.57 -15.36 -30.43
C GLU E 162 18.15 -14.65 -29.14
N ILE E 163 17.38 -13.57 -29.28
CA ILE E 163 16.77 -12.93 -28.11
C ILE E 163 15.28 -12.93 -28.33
N LYS E 164 14.53 -13.54 -27.41
CA LYS E 164 13.07 -13.49 -27.46
C LYS E 164 12.50 -12.31 -26.69
N GLY E 165 11.27 -11.94 -27.01
CA GLY E 165 10.55 -10.90 -26.30
C GLY E 165 11.17 -9.52 -26.41
N PHE E 166 11.87 -9.25 -27.51
CA PHE E 166 12.59 -7.98 -27.63
C PHE E 166 11.62 -6.80 -27.86
N THR E 167 11.77 -5.76 -27.06
CA THR E 167 10.90 -4.60 -27.17
C THR E 167 10.81 -4.11 -28.61
N GLY E 168 9.58 -3.89 -29.07
CA GLY E 168 9.30 -3.46 -30.44
C GLY E 168 9.31 -4.57 -31.49
N ILE E 169 9.87 -5.74 -31.13
CA ILE E 169 9.96 -6.92 -32.01
C ILE E 169 8.99 -8.02 -31.59
N ASP E 170 9.16 -8.55 -30.37
CA ASP E 170 8.35 -9.65 -29.81
C ASP E 170 7.79 -9.22 -28.45
N SER E 171 7.84 -7.92 -28.20
CA SER E 171 7.22 -7.30 -27.03
C SER E 171 6.81 -5.87 -27.32
N GLU E 172 5.80 -5.41 -26.61
CA GLU E 172 5.17 -4.15 -26.92
C GLU E 172 5.80 -2.92 -26.28
N TYR E 173 5.82 -1.83 -27.03
CA TYR E 173 6.16 -0.55 -26.46
C TYR E 173 4.94 0.40 -26.55
N GLU E 174 4.44 0.82 -25.40
CA GLU E 174 3.29 1.74 -25.33
C GLU E 174 3.82 3.16 -25.30
N LYS E 175 3.72 3.85 -26.45
CA LYS E 175 4.20 5.23 -26.56
C LYS E 175 3.37 6.23 -25.74
N PRO E 176 4.06 7.15 -25.04
CA PRO E 176 3.41 8.26 -24.32
C PRO E 176 2.42 9.08 -25.18
N GLU E 177 1.22 9.32 -24.66
CA GLU E 177 0.22 10.14 -25.35
C GLU E 177 0.34 11.61 -24.92
N ALA E 178 0.88 11.85 -23.73
CA ALA E 178 0.95 13.18 -23.14
C ALA E 178 2.27 13.51 -22.44
N PRO E 179 3.42 13.24 -23.09
CA PRO E 179 4.64 13.49 -22.29
C PRO E 179 4.95 14.97 -22.19
N GLU E 180 5.77 15.34 -21.22
CA GLU E 180 6.23 16.73 -21.06
C GLU E 180 7.11 17.21 -22.24
N LEU E 181 7.81 16.28 -22.89
CA LEU E 181 8.71 16.61 -23.99
C LEU E 181 8.95 15.43 -24.91
N VAL E 182 9.00 15.69 -26.21
CA VAL E 182 9.30 14.67 -27.23
C VAL E 182 10.61 15.04 -27.93
N LEU E 183 11.60 14.17 -27.80
CA LEU E 183 12.87 14.31 -28.49
C LEU E 183 12.84 13.45 -29.73
N LYS E 184 12.85 14.11 -30.89
CA LYS E 184 12.96 13.43 -32.16
C LYS E 184 14.43 13.30 -32.52
N THR E 185 15.00 12.14 -32.22
CA THR E 185 16.45 11.86 -32.32
C THR E 185 16.92 11.44 -33.72
N ASP E 186 15.97 11.21 -34.60
CA ASP E 186 16.23 11.00 -36.01
C ASP E 186 16.42 12.35 -36.71
N SER E 187 15.79 13.39 -36.16
CA SER E 187 15.76 14.74 -36.75
C SER E 187 16.70 15.71 -36.03
N CYS E 188 17.11 15.35 -34.80
CA CYS E 188 17.97 16.21 -33.97
C CYS E 188 19.34 15.59 -33.63
N ASP E 189 20.31 16.47 -33.39
CA ASP E 189 21.64 16.09 -32.93
C ASP E 189 21.66 16.03 -31.39
N VAL E 190 22.61 15.29 -30.81
CA VAL E 190 22.63 15.07 -29.36
C VAL E 190 22.50 16.36 -28.54
N ASN E 191 23.31 17.35 -28.86
CA ASN E 191 23.36 18.60 -28.09
C ASN E 191 22.09 19.43 -28.24
N ASP E 192 21.47 19.32 -29.41
CA ASP E 192 20.14 19.83 -29.70
C ASP E 192 19.13 19.30 -28.65
N CYS E 193 19.15 17.99 -28.44
CA CYS E 193 18.18 17.32 -27.58
C CYS E 193 18.36 17.63 -26.10
N VAL E 194 19.62 17.60 -25.65
CA VAL E 194 20.00 18.04 -24.30
C VAL E 194 19.46 19.45 -24.01
N GLN E 195 19.60 20.35 -25.00
CA GLN E 195 19.11 21.73 -24.90
C GLN E 195 17.59 21.82 -24.81
N GLN E 196 16.89 20.86 -25.42
CA GLN E 196 15.43 20.79 -25.34
C GLN E 196 14.97 20.47 -23.93
N VAL E 197 15.74 19.61 -23.25
CA VAL E 197 15.46 19.25 -21.85
C VAL E 197 15.86 20.35 -20.87
N VAL E 198 17.01 20.98 -21.10
CA VAL E 198 17.42 22.15 -20.31
C VAL E 198 16.31 23.18 -20.30
N GLU E 199 15.79 23.46 -21.49
CA GLU E 199 14.76 24.47 -21.70
C GLU E 199 13.48 24.10 -20.96
N LEU E 200 13.08 22.83 -21.03
CA LEU E 200 11.98 22.32 -20.21
C LEU E 200 12.23 22.61 -18.73
N LEU E 201 13.49 22.45 -18.30
CA LEU E 201 13.85 22.60 -16.89
C LEU E 201 13.92 24.04 -16.37
N ASN E 202 14.29 25.00 -17.23
CA ASN E 202 14.23 26.40 -16.84
C ASN E 202 12.86 27.02 -17.09
N GLU E 203 11.95 26.23 -17.67
CA GLU E 203 10.53 26.58 -17.76
C GLU E 203 9.79 26.23 -16.47
N ARG E 204 10.43 25.47 -15.58
CA ARG E 204 9.80 24.96 -14.35
C ARG E 204 10.54 25.35 -13.05
N ASP E 205 11.52 26.24 -13.17
CA ASP E 205 12.32 26.73 -12.04
C ASP E 205 13.28 25.69 -11.46
N ILE E 206 13.56 24.63 -12.22
CA ILE E 206 14.57 23.64 -11.82
C ILE E 206 15.97 24.19 -12.11
N LEU E 207 16.14 24.72 -13.32
CA LEU E 207 17.42 25.24 -13.81
C LEU E 207 17.39 26.75 -13.94
N PRO E 208 18.42 27.45 -13.42
CA PRO E 208 18.48 28.92 -13.46
C PRO E 208 18.25 29.47 -14.87
N ARG F 5 19.12 -12.93 -13.37
CA ARG F 5 18.03 -13.03 -14.38
C ARG F 5 18.18 -11.99 -15.52
N ALA F 6 19.15 -11.09 -15.36
CA ALA F 6 19.51 -10.11 -16.40
C ALA F 6 20.27 -10.75 -17.54
N THR F 7 19.68 -10.69 -18.75
CA THR F 7 20.36 -11.20 -19.95
C THR F 7 20.54 -10.10 -21.02
N ASN F 8 21.55 -10.27 -21.88
CA ASN F 8 21.92 -9.29 -22.93
C ASN F 8 22.02 -7.83 -22.43
N VAL F 9 22.62 -7.66 -21.26
CA VAL F 9 22.77 -6.33 -20.65
C VAL F 9 24.23 -5.87 -20.68
N THR F 10 24.46 -4.60 -21.05
CA THR F 10 25.82 -4.02 -21.10
C THR F 10 25.93 -2.69 -20.33
N TYR F 11 27.01 -2.54 -19.56
CA TYR F 11 27.25 -1.34 -18.77
C TYR F 11 27.46 -0.10 -19.65
N GLN F 12 27.01 1.05 -19.17
CA GLN F 12 27.18 2.34 -19.83
C GLN F 12 27.83 3.33 -18.87
N ALA F 13 29.04 3.79 -19.17
CA ALA F 13 29.79 4.65 -18.24
C ALA F 13 29.25 6.08 -18.21
N HIS F 14 29.40 6.72 -17.04
CA HIS F 14 29.04 8.13 -16.88
C HIS F 14 30.17 8.98 -17.46
N HIS F 15 29.82 10.16 -17.99
CA HIS F 15 30.78 11.10 -18.56
C HIS F 15 31.52 11.92 -17.49
N VAL F 16 30.98 11.91 -16.27
CA VAL F 16 31.50 12.71 -15.17
C VAL F 16 32.21 11.83 -14.13
N SER F 17 33.33 12.33 -13.61
CA SER F 17 34.11 11.65 -12.55
C SER F 17 33.72 12.12 -11.15
N ARG F 18 34.11 11.34 -10.13
CA ARG F 18 33.80 11.63 -8.73
C ARG F 18 34.33 12.99 -8.27
N ASN F 19 35.53 13.33 -8.69
CA ASN F 19 36.12 14.63 -8.38
C ASN F 19 35.24 15.81 -8.81
N LYS F 20 34.71 15.75 -10.03
CA LYS F 20 33.81 16.78 -10.56
C LYS F 20 32.42 16.81 -9.90
N ARG F 21 32.00 15.65 -9.38
CA ARG F 21 30.77 15.56 -8.58
C ARG F 21 30.92 16.35 -7.27
N GLY F 22 32.01 16.08 -6.55
CA GLY F 22 32.33 16.74 -5.27
C GLY F 22 32.67 18.22 -5.37
N GLN F 23 33.23 18.61 -6.50
CA GLN F 23 33.43 20.01 -6.86
C GLN F 23 32.09 20.74 -7.11
N VAL F 24 30.98 20.00 -7.04
CA VAL F 24 29.65 20.50 -7.42
C VAL F 24 28.55 20.21 -6.38
N VAL F 25 28.70 19.12 -5.63
CA VAL F 25 27.67 18.63 -4.70
C VAL F 25 27.35 19.57 -3.51
N GLY F 26 28.36 19.96 -2.76
CA GLY F 26 28.18 20.93 -1.68
C GLY F 26 29.04 22.16 -1.89
N THR F 27 29.44 22.79 -0.79
CA THR F 27 30.29 23.98 -0.82
C THR F 27 31.74 23.67 -0.40
N ARG F 28 31.90 22.74 0.54
CA ARG F 28 33.20 22.18 0.86
C ARG F 28 33.63 21.27 -0.28
N GLY F 29 34.74 21.61 -0.92
CA GLY F 29 35.25 20.84 -2.06
C GLY F 29 35.76 19.47 -1.68
N GLY F 30 36.11 18.68 -2.70
CA GLY F 30 36.63 17.34 -2.48
C GLY F 30 35.53 16.30 -2.36
N PHE F 31 35.81 15.10 -2.85
CA PHE F 31 34.84 14.00 -2.83
C PHE F 31 34.66 13.39 -1.44
N ARG F 32 33.43 13.42 -0.94
CA ARG F 32 33.06 12.89 0.36
C ARG F 32 32.09 11.71 0.29
N GLY F 33 31.86 11.15 -0.89
CA GLY F 33 30.90 10.07 -1.00
C GLY F 33 31.30 8.94 -0.07
N CYS F 34 30.36 8.47 0.74
CA CYS F 34 30.56 7.27 1.57
C CYS F 34 29.23 6.73 2.10
N THR F 35 29.30 5.62 2.82
CA THR F 35 28.14 5.02 3.46
C THR F 35 28.46 4.68 4.92
N ILE F 36 27.64 5.23 5.83
CA ILE F 36 27.74 4.98 7.25
C ILE F 36 26.67 3.97 7.57
N TRP F 37 27.08 2.76 7.92
CA TRP F 37 26.17 1.64 8.06
C TRP F 37 25.90 1.29 9.52
N LEU F 38 24.71 1.62 9.98
CA LEU F 38 24.33 1.28 11.34
C LEU F 38 23.63 -0.08 11.33
N THR F 39 23.85 -0.85 12.39
CA THR F 39 23.26 -2.18 12.56
C THR F 39 23.02 -2.43 14.05
N GLY F 40 22.00 -3.23 14.38
CA GLY F 40 21.66 -3.51 15.77
C GLY F 40 20.20 -3.80 16.04
N LEU F 41 19.92 -4.14 17.28
CA LEU F 41 18.60 -4.56 17.72
C LEU F 41 17.54 -3.50 17.49
N SER F 42 16.31 -3.96 17.34
CA SER F 42 15.17 -3.07 17.34
C SER F 42 15.16 -2.40 18.72
N GLY F 43 15.24 -1.08 18.73
CA GLY F 43 15.20 -0.31 19.96
C GLY F 43 16.54 0.23 20.40
N ALA F 44 17.60 -0.06 19.64
CA ALA F 44 18.97 0.28 20.04
C ALA F 44 19.27 1.78 19.89
N GLY F 45 18.60 2.40 18.94
CA GLY F 45 18.78 3.83 18.71
C GLY F 45 19.33 4.12 17.33
N LYS F 46 19.14 3.18 16.40
CA LYS F 46 19.66 3.35 15.03
C LYS F 46 19.17 4.63 14.37
N THR F 47 17.84 4.84 14.43
CA THR F 47 17.12 5.89 13.67
C THR F 47 17.37 7.25 14.31
N THR F 48 17.37 7.25 15.63
CA THR F 48 17.82 8.39 16.44
C THR F 48 19.24 8.84 16.08
N VAL F 49 20.18 7.90 15.95
CA VAL F 49 21.55 8.29 15.56
C VAL F 49 21.54 8.74 14.09
N SER F 50 20.91 7.95 13.23
CA SER F 50 20.74 8.33 11.82
C SER F 50 20.26 9.75 11.61
N MET F 51 19.06 10.04 12.09
CA MET F 51 18.37 11.31 11.85
C MET F 51 19.12 12.51 12.40
N ALA F 52 19.68 12.36 13.60
CA ALA F 52 20.52 13.42 14.20
C ALA F 52 21.85 13.62 13.46
N LEU F 53 22.42 12.52 12.96
CA LEU F 53 23.65 12.60 12.16
C LEU F 53 23.41 13.33 10.83
N GLU F 54 22.28 13.03 10.19
CA GLU F 54 21.85 13.72 8.96
C GLU F 54 21.66 15.23 9.22
N GLU F 55 20.97 15.53 10.33
CA GLU F 55 20.80 16.90 10.81
C GLU F 55 22.16 17.58 11.01
N TYR F 56 23.08 16.88 11.67
CA TYR F 56 24.38 17.45 12.00
C TYR F 56 25.15 17.81 10.74
N LEU F 57 25.14 16.92 9.76
CA LEU F 57 25.98 17.08 8.59
C LEU F 57 25.45 18.16 7.67
N VAL F 58 24.13 18.22 7.54
CA VAL F 58 23.46 19.25 6.77
C VAL F 58 23.75 20.64 7.38
N CYS F 59 23.61 20.79 8.70
CA CYS F 59 23.92 22.07 9.37
C CYS F 59 25.41 22.45 9.37
N HIS F 60 26.25 21.50 8.98
CA HIS F 60 27.67 21.77 8.75
C HIS F 60 27.96 21.70 7.25
N GLY F 61 26.92 21.86 6.44
CA GLY F 61 27.06 21.95 4.98
C GLY F 61 27.45 20.72 4.18
N ILE F 62 27.25 19.52 4.73
CA ILE F 62 27.59 18.27 4.01
C ILE F 62 26.33 17.59 3.48
N PRO F 63 26.05 17.71 2.16
CA PRO F 63 24.92 16.97 1.58
C PRO F 63 24.98 15.50 1.98
N CYS F 64 23.85 15.00 2.48
CA CYS F 64 23.73 13.63 2.95
C CYS F 64 22.27 13.21 2.92
N TYR F 65 22.02 11.92 3.21
CA TYR F 65 20.67 11.35 3.19
C TYR F 65 20.58 10.08 4.03
N THR F 66 19.49 9.90 4.76
CA THR F 66 19.27 8.70 5.57
C THR F 66 18.28 7.74 4.92
N LEU F 67 18.72 6.49 4.73
CA LEU F 67 17.85 5.39 4.32
C LEU F 67 17.52 4.54 5.55
N ASP F 68 16.33 4.72 6.08
CA ASP F 68 15.90 4.04 7.30
C ASP F 68 15.11 2.79 6.97
N GLY F 69 15.42 1.71 7.68
CA GLY F 69 14.82 0.42 7.41
C GLY F 69 13.31 0.44 7.31
N ASP F 70 12.65 1.06 8.29
CA ASP F 70 11.19 1.19 8.32
C ASP F 70 10.66 2.06 7.18
N ASN F 71 11.34 3.17 6.90
CA ASN F 71 10.97 4.08 5.80
C ASN F 71 11.02 3.35 4.44
N ILE F 72 12.15 2.69 4.19
CA ILE F 72 12.37 1.91 2.95
C ILE F 72 11.35 0.80 2.71
N ARG F 73 10.86 0.18 3.80
CA ARG F 73 9.94 -0.96 3.73
C ARG F 73 8.47 -0.52 3.56
N GLN F 74 8.26 0.78 3.49
CA GLN F 74 6.96 1.31 3.05
C GLN F 74 7.02 1.73 1.58
N GLY F 75 8.18 1.53 0.94
CA GLY F 75 8.32 1.89 -0.46
C GLY F 75 9.08 0.93 -1.34
N LEU F 76 10.38 1.15 -1.50
CA LEU F 76 11.21 0.35 -2.40
C LEU F 76 11.11 -1.12 -2.01
N ASN F 77 11.05 -1.35 -0.70
CA ASN F 77 11.14 -2.71 -0.11
C ASN F 77 9.86 -3.14 0.57
N LYS F 78 8.75 -2.51 0.17
CA LYS F 78 7.43 -2.85 0.72
C LYS F 78 6.92 -4.26 0.39
N ASN F 79 7.54 -4.91 -0.60
CA ASN F 79 7.18 -6.26 -0.99
C ASN F 79 8.07 -7.36 -0.36
N LEU F 80 8.76 -7.01 0.74
CA LEU F 80 9.61 -7.95 1.46
C LEU F 80 9.12 -8.11 2.89
N GLY F 81 9.14 -9.34 3.38
CA GLY F 81 8.85 -9.63 4.79
C GLY F 81 10.12 -9.75 5.61
N PHE F 82 10.12 -10.69 6.56
CA PHE F 82 11.24 -10.82 7.54
C PHE F 82 11.78 -12.25 7.67
N SER F 83 11.53 -13.09 6.67
CA SER F 83 12.27 -14.37 6.55
C SER F 83 13.74 -14.07 6.31
N PRO F 84 14.64 -14.98 6.72
CA PRO F 84 16.07 -14.82 6.44
C PRO F 84 16.35 -14.36 5.00
N GLU F 85 15.61 -14.88 4.04
CA GLU F 85 15.86 -14.58 2.64
C GLU F 85 15.38 -13.18 2.25
N ASP F 86 14.31 -12.73 2.90
CA ASP F 86 13.76 -11.42 2.60
C ASP F 86 14.61 -10.36 3.27
N ARG F 87 15.17 -10.71 4.42
CA ARG F 87 16.16 -9.84 5.06
C ARG F 87 17.43 -9.73 4.20
N GLU F 88 17.88 -10.86 3.67
CA GLU F 88 18.97 -10.85 2.68
C GLU F 88 18.72 -9.92 1.50
N GLU F 89 17.53 -9.97 0.94
CA GLU F 89 17.20 -9.17 -0.24
C GLU F 89 16.98 -7.70 0.17
N ASN F 90 16.35 -7.51 1.33
CA ASN F 90 16.15 -6.18 1.86
C ASN F 90 17.48 -5.41 1.96
N VAL F 91 18.49 -6.07 2.56
CA VAL F 91 19.81 -5.46 2.72
C VAL F 91 20.58 -5.39 1.39
N ARG F 92 20.41 -6.41 0.54
CA ARG F 92 21.05 -6.36 -0.78
C ARG F 92 20.66 -5.12 -1.60
N ARG F 93 19.36 -4.77 -1.63
CA ARG F 93 18.87 -3.64 -2.44
C ARG F 93 19.36 -2.30 -1.90
N ILE F 94 19.36 -2.18 -0.58
CA ILE F 94 19.79 -0.92 0.05
C ILE F 94 21.30 -0.73 0.03
N ALA F 95 22.03 -1.82 0.14
CA ALA F 95 23.47 -1.82 -0.15
C ALA F 95 23.71 -1.24 -1.56
N GLU F 96 23.01 -1.74 -2.57
CA GLU F 96 23.13 -1.20 -3.94
C GLU F 96 22.68 0.27 -4.04
N VAL F 97 21.60 0.63 -3.35
CA VAL F 97 21.09 2.01 -3.33
C VAL F 97 22.09 3.00 -2.70
N ALA F 98 22.57 2.68 -1.50
CA ALA F 98 23.52 3.53 -0.79
C ALA F 98 24.76 3.78 -1.62
N LYS F 99 25.25 2.72 -2.26
CA LYS F 99 26.42 2.80 -3.14
C LYS F 99 26.23 3.86 -4.25
N LEU F 100 25.02 3.94 -4.80
CA LEU F 100 24.65 4.97 -5.79
C LEU F 100 24.63 6.37 -5.16
N PHE F 101 24.20 6.42 -3.89
CA PHE F 101 24.22 7.68 -3.14
C PHE F 101 25.68 8.09 -2.90
N ALA F 102 26.50 7.18 -2.40
CA ALA F 102 27.94 7.45 -2.21
C ALA F 102 28.69 7.88 -3.49
N ASP F 103 28.38 7.22 -4.61
CA ASP F 103 28.91 7.54 -5.94
C ASP F 103 28.52 8.95 -6.36
N ALA F 104 27.30 9.35 -5.98
CA ALA F 104 26.76 10.67 -6.32
C ALA F 104 27.51 11.76 -5.57
N GLY F 105 28.17 11.38 -4.48
CA GLY F 105 28.96 12.30 -3.71
C GLY F 105 28.30 12.73 -2.43
N LEU F 106 27.21 12.05 -2.07
CA LEU F 106 26.57 12.25 -0.77
C LEU F 106 27.11 11.27 0.27
N VAL F 107 27.04 11.67 1.55
CA VAL F 107 27.20 10.76 2.68
C VAL F 107 25.90 9.99 2.87
N CYS F 108 25.92 8.69 2.63
CA CYS F 108 24.73 7.87 2.84
C CYS F 108 24.79 7.24 4.22
N ILE F 109 23.73 7.44 5.01
CA ILE F 109 23.57 6.77 6.31
C ILE F 109 22.37 5.82 6.21
N THR F 110 22.60 4.53 6.45
CA THR F 110 21.55 3.53 6.50
C THR F 110 21.30 3.04 7.95
N SER F 111 20.02 2.91 8.31
CA SER F 111 19.63 2.42 9.64
C SER F 111 18.69 1.22 9.55
N PHE F 112 19.30 0.05 9.40
CA PHE F 112 18.59 -1.20 9.18
C PHE F 112 19.07 -2.12 10.30
N ILE F 113 18.22 -2.98 10.82
CA ILE F 113 18.69 -4.00 11.79
C ILE F 113 19.93 -4.78 11.23
N SER F 114 19.84 -5.21 9.98
CA SER F 114 20.86 -6.02 9.30
C SER F 114 21.50 -7.08 10.22
N PRO F 115 20.71 -8.08 10.63
CA PRO F 115 21.16 -9.01 11.67
C PRO F 115 22.16 -10.06 11.22
N TYR F 116 22.55 -10.04 9.94
CA TYR F 116 23.38 -11.08 9.35
C TYR F 116 24.72 -10.49 8.90
N THR F 117 25.80 -11.04 9.47
CA THR F 117 27.19 -10.65 9.17
C THR F 117 27.55 -10.79 7.70
N GLN F 118 27.19 -11.92 7.12
CA GLN F 118 27.44 -12.20 5.71
C GLN F 118 26.85 -11.13 4.77
N ASP F 119 25.68 -10.59 5.13
CA ASP F 119 24.99 -9.62 4.31
C ASP F 119 25.57 -8.21 4.52
N ARG F 120 25.88 -7.87 5.76
CA ARG F 120 26.65 -6.66 6.05
C ARG F 120 28.02 -6.69 5.37
N ASN F 121 28.69 -7.84 5.38
CA ASN F 121 30.00 -8.01 4.73
C ASN F 121 29.87 -7.86 3.21
N ASN F 122 28.75 -8.33 2.66
CA ASN F 122 28.44 -8.20 1.24
C ASN F 122 28.10 -6.77 0.83
N ALA F 123 27.43 -6.05 1.74
CA ALA F 123 27.17 -4.62 1.58
C ALA F 123 28.48 -3.82 1.56
N ARG F 124 29.36 -4.14 2.52
CA ARG F 124 30.69 -3.54 2.57
C ARG F 124 31.43 -3.78 1.25
N GLN F 125 31.29 -4.99 0.69
CA GLN F 125 32.04 -5.38 -0.51
C GLN F 125 31.60 -4.64 -1.78
N ILE F 126 30.29 -4.43 -1.90
CA ILE F 126 29.67 -3.63 -2.98
C ILE F 126 30.30 -2.23 -3.06
N HIS F 127 30.60 -1.65 -1.90
CA HIS F 127 31.22 -0.32 -1.80
C HIS F 127 32.73 -0.38 -1.98
N GLU F 128 33.37 -1.26 -1.21
CA GLU F 128 34.82 -1.54 -1.27
C GLU F 128 35.34 -1.68 -2.69
N GLY F 129 34.74 -2.59 -3.45
CA GLY F 129 35.12 -2.80 -4.84
C GLY F 129 35.10 -1.53 -5.67
N ALA F 130 34.14 -0.65 -5.40
CA ALA F 130 34.01 0.61 -6.11
C ALA F 130 34.83 1.73 -5.48
N SER F 131 35.73 1.34 -4.56
CA SER F 131 36.60 2.29 -3.87
C SER F 131 35.78 3.40 -3.16
N LEU F 132 34.67 3.00 -2.56
CA LEU F 132 33.87 3.89 -1.74
C LEU F 132 34.04 3.51 -0.28
N PRO F 133 34.30 4.50 0.57
CA PRO F 133 34.47 4.20 1.99
C PRO F 133 33.17 3.65 2.60
N PHE F 134 33.31 2.80 3.62
CA PHE F 134 32.16 2.11 4.22
C PHE F 134 32.42 2.00 5.71
N PHE F 135 31.55 2.62 6.52
CA PHE F 135 31.75 2.67 7.97
C PHE F 135 30.65 1.96 8.72
N GLU F 136 30.96 0.75 9.16
CA GLU F 136 30.07 -0.10 9.92
C GLU F 136 30.04 0.30 11.40
N VAL F 137 28.89 0.80 11.85
CA VAL F 137 28.69 1.18 13.24
C VAL F 137 27.74 0.20 13.95
N PHE F 138 28.21 -0.40 15.05
CA PHE F 138 27.39 -1.26 15.90
C PHE F 138 26.68 -0.46 17.01
N VAL F 139 25.41 -0.14 16.78
CA VAL F 139 24.55 0.48 17.79
C VAL F 139 24.15 -0.54 18.86
N ASP F 140 24.86 -0.50 19.99
CA ASP F 140 24.85 -1.59 20.95
C ASP F 140 24.12 -1.24 22.26
N ALA F 141 22.94 -1.84 22.46
CA ALA F 141 22.24 -1.79 23.74
C ALA F 141 21.83 -3.21 24.13
N PRO F 142 21.83 -3.50 25.45
CA PRO F 142 21.33 -4.82 25.88
C PRO F 142 19.89 -5.02 25.43
N LEU F 143 19.51 -6.26 25.22
CA LEU F 143 18.16 -6.64 24.80
C LEU F 143 17.04 -6.00 25.68
N HIS F 144 17.25 -6.00 26.99
CA HIS F 144 16.31 -5.43 27.97
C HIS F 144 16.18 -3.90 27.93
N VAL F 145 17.22 -3.21 27.52
CA VAL F 145 17.17 -1.78 27.33
C VAL F 145 16.37 -1.48 26.06
N CYS F 146 16.57 -2.30 25.01
CA CYS F 146 15.82 -2.16 23.77
C CYS F 146 14.32 -2.32 24.03
N GLU F 147 13.98 -3.23 24.92
CA GLU F 147 12.60 -3.48 25.31
C GLU F 147 12.04 -2.34 26.16
N GLN F 148 12.88 -1.72 26.98
CA GLN F 148 12.52 -0.55 27.79
C GLN F 148 11.99 0.61 26.94
N ARG F 149 12.47 0.73 25.70
CA ARG F 149 12.08 1.83 24.81
C ARG F 149 11.37 1.36 23.54
N ASP F 150 10.73 0.19 23.64
CA ASP F 150 9.99 -0.43 22.53
C ASP F 150 8.54 0.08 22.56
N VAL F 151 8.33 1.32 22.07
CA VAL F 151 7.02 2.01 22.24
C VAL F 151 5.88 1.29 21.56
N LYS F 152 6.18 0.68 20.40
CA LYS F 152 5.22 -0.13 19.64
C LYS F 152 4.97 -1.56 20.17
N GLY F 153 5.69 -1.98 21.22
CA GLY F 153 5.47 -3.28 21.87
C GLY F 153 5.79 -4.50 21.03
N LEU F 154 6.71 -4.36 20.07
CA LEU F 154 7.00 -5.44 19.14
C LEU F 154 7.60 -6.65 19.83
N TYR F 155 8.45 -6.42 20.83
CA TYR F 155 9.03 -7.52 21.58
C TYR F 155 7.93 -8.30 22.29
N LYS F 156 6.98 -7.57 22.85
CA LYS F 156 5.82 -8.16 23.53
C LYS F 156 4.90 -8.89 22.55
N LYS F 157 4.63 -8.27 21.40
CA LYS F 157 3.75 -8.86 20.40
C LYS F 157 4.31 -10.19 19.91
N ALA F 158 5.62 -10.22 19.68
CA ALA F 158 6.32 -11.37 19.13
C ALA F 158 6.34 -12.52 20.12
N ARG F 159 6.64 -12.18 21.38
CA ARG F 159 6.63 -13.12 22.49
C ARG F 159 5.25 -13.71 22.74
N ALA F 160 4.21 -12.94 22.39
CA ALA F 160 2.82 -13.38 22.49
C ALA F 160 2.36 -14.12 21.22
N GLY F 161 3.28 -14.24 20.27
CA GLY F 161 3.04 -15.02 19.05
C GLY F 161 2.39 -14.29 17.90
N GLU F 162 2.20 -12.97 18.02
CA GLU F 162 1.55 -12.19 16.96
C GLU F 162 2.49 -11.78 15.82
N ILE F 163 3.79 -11.90 16.07
CA ILE F 163 4.81 -11.62 15.08
C ILE F 163 5.78 -12.78 15.12
N LYS F 164 5.91 -13.46 13.98
CA LYS F 164 6.78 -14.61 13.81
C LYS F 164 8.17 -14.18 13.33
N GLY F 165 9.20 -14.79 13.90
CA GLY F 165 10.57 -14.54 13.47
C GLY F 165 11.07 -13.14 13.80
N PHE F 166 10.87 -12.69 15.05
CA PHE F 166 11.29 -11.35 15.46
C PHE F 166 12.72 -11.33 16.05
N THR F 167 13.56 -10.45 15.50
CA THR F 167 14.97 -10.37 15.88
C THR F 167 15.15 -10.19 17.40
N GLY F 168 15.94 -11.09 17.99
CA GLY F 168 16.21 -11.07 19.43
C GLY F 168 15.20 -11.79 20.31
N ILE F 169 14.21 -12.42 19.70
CA ILE F 169 13.32 -13.36 20.38
C ILE F 169 13.50 -14.68 19.67
N ASP F 170 12.94 -14.72 18.47
CA ASP F 170 12.70 -15.91 17.69
C ASP F 170 13.80 -16.10 16.60
N SER F 171 14.53 -15.03 16.28
CA SER F 171 15.62 -15.02 15.29
C SER F 171 16.78 -14.29 15.95
N GLU F 172 18.01 -14.62 15.55
CA GLU F 172 19.20 -14.10 16.23
C GLU F 172 19.71 -12.81 15.60
N TYR F 173 20.41 -12.01 16.40
CA TYR F 173 21.18 -10.93 15.85
C TYR F 173 22.64 -11.35 15.94
N GLU F 174 23.34 -11.22 14.80
CA GLU F 174 24.76 -11.55 14.65
C GLU F 174 25.59 -10.28 14.74
N LYS F 175 26.22 -10.09 15.91
CA LYS F 175 27.02 -8.90 16.19
C LYS F 175 28.28 -8.82 15.33
N PRO F 176 28.55 -7.62 14.77
CA PRO F 176 29.85 -7.36 14.12
C PRO F 176 31.02 -7.64 15.05
N GLU F 177 32.09 -8.20 14.49
CA GLU F 177 33.25 -8.68 15.23
C GLU F 177 34.32 -7.60 15.43
N ALA F 178 34.49 -6.77 14.41
CA ALA F 178 35.30 -5.54 14.49
C ALA F 178 34.73 -4.46 13.58
N PRO F 179 33.69 -3.73 14.07
CA PRO F 179 33.17 -2.61 13.28
C PRO F 179 34.02 -1.36 13.48
N GLU F 180 33.90 -0.39 12.59
CA GLU F 180 34.70 0.83 12.72
C GLU F 180 34.40 1.59 14.00
N LEU F 181 33.20 1.39 14.55
CA LEU F 181 32.76 2.06 15.77
C LEU F 181 31.58 1.38 16.46
N VAL F 182 31.67 1.25 17.78
CA VAL F 182 30.54 0.78 18.61
C VAL F 182 29.94 1.94 19.44
N LEU F 183 28.61 2.02 19.44
CA LEU F 183 27.91 3.02 20.25
C LEU F 183 27.12 2.32 21.36
N LYS F 184 27.49 2.62 22.60
CA LYS F 184 26.83 2.03 23.77
C LYS F 184 25.69 2.95 24.19
N THR F 185 24.58 2.88 23.45
CA THR F 185 23.47 3.84 23.56
C THR F 185 22.81 3.93 24.93
N ASP F 186 22.97 2.89 25.74
CA ASP F 186 22.50 2.91 27.13
C ASP F 186 23.39 3.79 28.01
N SER F 187 24.69 3.79 27.69
CA SER F 187 25.72 4.43 28.51
C SER F 187 26.09 5.82 27.99
N CYS F 188 25.53 6.18 26.85
CA CYS F 188 25.96 7.34 26.07
C CYS F 188 24.67 7.97 25.56
N ASP F 189 24.57 9.29 25.60
CA ASP F 189 23.39 9.98 25.09
C ASP F 189 23.51 10.29 23.58
N VAL F 190 22.37 10.54 22.95
CA VAL F 190 22.26 10.75 21.51
C VAL F 190 23.36 11.65 20.98
N ASN F 191 23.57 12.77 21.67
CA ASN F 191 24.48 13.79 21.20
C ASN F 191 25.95 13.36 21.28
N ASP F 192 26.29 12.54 22.27
CA ASP F 192 27.64 11.97 22.38
C ASP F 192 27.88 10.87 21.33
N CYS F 193 26.85 10.10 21.03
CA CYS F 193 26.89 9.08 19.97
C CYS F 193 27.14 9.72 18.59
N VAL F 194 26.37 10.75 18.26
CA VAL F 194 26.61 11.53 17.04
C VAL F 194 28.06 12.02 17.02
N GLN F 195 28.51 12.59 18.16
CA GLN F 195 29.90 13.05 18.34
C GLN F 195 30.91 11.97 17.96
N GLN F 196 30.71 10.74 18.44
CA GLN F 196 31.60 9.62 18.13
C GLN F 196 31.66 9.28 16.64
N VAL F 197 30.50 9.27 15.99
CA VAL F 197 30.45 8.94 14.56
C VAL F 197 31.16 10.00 13.71
N VAL F 198 30.93 11.28 14.05
CA VAL F 198 31.51 12.40 13.31
C VAL F 198 33.04 12.41 13.48
N GLU F 199 33.50 12.05 14.67
CA GLU F 199 34.92 12.03 14.97
C GLU F 199 35.62 10.94 14.14
N LEU F 200 34.97 9.78 14.04
CA LEU F 200 35.38 8.74 13.09
C LEU F 200 35.46 9.30 11.66
N LEU F 201 34.47 10.08 11.27
CA LEU F 201 34.40 10.66 9.91
C LEU F 201 35.49 11.70 9.64
N ASN F 202 35.88 12.45 10.68
CA ASN F 202 37.05 13.35 10.68
C ASN F 202 38.35 12.60 10.46
N GLU F 203 38.54 11.57 11.28
CA GLU F 203 39.65 10.62 11.26
C GLU F 203 39.89 10.03 9.87
N ARG F 204 38.81 9.84 9.11
CA ARG F 204 38.88 9.28 7.77
C ARG F 204 38.73 10.36 6.68
N ASP F 205 38.74 11.64 7.11
CA ASP F 205 38.75 12.82 6.24
C ASP F 205 37.51 13.07 5.39
N ILE F 206 36.38 12.46 5.76
CA ILE F 206 35.09 12.72 5.09
C ILE F 206 34.44 13.97 5.69
N LEU F 207 34.80 14.26 6.93
CA LEU F 207 34.40 15.46 7.65
C LEU F 207 35.64 16.27 7.96
N PRO F 208 35.69 17.55 7.53
CA PRO F 208 36.87 18.39 7.74
C PRO F 208 37.26 18.55 9.21
N ASN G 8 39.86 -11.49 -7.07
CA ASN G 8 39.83 -10.20 -6.27
C ASN G 8 40.26 -8.98 -7.08
N VAL G 9 39.85 -8.88 -8.33
CA VAL G 9 40.16 -7.72 -9.17
C VAL G 9 38.89 -6.92 -9.45
N THR G 10 39.01 -5.59 -9.42
CA THR G 10 37.84 -4.73 -9.60
C THR G 10 38.09 -3.60 -10.60
N TYR G 11 37.07 -3.26 -11.38
CA TYR G 11 37.17 -2.21 -12.41
C TYR G 11 37.39 -0.80 -11.83
N GLN G 12 38.08 0.04 -12.62
CA GLN G 12 38.44 1.40 -12.24
C GLN G 12 38.06 2.41 -13.32
N ALA G 13 37.03 3.22 -13.08
CA ALA G 13 36.58 4.21 -14.05
C ALA G 13 37.68 5.22 -14.41
N HIS G 14 37.82 5.49 -15.71
CA HIS G 14 38.62 6.62 -16.18
C HIS G 14 37.86 7.86 -15.75
N HIS G 15 38.57 8.97 -15.56
CA HIS G 15 37.93 10.25 -15.31
C HIS G 15 37.60 10.96 -16.64
N VAL G 16 38.14 10.40 -17.74
CA VAL G 16 38.07 11.04 -19.05
C VAL G 16 37.08 10.34 -19.98
N SER G 17 36.07 11.08 -20.42
CA SER G 17 35.01 10.57 -21.29
C SER G 17 35.47 10.41 -22.74
N ARG G 18 34.65 9.72 -23.53
CA ARG G 18 34.85 9.58 -24.97
C ARG G 18 34.69 10.88 -25.75
N ASN G 19 33.74 11.71 -25.33
CA ASN G 19 33.53 13.06 -25.90
C ASN G 19 34.80 13.87 -25.83
N LYS G 20 35.26 14.10 -24.60
CA LYS G 20 36.49 14.83 -24.32
C LYS G 20 37.72 14.29 -25.07
N ARG G 21 37.80 12.96 -25.20
CA ARG G 21 38.90 12.30 -25.95
C ARG G 21 38.91 12.65 -27.44
N GLY G 22 37.75 12.58 -28.09
CA GLY G 22 37.59 12.99 -29.49
C GLY G 22 37.67 14.49 -29.75
N GLN G 23 37.84 15.28 -28.69
CA GLN G 23 38.08 16.72 -28.81
C GLN G 23 39.58 16.97 -28.80
N VAL G 24 40.33 15.97 -28.35
CA VAL G 24 41.77 16.07 -28.19
C VAL G 24 42.52 15.23 -29.24
N VAL G 25 41.98 14.05 -29.57
CA VAL G 25 42.62 13.19 -30.58
C VAL G 25 42.29 13.67 -31.98
N GLY G 26 43.32 14.04 -32.73
CA GLY G 26 43.14 14.57 -34.08
C GLY G 26 42.69 16.01 -34.07
N THR G 27 42.88 16.68 -35.20
CA THR G 27 42.62 18.12 -35.33
C THR G 27 41.14 18.43 -35.61
N ARG G 28 40.42 17.41 -36.06
CA ARG G 28 38.97 17.48 -36.22
C ARG G 28 38.32 16.86 -34.98
N GLY G 29 37.23 17.49 -34.52
CA GLY G 29 36.58 17.07 -33.27
C GLY G 29 35.70 15.85 -33.45
N GLY G 30 34.95 15.51 -32.41
CA GLY G 30 33.97 14.43 -32.46
C GLY G 30 34.62 13.06 -32.42
N PHE G 31 34.11 12.22 -31.51
CA PHE G 31 34.64 10.87 -31.29
C PHE G 31 34.44 9.97 -32.51
N ARG G 32 35.53 9.34 -32.95
CA ARG G 32 35.48 8.48 -34.13
C ARG G 32 36.17 7.13 -33.92
N GLY G 33 36.33 6.72 -32.66
CA GLY G 33 36.95 5.44 -32.35
C GLY G 33 36.21 4.27 -32.96
N CYS G 34 36.95 3.37 -33.59
CA CYS G 34 36.32 2.14 -34.12
C CYS G 34 37.35 1.10 -34.49
N THR G 35 36.85 -0.08 -34.90
CA THR G 35 37.72 -1.11 -35.42
C THR G 35 37.29 -1.64 -36.80
N ILE G 36 38.20 -1.51 -37.76
CA ILE G 36 38.05 -2.09 -39.09
C ILE G 36 38.85 -3.36 -39.09
N TRP G 37 38.12 -4.47 -39.13
CA TRP G 37 38.66 -5.80 -38.96
C TRP G 37 38.73 -6.48 -40.32
N LEU G 38 39.93 -6.64 -40.85
CA LEU G 38 40.12 -7.31 -42.15
C LEU G 38 40.36 -8.80 -41.94
N THR G 39 39.74 -9.63 -42.78
CA THR G 39 39.88 -11.09 -42.68
C THR G 39 40.07 -11.72 -44.07
N GLY G 40 40.82 -12.81 -44.11
CA GLY G 40 41.05 -13.47 -45.38
C GLY G 40 42.30 -14.31 -45.44
N LEU G 41 42.38 -15.08 -46.52
CA LEU G 41 43.53 -15.93 -46.85
C LEU G 41 44.87 -15.20 -46.90
N SER G 42 45.93 -15.96 -46.65
CA SER G 42 47.30 -15.49 -46.81
C SER G 42 47.49 -15.00 -48.25
N GLY G 43 47.86 -13.73 -48.40
CA GLY G 43 48.15 -13.20 -49.73
C GLY G 43 46.99 -12.49 -50.38
N ALA G 44 45.81 -12.52 -49.74
CA ALA G 44 44.59 -11.90 -50.29
C ALA G 44 44.66 -10.38 -50.45
N GLY G 45 45.59 -9.76 -49.72
CA GLY G 45 45.79 -8.31 -49.77
C GLY G 45 45.48 -7.50 -48.53
N LYS G 46 45.39 -8.17 -47.38
CA LYS G 46 45.00 -7.56 -46.11
C LYS G 46 45.95 -6.46 -45.70
N THR G 47 47.21 -6.83 -45.58
CA THR G 47 48.29 -5.94 -45.16
C THR G 47 48.40 -4.75 -46.12
N THR G 48 48.13 -4.97 -47.40
CA THR G 48 48.19 -3.91 -48.42
C THR G 48 47.07 -2.87 -48.25
N VAL G 49 45.82 -3.35 -48.14
CA VAL G 49 44.67 -2.48 -47.93
C VAL G 49 44.85 -1.74 -46.61
N SER G 50 45.18 -2.50 -45.57
CA SER G 50 45.47 -1.97 -44.25
C SER G 50 46.40 -0.74 -44.29
N MET G 51 47.61 -0.94 -44.79
CA MET G 51 48.62 0.13 -44.83
C MET G 51 48.21 1.29 -45.73
N ALA G 52 47.52 0.99 -46.82
CA ALA G 52 46.99 2.03 -47.70
C ALA G 52 45.88 2.86 -47.05
N LEU G 53 45.04 2.22 -46.23
CA LEU G 53 43.96 2.89 -45.51
C LEU G 53 44.47 3.77 -44.37
N GLU G 54 45.41 3.24 -43.57
CA GLU G 54 46.08 4.04 -42.54
C GLU G 54 46.65 5.30 -43.17
N GLU G 55 47.30 5.15 -44.32
CA GLU G 55 47.88 6.28 -45.06
C GLU G 55 46.83 7.29 -45.50
N TYR G 56 45.69 6.81 -45.96
CA TYR G 56 44.58 7.69 -46.32
C TYR G 56 44.14 8.49 -45.11
N LEU G 57 43.93 7.79 -43.99
CA LEU G 57 43.35 8.38 -42.78
C LEU G 57 44.22 9.48 -42.13
N VAL G 58 45.51 9.21 -41.95
CA VAL G 58 46.44 10.23 -41.39
C VAL G 58 46.55 11.50 -42.25
N CYS G 59 46.57 11.31 -43.58
CA CYS G 59 46.56 12.40 -44.56
C CYS G 59 45.31 13.28 -44.50
N HIS G 60 44.23 12.76 -43.93
CA HIS G 60 42.99 13.54 -43.85
C HIS G 60 42.63 13.87 -42.40
N GLY G 61 43.66 13.95 -41.57
CA GLY G 61 43.57 14.42 -40.19
C GLY G 61 43.25 13.38 -39.12
N ILE G 62 43.06 12.13 -39.53
CA ILE G 62 42.43 11.10 -38.68
C ILE G 62 43.46 10.17 -38.02
N PRO G 63 43.70 10.32 -36.70
CA PRO G 63 44.62 9.35 -36.07
C PRO G 63 44.09 7.92 -36.19
N CYS G 64 44.99 6.99 -36.48
CA CYS G 64 44.68 5.57 -36.56
C CYS G 64 45.90 4.71 -36.19
N TYR G 65 45.68 3.41 -36.01
CA TYR G 65 46.79 2.48 -35.81
C TYR G 65 46.49 1.09 -36.40
N THR G 66 47.43 0.52 -37.16
CA THR G 66 47.25 -0.85 -37.68
C THR G 66 47.93 -1.90 -36.81
N LEU G 67 47.20 -2.99 -36.58
CA LEU G 67 47.69 -4.14 -35.84
C LEU G 67 47.71 -5.34 -36.78
N ASP G 68 48.90 -5.89 -37.02
CA ASP G 68 49.13 -6.90 -38.07
C ASP G 68 50.00 -8.06 -37.53
N GLY G 69 50.25 -9.08 -38.35
CA GLY G 69 51.28 -10.09 -38.03
C GLY G 69 52.67 -9.52 -37.70
N ASP G 70 52.97 -8.33 -38.25
CA ASP G 70 54.26 -7.65 -38.03
C ASP G 70 54.45 -7.06 -36.64
N ASN G 71 53.45 -6.32 -36.19
CA ASN G 71 53.52 -5.69 -34.88
C ASN G 71 52.98 -6.60 -33.78
N ILE G 72 52.38 -7.74 -34.17
CA ILE G 72 51.79 -8.62 -33.16
C ILE G 72 52.44 -9.99 -32.94
N ARG G 73 52.52 -10.85 -33.94
CA ARG G 73 52.96 -12.22 -33.67
C ARG G 73 54.43 -12.42 -33.30
N GLN G 74 55.21 -11.34 -33.34
CA GLN G 74 56.61 -11.35 -32.90
C GLN G 74 56.73 -10.57 -31.61
N GLY G 75 55.64 -9.94 -31.18
CA GLY G 75 55.62 -9.18 -29.93
C GLY G 75 54.59 -9.67 -28.93
N LEU G 76 53.48 -8.94 -28.81
CA LEU G 76 52.39 -9.37 -27.94
C LEU G 76 52.13 -10.88 -28.04
N ASN G 77 52.03 -11.39 -29.27
CA ASN G 77 51.62 -12.79 -29.50
C ASN G 77 52.73 -13.75 -29.99
N LYS G 78 53.96 -13.47 -29.58
CA LYS G 78 55.16 -14.29 -29.94
C LYS G 78 55.12 -15.74 -29.48
N ASN G 79 54.42 -15.99 -28.38
CA ASN G 79 54.44 -17.35 -27.83
C ASN G 79 53.19 -18.18 -28.18
N LEU G 80 52.46 -17.73 -29.21
CA LEU G 80 51.35 -18.48 -29.81
C LEU G 80 51.74 -19.08 -31.15
N GLY G 81 51.22 -20.28 -31.42
CA GLY G 81 51.42 -20.94 -32.70
C GLY G 81 50.15 -20.90 -33.53
N PHE G 82 49.87 -22.00 -34.24
CA PHE G 82 48.77 -22.03 -35.23
C PHE G 82 47.73 -23.15 -35.08
N SER G 83 47.80 -23.89 -33.98
CA SER G 83 46.70 -24.76 -33.57
C SER G 83 45.40 -23.95 -33.50
N PRO G 84 44.21 -24.60 -33.66
CA PRO G 84 42.95 -23.89 -33.49
C PRO G 84 42.86 -23.05 -32.20
N GLU G 85 43.39 -23.56 -31.09
CA GLU G 85 43.25 -22.89 -29.81
C GLU G 85 44.19 -21.68 -29.71
N ASP G 86 45.36 -21.77 -30.31
CA ASP G 86 46.29 -20.63 -30.38
C ASP G 86 45.82 -19.49 -31.29
N ARG G 87 45.11 -19.84 -32.36
CA ARG G 87 44.47 -18.82 -33.22
C ARG G 87 43.28 -18.14 -32.52
N GLU G 88 42.51 -18.92 -31.76
CA GLU G 88 41.45 -18.38 -30.90
C GLU G 88 42.01 -17.32 -29.94
N GLU G 89 43.15 -17.61 -29.34
CA GLU G 89 43.79 -16.72 -28.36
C GLU G 89 44.44 -15.49 -29.01
N ASN G 90 45.01 -15.70 -30.19
CA ASN G 90 45.61 -14.64 -30.97
C ASN G 90 44.57 -13.58 -31.29
N VAL G 91 43.46 -14.01 -31.87
CA VAL G 91 42.37 -13.10 -32.24
C VAL G 91 41.70 -12.44 -31.02
N ARG G 92 41.55 -13.19 -29.93
CA ARG G 92 40.94 -12.66 -28.69
C ARG G 92 41.81 -11.57 -28.04
N ARG G 93 43.11 -11.82 -27.92
CA ARG G 93 44.03 -10.78 -27.44
C ARG G 93 43.98 -9.52 -28.33
N ILE G 94 44.01 -9.72 -29.64
CA ILE G 94 43.94 -8.66 -30.65
C ILE G 94 42.65 -7.86 -30.58
N ALA G 95 41.52 -8.55 -30.43
CA ALA G 95 40.24 -7.84 -30.28
C ALA G 95 40.21 -6.98 -29.03
N GLU G 96 40.82 -7.46 -27.95
CA GLU G 96 40.87 -6.68 -26.71
C GLU G 96 41.76 -5.44 -26.84
N VAL G 97 42.87 -5.59 -27.55
CA VAL G 97 43.80 -4.47 -27.77
C VAL G 97 43.14 -3.45 -28.71
N ALA G 98 42.51 -3.94 -29.78
CA ALA G 98 41.82 -3.06 -30.72
C ALA G 98 40.73 -2.21 -30.03
N LYS G 99 40.07 -2.77 -29.03
CA LYS G 99 39.00 -2.08 -28.33
C LYS G 99 39.59 -0.95 -27.48
N LEU G 100 40.81 -1.15 -26.98
CA LEU G 100 41.50 -0.10 -26.22
C LEU G 100 41.84 1.09 -27.13
N PHE G 101 42.38 0.80 -28.31
CA PHE G 101 42.65 1.84 -29.30
C PHE G 101 41.39 2.57 -29.73
N ALA G 102 40.30 1.82 -29.98
CA ALA G 102 39.03 2.44 -30.36
C ALA G 102 38.45 3.33 -29.24
N ASP G 103 38.45 2.81 -28.01
CA ASP G 103 38.09 3.59 -26.79
C ASP G 103 38.93 4.87 -26.71
N ALA G 104 40.23 4.76 -27.02
CA ALA G 104 41.13 5.94 -27.06
C ALA G 104 40.78 7.02 -28.11
N GLY G 105 39.91 6.70 -29.07
CA GLY G 105 39.50 7.66 -30.11
C GLY G 105 40.11 7.42 -31.49
N LEU G 106 40.93 6.38 -31.58
CA LEU G 106 41.67 6.04 -32.79
C LEU G 106 40.91 5.03 -33.63
N VAL G 107 40.94 5.23 -34.95
CA VAL G 107 40.53 4.18 -35.89
C VAL G 107 41.56 3.06 -35.85
N CYS G 108 41.13 1.88 -35.41
CA CYS G 108 42.01 0.73 -35.33
C CYS G 108 41.72 -0.23 -36.49
N ILE G 109 42.74 -0.49 -37.30
CA ILE G 109 42.71 -1.42 -38.41
C ILE G 109 43.48 -2.67 -37.97
N THR G 110 42.87 -3.84 -38.14
CA THR G 110 43.53 -5.10 -37.86
C THR G 110 43.56 -5.85 -39.17
N SER G 111 44.66 -6.54 -39.42
CA SER G 111 44.79 -7.37 -40.61
C SER G 111 45.35 -8.70 -40.16
N PHE G 112 44.46 -9.60 -39.75
CA PHE G 112 44.80 -10.96 -39.39
C PHE G 112 43.97 -11.93 -40.22
N ILE G 113 44.51 -13.11 -40.47
CA ILE G 113 43.75 -14.10 -41.22
C ILE G 113 42.37 -14.27 -40.60
N SER G 114 42.35 -14.40 -39.28
CA SER G 114 41.13 -14.57 -38.48
C SER G 114 40.14 -15.54 -39.15
N PRO G 115 40.52 -16.83 -39.24
CA PRO G 115 39.82 -17.77 -40.10
C PRO G 115 38.62 -18.45 -39.46
N TYR G 116 38.40 -18.19 -38.18
CA TYR G 116 37.26 -18.78 -37.47
C TYR G 116 36.18 -17.74 -37.26
N THR G 117 34.98 -18.05 -37.73
CA THR G 117 33.83 -17.17 -37.62
C THR G 117 33.47 -16.89 -36.17
N GLN G 118 33.49 -17.92 -35.32
CA GLN G 118 33.16 -17.76 -33.89
C GLN G 118 34.06 -16.72 -33.24
N ASP G 119 35.33 -16.73 -33.63
CA ASP G 119 36.30 -15.83 -33.04
C ASP G 119 36.15 -14.39 -33.56
N ARG G 120 35.84 -14.23 -34.84
CA ARG G 120 35.56 -12.87 -35.33
C ARG G 120 34.26 -12.31 -34.75
N ASN G 121 33.28 -13.18 -34.55
CA ASN G 121 32.02 -12.75 -33.92
C ASN G 121 32.23 -12.34 -32.46
N ASN G 122 33.04 -13.10 -31.75
CA ASN G 122 33.49 -12.71 -30.39
C ASN G 122 34.16 -11.34 -30.37
N ALA G 123 35.00 -11.07 -31.38
CA ALA G 123 35.69 -9.77 -31.52
C ALA G 123 34.69 -8.66 -31.68
N ARG G 124 33.73 -8.87 -32.58
CA ARG G 124 32.62 -7.96 -32.78
C ARG G 124 31.83 -7.66 -31.47
N GLN G 125 31.51 -8.71 -30.71
CA GLN G 125 30.79 -8.61 -29.42
C GLN G 125 31.53 -7.78 -28.38
N ILE G 126 32.87 -7.95 -28.34
CA ILE G 126 33.73 -7.23 -27.43
C ILE G 126 33.65 -5.72 -27.67
N HIS G 127 33.58 -5.34 -28.94
CA HIS G 127 33.36 -3.95 -29.31
C HIS G 127 31.90 -3.54 -29.04
N GLU G 128 30.96 -4.31 -29.56
CA GLU G 128 29.51 -4.11 -29.30
C GLU G 128 29.13 -3.95 -27.83
N GLY G 129 29.82 -4.67 -26.94
CA GLY G 129 29.62 -4.57 -25.48
C GLY G 129 30.27 -3.36 -24.83
N ALA G 130 30.83 -2.49 -25.67
CA ALA G 130 31.36 -1.20 -25.24
C ALA G 130 30.91 -0.11 -26.21
N SER G 131 29.84 -0.41 -26.94
CA SER G 131 29.21 0.51 -27.94
C SER G 131 30.22 1.13 -28.95
N LEU G 132 31.19 0.33 -29.34
CA LEU G 132 32.18 0.80 -30.31
C LEU G 132 31.87 0.16 -31.64
N PRO G 133 31.90 0.96 -32.72
CA PRO G 133 31.69 0.39 -34.04
C PRO G 133 32.76 -0.65 -34.42
N PHE G 134 32.35 -1.62 -35.22
CA PHE G 134 33.21 -2.71 -35.62
C PHE G 134 32.77 -2.98 -37.04
N PHE G 135 33.72 -2.93 -37.97
CA PHE G 135 33.39 -3.21 -39.38
C PHE G 135 34.22 -4.36 -39.87
N GLU G 136 33.54 -5.45 -40.20
CA GLU G 136 34.17 -6.64 -40.71
C GLU G 136 34.19 -6.50 -42.24
N VAL G 137 35.38 -6.69 -42.83
CA VAL G 137 35.63 -6.52 -44.25
C VAL G 137 36.34 -7.76 -44.77
N PHE G 138 35.61 -8.59 -45.52
CA PHE G 138 36.14 -9.81 -46.14
C PHE G 138 37.04 -9.48 -47.33
N VAL G 139 38.34 -9.76 -47.16
CA VAL G 139 39.35 -9.48 -48.17
C VAL G 139 39.44 -10.74 -48.99
N ASP G 140 38.66 -10.74 -50.09
CA ASP G 140 38.26 -11.95 -50.79
C ASP G 140 39.06 -12.09 -52.07
N ALA G 141 39.97 -13.06 -52.09
CA ALA G 141 40.64 -13.47 -53.30
C ALA G 141 40.61 -15.00 -53.36
N PRO G 142 40.44 -15.58 -54.58
CA PRO G 142 40.48 -17.04 -54.62
C PRO G 142 41.86 -17.50 -54.19
N LEU G 143 41.91 -18.70 -53.62
CA LEU G 143 43.16 -19.27 -53.14
C LEU G 143 44.24 -19.30 -54.22
N HIS G 144 43.84 -19.65 -55.45
CA HIS G 144 44.76 -19.80 -56.58
C HIS G 144 45.48 -18.49 -56.90
N VAL G 145 44.74 -17.37 -56.78
CA VAL G 145 45.30 -16.03 -56.96
C VAL G 145 46.30 -15.66 -55.84
N CYS G 146 45.94 -15.95 -54.58
CA CYS G 146 46.83 -15.73 -53.45
C CYS G 146 48.13 -16.55 -53.59
N GLU G 147 48.02 -17.77 -54.07
CA GLU G 147 49.17 -18.66 -54.19
C GLU G 147 50.13 -18.27 -55.34
N GLN G 148 49.57 -17.68 -56.40
CA GLN G 148 50.40 -17.21 -57.53
C GLN G 148 51.05 -15.86 -57.23
N ARG G 149 50.47 -15.13 -56.29
CA ARG G 149 51.12 -13.97 -55.69
C ARG G 149 52.27 -14.42 -54.83
N ASP G 150 52.08 -15.53 -54.09
CA ASP G 150 53.04 -16.08 -53.10
C ASP G 150 54.12 -15.09 -52.63
N VAL G 151 53.64 -13.94 -52.13
CA VAL G 151 54.45 -12.73 -51.87
C VAL G 151 55.63 -12.93 -50.93
N LYS G 152 55.46 -13.77 -49.91
CA LYS G 152 56.55 -14.12 -49.00
C LYS G 152 56.93 -15.59 -49.15
N GLY G 153 56.57 -16.15 -50.32
CA GLY G 153 56.88 -17.54 -50.67
C GLY G 153 56.47 -18.59 -49.65
N LEU G 154 55.35 -18.34 -48.99
CA LEU G 154 54.83 -19.21 -47.91
C LEU G 154 54.10 -20.44 -48.42
N TYR G 155 53.37 -20.26 -49.52
CA TYR G 155 52.66 -21.37 -50.16
C TYR G 155 53.67 -22.39 -50.71
N LYS G 156 54.78 -21.90 -51.25
CA LYS G 156 55.88 -22.78 -51.66
C LYS G 156 56.30 -23.70 -50.49
N LYS G 157 56.53 -23.11 -49.32
CA LYS G 157 56.83 -23.87 -48.09
C LYS G 157 55.65 -24.73 -47.62
N ALA G 158 54.43 -24.20 -47.78
CA ALA G 158 53.21 -24.97 -47.46
C ALA G 158 52.98 -26.14 -48.43
N ARG G 159 53.22 -25.90 -49.73
CA ARG G 159 53.10 -26.96 -50.75
C ARG G 159 54.24 -27.96 -50.73
N ALA G 160 55.41 -27.52 -50.25
CA ALA G 160 56.59 -28.40 -50.17
C ALA G 160 56.59 -29.28 -48.91
N GLY G 161 55.55 -29.17 -48.10
CA GLY G 161 55.43 -29.96 -46.85
C GLY G 161 56.10 -29.38 -45.62
N GLU G 162 56.57 -28.13 -45.70
CA GLU G 162 57.34 -27.53 -44.59
C GLU G 162 56.49 -26.85 -43.49
N ILE G 163 55.24 -26.48 -43.83
CA ILE G 163 54.30 -25.89 -42.86
C ILE G 163 52.99 -26.68 -42.85
N LYS G 164 52.68 -27.32 -41.73
CA LYS G 164 51.42 -28.06 -41.59
C LYS G 164 50.32 -27.20 -40.96
N GLY G 165 49.08 -27.46 -41.35
CA GLY G 165 47.95 -26.66 -40.89
C GLY G 165 47.94 -25.23 -41.42
N PHE G 166 48.52 -25.04 -42.61
CA PHE G 166 48.55 -23.74 -43.24
C PHE G 166 47.14 -23.49 -43.78
N THR G 167 46.62 -22.27 -43.53
CA THR G 167 45.25 -21.90 -43.86
C THR G 167 44.99 -21.97 -45.37
N GLY G 168 43.92 -22.67 -45.72
CA GLY G 168 43.46 -22.73 -47.10
C GLY G 168 43.96 -23.97 -47.81
N ILE G 169 44.88 -24.68 -47.16
CA ILE G 169 45.43 -25.93 -47.65
C ILE G 169 44.92 -27.06 -46.76
N ASP G 170 45.60 -27.34 -45.65
CA ASP G 170 45.12 -28.36 -44.74
C ASP G 170 44.49 -27.80 -43.45
N SER G 171 44.38 -26.48 -43.38
CA SER G 171 43.58 -25.85 -42.35
C SER G 171 42.57 -24.87 -42.95
N GLU G 172 41.41 -24.76 -42.30
CA GLU G 172 40.25 -24.12 -42.91
C GLU G 172 40.18 -22.61 -42.77
N TYR G 173 39.59 -22.01 -43.78
CA TYR G 173 39.13 -20.65 -43.66
C TYR G 173 37.61 -20.64 -43.67
N GLU G 174 37.02 -20.04 -42.64
CA GLU G 174 35.56 -19.82 -42.57
C GLU G 174 35.20 -18.40 -42.98
N LYS G 175 34.60 -18.27 -44.16
CA LYS G 175 34.28 -16.97 -44.76
C LYS G 175 33.14 -16.31 -44.01
N PRO G 176 33.19 -14.98 -43.84
CA PRO G 176 32.04 -14.28 -43.20
C PRO G 176 30.80 -14.38 -44.07
N GLU G 177 29.63 -14.57 -43.45
CA GLU G 177 28.36 -14.81 -44.17
C GLU G 177 27.87 -13.52 -44.83
N ALA G 178 27.84 -12.45 -44.04
CA ALA G 178 27.46 -11.12 -44.52
C ALA G 178 28.22 -10.06 -43.74
N PRO G 179 29.47 -9.78 -44.15
CA PRO G 179 30.26 -8.74 -43.52
C PRO G 179 29.79 -7.37 -43.98
N GLU G 180 30.28 -6.31 -43.34
CA GLU G 180 29.91 -4.95 -43.73
C GLU G 180 30.41 -4.59 -45.13
N LEU G 181 31.45 -5.28 -45.59
CA LEU G 181 32.09 -4.99 -46.85
C LEU G 181 32.80 -6.22 -47.38
N VAL G 182 32.59 -6.53 -48.65
CA VAL G 182 33.39 -7.53 -49.34
C VAL G 182 34.32 -6.81 -50.34
N LEU G 183 35.63 -7.06 -50.22
CA LEU G 183 36.63 -6.57 -51.18
C LEU G 183 37.21 -7.68 -52.07
N LYS G 184 36.94 -7.60 -53.38
CA LYS G 184 37.47 -8.54 -54.36
C LYS G 184 38.74 -7.96 -54.97
N THR G 185 39.88 -8.50 -54.55
CA THR G 185 41.18 -7.88 -54.79
C THR G 185 41.86 -8.36 -56.07
N ASP G 186 41.41 -9.49 -56.61
CA ASP G 186 41.94 -10.00 -57.88
C ASP G 186 41.37 -9.19 -59.05
N SER G 187 40.26 -8.50 -58.79
CA SER G 187 39.56 -7.69 -59.77
C SER G 187 39.39 -6.22 -59.33
N CYS G 188 39.93 -5.86 -58.17
CA CYS G 188 40.12 -4.45 -57.81
C CYS G 188 41.61 -4.12 -57.87
N ASP G 189 41.93 -2.83 -57.91
CA ASP G 189 43.28 -2.36 -57.59
C ASP G 189 43.22 -1.79 -56.19
N VAL G 190 44.37 -1.63 -55.54
CA VAL G 190 44.35 -1.24 -54.12
C VAL G 190 43.67 0.12 -53.90
N ASN G 191 43.83 1.02 -54.86
CA ASN G 191 43.17 2.33 -54.86
C ASN G 191 41.65 2.26 -54.56
N ASP G 192 40.93 1.40 -55.26
CA ASP G 192 39.48 1.41 -55.16
C ASP G 192 38.92 0.46 -54.08
N CYS G 193 39.75 -0.44 -53.57
CA CYS G 193 39.44 -1.13 -52.33
C CYS G 193 39.39 -0.12 -51.18
N VAL G 194 40.43 0.70 -51.11
CA VAL G 194 40.56 1.72 -50.07
C VAL G 194 39.34 2.64 -50.06
N GLN G 195 38.92 3.08 -51.23
CA GLN G 195 37.83 4.04 -51.36
C GLN G 195 36.47 3.42 -51.00
N GLN G 196 36.27 2.14 -51.28
CA GLN G 196 35.13 1.37 -50.76
C GLN G 196 35.09 1.29 -49.23
N VAL G 197 36.24 1.15 -48.57
CA VAL G 197 36.26 1.13 -47.11
C VAL G 197 35.96 2.53 -46.57
N VAL G 198 36.52 3.55 -47.22
CA VAL G 198 36.24 4.94 -46.84
C VAL G 198 34.75 5.31 -46.99
N GLU G 199 34.10 4.83 -48.06
CA GLU G 199 32.66 5.09 -48.26
C GLU G 199 31.82 4.42 -47.16
N LEU G 200 32.20 3.21 -46.75
CA LEU G 200 31.55 2.59 -45.59
C LEU G 200 31.75 3.47 -44.36
N LEU G 201 32.99 3.92 -44.14
CA LEU G 201 33.28 4.81 -43.02
C LEU G 201 32.51 6.16 -43.08
N ASN G 202 32.31 6.72 -44.29
CA ASN G 202 31.43 7.88 -44.52
C ASN G 202 29.97 7.59 -44.17
N GLU G 203 29.39 6.58 -44.83
CA GLU G 203 28.01 6.12 -44.57
C GLU G 203 27.74 5.98 -43.08
N ARG G 204 28.76 5.51 -42.36
CA ARG G 204 28.63 5.10 -40.97
C ARG G 204 29.19 6.15 -39.98
N ASP G 205 29.49 7.35 -40.49
CA ASP G 205 29.83 8.56 -39.70
C ASP G 205 31.21 8.60 -39.02
N ILE G 206 32.16 7.84 -39.57
CA ILE G 206 33.52 7.84 -39.03
C ILE G 206 34.42 8.79 -39.80
N LEU G 207 34.24 8.82 -41.12
CA LEU G 207 34.95 9.76 -41.98
C LEU G 207 33.97 10.79 -42.50
N PRO G 208 34.32 12.10 -42.41
CA PRO G 208 33.43 13.19 -42.84
C PRO G 208 33.25 13.31 -44.35
N VAL H 16 53.48 4.89 -42.44
CA VAL H 16 53.38 6.14 -41.62
C VAL H 16 54.46 6.16 -40.56
N SER H 17 55.36 7.13 -40.69
CA SER H 17 56.41 7.36 -39.69
C SER H 17 55.82 8.00 -38.44
N ARG H 18 56.52 7.88 -37.31
CA ARG H 18 56.13 8.60 -36.07
C ARG H 18 56.06 10.09 -36.22
N ASN H 19 56.98 10.65 -37.01
CA ASN H 19 56.94 12.06 -37.35
C ASN H 19 55.59 12.51 -37.91
N LYS H 20 55.06 11.74 -38.88
CA LYS H 20 53.76 12.08 -39.47
C LYS H 20 52.63 11.89 -38.46
N ARG H 21 52.74 10.86 -37.62
CA ARG H 21 51.76 10.60 -36.55
C ARG H 21 51.67 11.79 -35.59
N GLY H 22 52.83 12.34 -35.23
CA GLY H 22 52.94 13.47 -34.29
C GLY H 22 52.26 14.77 -34.69
N GLN H 23 51.97 14.95 -35.99
CA GLN H 23 51.33 16.16 -36.48
C GLN H 23 49.86 15.93 -36.80
N VAL H 24 49.41 14.71 -36.54
CA VAL H 24 48.02 14.35 -36.74
C VAL H 24 47.36 14.00 -35.40
N VAL H 25 48.13 13.42 -34.49
CA VAL H 25 47.61 12.86 -33.22
C VAL H 25 46.92 13.89 -32.32
N GLY H 26 47.56 15.03 -32.08
CA GLY H 26 46.92 16.13 -31.34
C GLY H 26 47.02 17.43 -32.11
N THR H 27 46.44 18.51 -31.57
CA THR H 27 46.58 19.84 -32.18
C THR H 27 47.84 20.61 -31.71
N ARG H 28 48.57 20.02 -30.76
CA ARG H 28 49.90 20.52 -30.37
C ARG H 28 50.96 19.58 -30.95
N GLY H 29 51.46 19.95 -32.13
CA GLY H 29 52.29 19.07 -32.94
C GLY H 29 53.62 18.64 -32.36
N GLY H 30 54.20 17.62 -32.97
CA GLY H 30 55.43 17.02 -32.48
C GLY H 30 55.16 15.70 -31.79
N PHE H 31 56.07 14.75 -31.99
CA PHE H 31 55.92 13.39 -31.46
C PHE H 31 56.17 13.26 -29.95
N ARG H 32 55.12 12.90 -29.22
CA ARG H 32 55.20 12.73 -27.76
C ARG H 32 54.87 11.30 -27.26
N GLY H 33 55.02 10.32 -28.14
CA GLY H 33 54.87 8.90 -27.79
C GLY H 33 55.86 8.42 -26.75
N CYS H 34 55.32 7.83 -25.68
CA CYS H 34 56.13 7.36 -24.55
C CYS H 34 55.28 6.54 -23.59
N THR H 35 55.95 5.85 -22.65
CA THR H 35 55.27 5.18 -21.56
C THR H 35 55.65 5.69 -20.17
N ILE H 36 54.64 6.06 -19.40
CA ILE H 36 54.81 6.29 -17.97
C ILE H 36 54.41 5.01 -17.21
N TRP H 37 55.40 4.34 -16.62
CA TRP H 37 55.18 3.01 -16.02
C TRP H 37 55.16 3.08 -14.51
N LEU H 38 53.96 2.99 -13.95
CA LEU H 38 53.88 3.00 -12.50
C LEU H 38 54.14 1.63 -11.91
N THR H 39 54.76 1.66 -10.74
CA THR H 39 54.95 0.46 -9.96
C THR H 39 54.76 0.80 -8.46
N GLY H 40 54.46 -0.21 -7.66
CA GLY H 40 54.26 0.03 -6.25
C GLY H 40 53.16 -0.83 -5.66
N LEU H 41 53.04 -0.74 -4.35
CA LEU H 41 52.21 -1.64 -3.57
C LEU H 41 50.72 -1.43 -3.82
N SER H 42 49.92 -2.47 -3.56
CA SER H 42 48.47 -2.32 -3.56
C SER H 42 48.08 -1.16 -2.63
N GLY H 43 47.28 -0.25 -3.15
CA GLY H 43 46.82 0.90 -2.39
C GLY H 43 47.85 1.98 -2.13
N ALA H 44 48.95 2.00 -2.88
CA ALA H 44 49.96 3.05 -2.70
C ALA H 44 49.56 4.37 -3.37
N GLY H 45 48.70 4.30 -4.38
CA GLY H 45 48.26 5.47 -5.14
C GLY H 45 48.43 5.42 -6.66
N LYS H 46 48.59 4.22 -7.22
CA LYS H 46 48.89 4.10 -8.67
C LYS H 46 47.71 4.46 -9.56
N THR H 47 46.55 3.89 -9.31
CA THR H 47 45.35 4.26 -10.07
C THR H 47 44.98 5.75 -9.87
N THR H 48 45.04 6.20 -8.61
CA THR H 48 44.77 7.60 -8.28
C THR H 48 45.66 8.56 -9.09
N VAL H 49 46.98 8.35 -9.08
CA VAL H 49 47.87 9.17 -9.93
C VAL H 49 47.53 9.04 -11.45
N SER H 50 47.41 7.80 -11.92
CA SER H 50 47.32 7.53 -13.36
C SER H 50 46.06 8.06 -14.01
N MET H 51 44.94 8.06 -13.28
CA MET H 51 43.71 8.61 -13.81
C MET H 51 43.72 10.14 -13.80
N ALA H 52 44.43 10.72 -12.84
CA ALA H 52 44.55 12.19 -12.71
C ALA H 52 45.59 12.77 -13.67
N LEU H 53 46.67 12.02 -13.86
CA LEU H 53 47.66 12.36 -14.87
C LEU H 53 47.03 12.27 -16.26
N GLU H 54 46.26 11.19 -16.51
CA GLU H 54 45.43 11.07 -17.71
C GLU H 54 44.40 12.21 -17.87
N GLU H 55 43.69 12.57 -16.79
CA GLU H 55 42.79 13.74 -16.80
C GLU H 55 43.53 15.03 -17.17
N TYR H 56 44.74 15.20 -16.63
CA TYR H 56 45.54 16.42 -16.81
C TYR H 56 46.01 16.59 -18.26
N LEU H 57 46.58 15.52 -18.83
CA LEU H 57 47.12 15.56 -20.19
C LEU H 57 46.04 15.92 -21.21
N VAL H 58 44.88 15.31 -21.07
CA VAL H 58 43.77 15.48 -22.01
C VAL H 58 43.21 16.91 -21.95
N CYS H 59 43.24 17.51 -20.76
CA CYS H 59 42.88 18.92 -20.60
C CYS H 59 43.96 19.87 -21.13
N HIS H 60 45.11 19.31 -21.48
CA HIS H 60 46.20 20.10 -22.08
C HIS H 60 46.47 19.69 -23.53
N GLY H 61 45.45 19.13 -24.17
CA GLY H 61 45.47 18.78 -25.59
C GLY H 61 46.42 17.65 -25.98
N ILE H 62 46.91 16.90 -24.98
CA ILE H 62 47.83 15.79 -25.21
C ILE H 62 47.06 14.49 -25.11
N PRO H 63 46.83 13.80 -26.26
CA PRO H 63 46.18 12.49 -26.24
C PRO H 63 46.98 11.46 -25.44
N CYS H 64 46.28 10.72 -24.58
CA CYS H 64 46.89 9.69 -23.74
C CYS H 64 45.87 8.57 -23.41
N TYR H 65 46.34 7.53 -22.71
CA TYR H 65 45.48 6.39 -22.34
C TYR H 65 46.07 5.60 -21.20
N THR H 66 45.22 5.19 -20.27
CA THR H 66 45.66 4.45 -19.08
C THR H 66 45.37 2.97 -19.21
N LEU H 67 46.40 2.18 -18.98
CA LEU H 67 46.27 0.73 -18.89
C LEU H 67 46.44 0.30 -17.43
N ASP H 68 45.35 -0.16 -16.83
CA ASP H 68 45.34 -0.42 -15.39
C ASP H 68 45.26 -1.91 -15.12
N GLY H 69 46.16 -2.36 -14.24
CA GLY H 69 46.22 -3.73 -13.77
C GLY H 69 44.87 -4.40 -13.66
N ASP H 70 43.98 -3.82 -12.86
CA ASP H 70 42.69 -4.44 -12.60
C ASP H 70 41.77 -4.44 -13.81
N ASN H 71 41.72 -3.31 -14.52
CA ASN H 71 40.96 -3.20 -15.78
C ASN H 71 41.39 -4.23 -16.82
N ILE H 72 42.68 -4.23 -17.16
CA ILE H 72 43.28 -5.18 -18.12
C ILE H 72 43.07 -6.64 -17.71
N ARG H 73 43.13 -6.89 -16.41
CA ARG H 73 42.91 -8.23 -15.88
C ARG H 73 41.43 -8.69 -16.01
N GLN H 74 40.54 -7.78 -16.39
CA GLN H 74 39.20 -8.21 -16.77
C GLN H 74 38.99 -8.33 -18.30
N GLY H 75 40.03 -8.11 -19.09
CA GLY H 75 39.92 -8.26 -20.54
C GLY H 75 41.04 -9.07 -21.15
N LEU H 76 42.01 -8.37 -21.74
CA LEU H 76 43.17 -8.98 -22.36
C LEU H 76 43.80 -10.05 -21.45
N ASN H 77 44.03 -9.71 -20.18
CA ASN H 77 44.70 -10.62 -19.25
C ASN H 77 43.79 -11.37 -18.24
N LYS H 78 42.50 -11.52 -18.60
CA LYS H 78 41.52 -12.25 -17.75
C LYS H 78 42.00 -13.68 -17.58
N ASN H 79 42.89 -14.03 -18.50
CA ASN H 79 43.53 -15.30 -18.66
C ASN H 79 44.57 -15.71 -17.60
N LEU H 80 44.89 -14.80 -16.69
CA LEU H 80 46.08 -15.00 -15.87
C LEU H 80 45.77 -14.79 -14.40
N GLY H 81 46.45 -15.57 -13.56
CA GLY H 81 46.35 -15.45 -12.11
C GLY H 81 47.49 -14.59 -11.57
N PHE H 82 47.95 -14.89 -10.36
CA PHE H 82 48.96 -14.05 -9.66
C PHE H 82 50.28 -14.81 -9.34
N SER H 83 50.44 -15.99 -9.90
CA SER H 83 51.68 -16.75 -9.79
C SER H 83 52.85 -15.96 -10.35
N PRO H 84 54.09 -16.34 -10.00
CA PRO H 84 55.27 -15.65 -10.52
C PRO H 84 55.30 -15.65 -12.05
N GLU H 85 54.95 -16.78 -12.66
CA GLU H 85 54.90 -16.94 -14.11
C GLU H 85 53.78 -16.10 -14.76
N ASP H 86 52.60 -16.06 -14.14
CA ASP H 86 51.45 -15.26 -14.67
C ASP H 86 51.63 -13.74 -14.53
N ARG H 87 52.20 -13.31 -13.41
CA ARG H 87 52.54 -11.90 -13.25
C ARG H 87 53.61 -11.46 -14.26
N GLU H 88 54.50 -12.38 -14.61
CA GLU H 88 55.51 -12.15 -15.65
C GLU H 88 54.81 -11.95 -17.00
N GLU H 89 53.91 -12.86 -17.36
CA GLU H 89 53.13 -12.76 -18.60
C GLU H 89 52.22 -11.54 -18.60
N ASN H 90 51.62 -11.27 -17.44
CA ASN H 90 50.79 -10.11 -17.26
C ASN H 90 51.54 -8.83 -17.67
N VAL H 91 52.70 -8.64 -17.07
CA VAL H 91 53.60 -7.54 -17.35
C VAL H 91 54.16 -7.57 -18.77
N ARG H 92 54.54 -8.77 -19.26
CA ARG H 92 55.10 -8.87 -20.61
C ARG H 92 54.10 -8.42 -21.68
N ARG H 93 52.86 -8.90 -21.58
CA ARG H 93 51.81 -8.55 -22.53
C ARG H 93 51.51 -7.06 -22.49
N ILE H 94 51.42 -6.45 -21.31
CA ILE H 94 51.06 -5.01 -21.28
C ILE H 94 52.19 -4.04 -21.73
N ALA H 95 53.45 -4.42 -21.51
CA ALA H 95 54.60 -3.67 -22.07
C ALA H 95 54.54 -3.64 -23.58
N GLU H 96 54.22 -4.78 -24.18
CA GLU H 96 54.02 -4.87 -25.61
C GLU H 96 52.86 -3.98 -26.07
N VAL H 97 51.75 -4.00 -25.34
CA VAL H 97 50.64 -3.11 -25.69
C VAL H 97 51.03 -1.66 -25.50
N ALA H 98 51.73 -1.36 -24.39
CA ALA H 98 52.19 0.01 -24.14
C ALA H 98 53.10 0.51 -25.27
N LYS H 99 54.03 -0.33 -25.72
CA LYS H 99 54.91 -0.02 -26.86
C LYS H 99 54.09 0.40 -28.08
N LEU H 100 53.03 -0.35 -28.37
CA LEU H 100 52.09 -0.01 -29.44
C LEU H 100 51.39 1.34 -29.28
N PHE H 101 50.87 1.65 -28.08
CA PHE H 101 50.25 2.98 -27.85
C PHE H 101 51.25 4.13 -28.04
N ALA H 102 52.49 3.94 -27.54
CA ALA H 102 53.58 4.93 -27.64
C ALA H 102 54.03 5.15 -29.10
N ASP H 103 54.11 4.07 -29.86
CA ASP H 103 54.36 4.10 -31.31
C ASP H 103 53.23 4.85 -32.04
N ALA H 104 51.99 4.67 -31.58
CA ALA H 104 50.85 5.41 -32.13
C ALA H 104 50.91 6.91 -31.82
N GLY H 105 51.84 7.31 -30.95
CA GLY H 105 52.02 8.71 -30.60
C GLY H 105 51.22 9.21 -29.40
N LEU H 106 50.79 8.28 -28.55
CA LEU H 106 49.99 8.62 -27.40
C LEU H 106 50.87 8.58 -26.18
N VAL H 107 50.52 9.34 -25.16
CA VAL H 107 51.18 9.15 -23.86
C VAL H 107 50.45 7.96 -23.21
N CYS H 108 51.18 6.86 -23.01
CA CYS H 108 50.60 5.66 -22.42
C CYS H 108 50.99 5.59 -20.95
N ILE H 109 49.99 5.47 -20.09
CA ILE H 109 50.23 5.34 -18.65
C ILE H 109 49.78 3.96 -18.16
N THR H 110 50.68 3.23 -17.51
CA THR H 110 50.36 1.91 -16.95
C THR H 110 50.43 1.88 -15.41
N SER H 111 49.39 1.31 -14.80
CA SER H 111 49.27 1.22 -13.33
C SER H 111 49.12 -0.25 -12.92
N PHE H 112 50.25 -0.96 -12.91
CA PHE H 112 50.30 -2.35 -12.50
C PHE H 112 51.20 -2.39 -11.25
N ILE H 113 50.90 -3.26 -10.29
CA ILE H 113 51.83 -3.44 -9.15
C ILE H 113 53.27 -3.69 -9.67
N SER H 114 53.35 -4.49 -10.75
CA SER H 114 54.61 -4.92 -11.37
C SER H 114 55.77 -5.15 -10.37
N PRO H 115 55.62 -6.16 -9.50
CA PRO H 115 56.47 -6.31 -8.30
C PRO H 115 57.90 -6.80 -8.57
N TYR H 116 58.18 -7.20 -9.80
CA TYR H 116 59.42 -7.86 -10.13
C TYR H 116 60.32 -6.98 -11.00
N THR H 117 61.55 -6.78 -10.53
CA THR H 117 62.60 -6.01 -11.20
C THR H 117 62.91 -6.49 -12.62
N GLN H 118 63.23 -7.78 -12.74
CA GLN H 118 63.55 -8.40 -14.05
C GLN H 118 62.45 -8.18 -15.11
N ASP H 119 61.18 -8.15 -14.67
CA ASP H 119 60.04 -7.93 -15.56
C ASP H 119 59.86 -6.46 -15.92
N ARG H 120 59.95 -5.57 -14.94
CA ARG H 120 59.94 -4.11 -15.21
C ARG H 120 61.12 -3.69 -16.08
N ASN H 121 62.27 -4.33 -15.87
CA ASN H 121 63.44 -4.12 -16.72
C ASN H 121 63.23 -4.61 -18.13
N ASN H 122 62.60 -5.78 -18.27
CA ASN H 122 62.28 -6.31 -19.60
C ASN H 122 61.33 -5.39 -20.38
N ALA H 123 60.38 -4.77 -19.67
CA ALA H 123 59.45 -3.81 -20.27
C ALA H 123 60.15 -2.54 -20.78
N ARG H 124 61.18 -2.11 -20.06
CA ARG H 124 61.98 -0.96 -20.50
C ARG H 124 62.80 -1.30 -21.75
N GLN H 125 63.35 -2.52 -21.78
CA GLN H 125 64.15 -3.03 -22.91
C GLN H 125 63.29 -3.17 -24.17
N ILE H 126 61.98 -3.39 -23.99
CA ILE H 126 61.03 -3.45 -25.08
C ILE H 126 60.88 -2.11 -25.77
N HIS H 127 60.75 -1.05 -24.98
CA HIS H 127 60.61 0.31 -25.49
C HIS H 127 61.90 0.87 -26.10
N GLU H 128 63.04 0.57 -25.49
CA GLU H 128 64.34 1.04 -26.02
C GLU H 128 64.73 0.37 -27.35
N GLY H 129 64.49 -0.94 -27.45
CA GLY H 129 64.49 -1.63 -28.75
C GLY H 129 63.68 -0.92 -29.84
N ALA H 130 62.54 -0.32 -29.47
CA ALA H 130 61.70 0.42 -30.42
C ALA H 130 61.95 1.96 -30.39
N SER H 131 62.95 2.38 -29.63
CA SER H 131 63.34 3.80 -29.56
C SER H 131 62.33 4.71 -28.89
N LEU H 132 61.59 4.16 -27.93
CA LEU H 132 60.53 4.92 -27.29
C LEU H 132 60.88 5.16 -25.83
N PRO H 133 60.62 6.40 -25.36
CA PRO H 133 60.92 6.85 -24.00
C PRO H 133 60.08 6.11 -22.99
N PHE H 134 60.68 5.83 -21.85
CA PHE H 134 60.12 4.95 -20.84
C PHE H 134 60.46 5.62 -19.52
N PHE H 135 59.44 5.82 -18.70
CA PHE H 135 59.63 6.42 -17.40
C PHE H 135 59.07 5.50 -16.33
N GLU H 136 59.97 4.92 -15.53
CA GLU H 136 59.59 4.13 -14.37
C GLU H 136 59.35 5.05 -13.19
N VAL H 137 58.08 5.15 -12.79
CA VAL H 137 57.67 5.96 -11.65
C VAL H 137 57.31 5.04 -10.46
N PHE H 138 58.04 5.21 -9.35
CA PHE H 138 57.82 4.39 -8.17
C PHE H 138 56.83 5.09 -7.24
N VAL H 139 55.63 4.55 -7.16
CA VAL H 139 54.62 5.05 -6.24
C VAL H 139 54.88 4.41 -4.87
N ASP H 140 55.48 5.22 -4.00
CA ASP H 140 56.12 4.77 -2.78
C ASP H 140 55.42 5.22 -1.48
N ALA H 141 54.54 4.35 -0.99
CA ALA H 141 53.96 4.43 0.35
C ALA H 141 54.42 3.18 1.10
N PRO H 142 54.69 3.31 2.42
CA PRO H 142 55.10 2.11 3.16
C PRO H 142 53.93 1.16 3.31
N LEU H 143 54.20 -0.14 3.49
CA LEU H 143 53.14 -1.12 3.67
C LEU H 143 52.12 -0.71 4.75
N HIS H 144 52.61 -0.31 5.92
CA HIS H 144 51.70 0.06 7.01
C HIS H 144 50.74 1.20 6.64
N VAL H 145 51.12 2.04 5.68
CA VAL H 145 50.24 3.13 5.21
C VAL H 145 49.19 2.60 4.20
N CYS H 146 49.61 1.67 3.34
CA CYS H 146 48.70 1.04 2.36
C CYS H 146 47.64 0.19 3.07
N GLU H 147 48.11 -0.63 4.01
CA GLU H 147 47.25 -1.44 4.87
C GLU H 147 46.28 -0.59 5.72
N GLN H 148 46.75 0.57 6.18
CA GLN H 148 45.92 1.50 6.93
C GLN H 148 44.80 2.01 6.03
N ARG H 149 45.16 2.39 4.81
CA ARG H 149 44.19 2.77 3.78
C ARG H 149 43.16 1.65 3.46
N ASP H 150 43.66 0.46 3.15
CA ASP H 150 42.85 -0.71 2.75
C ASP H 150 41.57 -0.36 1.97
N VAL H 151 41.73 0.46 0.95
CA VAL H 151 40.58 1.01 0.19
C VAL H 151 39.59 -0.05 -0.35
N LYS H 152 40.12 -1.19 -0.80
CA LYS H 152 39.31 -2.24 -1.41
C LYS H 152 39.16 -3.46 -0.48
N GLY H 153 39.66 -3.35 0.75
CA GLY H 153 39.53 -4.41 1.74
C GLY H 153 40.43 -5.62 1.54
N LEU H 154 41.33 -5.54 0.55
CA LEU H 154 42.17 -6.67 0.21
C LEU H 154 43.11 -7.11 1.33
N TYR H 155 43.72 -6.15 2.02
CA TYR H 155 44.68 -6.42 3.09
C TYR H 155 44.01 -7.12 4.29
N LYS H 156 42.78 -6.71 4.65
CA LYS H 156 42.04 -7.43 5.69
C LYS H 156 41.82 -8.88 5.26
N LYS H 157 41.43 -9.09 3.99
CA LYS H 157 41.22 -10.44 3.49
C LYS H 157 42.52 -11.25 3.51
N ALA H 158 43.61 -10.62 3.06
CA ALA H 158 44.95 -11.23 3.04
C ALA H 158 45.35 -11.73 4.44
N ARG H 159 45.28 -10.83 5.42
CA ARG H 159 45.58 -11.15 6.83
C ARG H 159 44.68 -12.26 7.40
N ALA H 160 43.44 -12.29 6.93
CA ALA H 160 42.43 -13.23 7.42
C ALA H 160 42.63 -14.62 6.82
N GLY H 161 43.54 -14.72 5.85
CA GLY H 161 43.84 -15.99 5.19
C GLY H 161 42.93 -16.29 4.02
N GLU H 162 42.23 -15.27 3.52
CA GLU H 162 41.28 -15.46 2.43
C GLU H 162 41.84 -15.16 1.03
N ILE H 163 43.02 -14.51 0.99
CA ILE H 163 43.78 -14.33 -0.26
C ILE H 163 45.24 -14.67 -0.01
N LYS H 164 45.70 -15.80 -0.55
CA LYS H 164 47.11 -16.18 -0.40
C LYS H 164 47.98 -15.39 -1.37
N GLY H 165 49.26 -15.24 -1.02
CA GLY H 165 50.24 -14.67 -1.94
C GLY H 165 49.95 -13.23 -2.33
N PHE H 166 49.40 -12.47 -1.37
CA PHE H 166 49.11 -11.05 -1.61
C PHE H 166 50.42 -10.30 -1.52
N THR H 167 50.64 -9.38 -2.45
CA THR H 167 51.88 -8.61 -2.48
C THR H 167 52.12 -7.92 -1.15
N GLY H 168 53.29 -8.16 -0.55
CA GLY H 168 53.63 -7.51 0.72
C GLY H 168 53.40 -8.39 1.94
N ILE H 169 52.62 -9.46 1.76
CA ILE H 169 52.23 -10.35 2.86
C ILE H 169 52.73 -11.77 2.64
N ASP H 170 52.40 -12.32 1.47
CA ASP H 170 52.79 -13.68 1.12
C ASP H 170 53.36 -13.66 -0.30
N SER H 171 53.89 -12.49 -0.67
CA SER H 171 54.35 -12.22 -2.03
C SER H 171 55.34 -11.05 -2.02
N GLU H 172 56.37 -11.12 -2.85
CA GLU H 172 57.40 -10.09 -2.79
C GLU H 172 57.10 -8.90 -3.68
N TYR H 173 57.60 -7.74 -3.29
CA TYR H 173 57.62 -6.55 -4.13
C TYR H 173 59.04 -6.00 -4.16
N GLU H 174 59.64 -5.99 -5.34
CA GLU H 174 61.04 -5.56 -5.51
C GLU H 174 61.11 -4.08 -5.94
N LYS H 175 61.34 -3.21 -4.96
CA LYS H 175 61.46 -1.78 -5.17
C LYS H 175 62.43 -1.42 -6.30
N PRO H 176 62.05 -0.43 -7.13
CA PRO H 176 62.95 0.10 -8.15
C PRO H 176 64.18 0.67 -7.49
N GLU H 177 65.36 0.39 -8.05
CA GLU H 177 66.62 0.93 -7.53
C GLU H 177 67.06 2.21 -8.22
N ALA H 178 66.71 2.33 -9.50
CA ALA H 178 67.06 3.50 -10.29
C ALA H 178 65.87 4.12 -11.04
N PRO H 179 64.70 4.32 -10.36
CA PRO H 179 63.57 4.92 -11.08
C PRO H 179 63.83 6.37 -11.46
N GLU H 180 63.23 6.77 -12.58
CA GLU H 180 63.25 8.14 -13.05
C GLU H 180 62.57 9.09 -12.04
N LEU H 181 61.62 8.55 -11.27
CA LEU H 181 60.86 9.32 -10.31
C LEU H 181 60.33 8.45 -9.17
N VAL H 182 60.33 8.99 -7.95
CA VAL H 182 59.69 8.38 -6.78
C VAL H 182 58.62 9.32 -6.24
N LEU H 183 57.37 8.85 -6.15
CA LEU H 183 56.30 9.67 -5.56
C LEU H 183 56.07 9.28 -4.12
N LYS H 184 56.20 10.27 -3.25
CA LYS H 184 56.06 10.09 -1.82
C LYS H 184 54.63 10.41 -1.42
N THR H 185 53.76 9.41 -1.63
CA THR H 185 52.31 9.56 -1.51
C THR H 185 51.84 9.59 -0.07
N ASP H 186 52.74 9.19 0.84
CA ASP H 186 52.56 9.31 2.30
C ASP H 186 52.53 10.75 2.81
N SER H 187 53.35 11.62 2.23
CA SER H 187 53.52 12.96 2.79
C SER H 187 53.22 14.07 1.78
N CYS H 188 52.20 13.85 0.94
CA CYS H 188 52.01 14.66 -0.25
C CYS H 188 50.62 14.46 -0.85
N ASP H 189 50.17 15.45 -1.62
CA ASP H 189 48.84 15.46 -2.24
C ASP H 189 48.84 14.71 -3.55
N VAL H 190 47.67 14.24 -3.97
CA VAL H 190 47.50 13.69 -5.31
C VAL H 190 48.05 14.65 -6.36
N ASN H 191 47.61 15.91 -6.29
CA ASN H 191 47.93 16.93 -7.29
C ASN H 191 49.41 17.27 -7.46
N ASP H 192 50.13 17.20 -6.34
CA ASP H 192 51.57 17.41 -6.34
C ASP H 192 52.29 16.23 -6.98
N CYS H 193 51.73 15.03 -6.76
CA CYS H 193 52.23 13.80 -7.36
C CYS H 193 52.14 13.82 -8.87
N VAL H 194 51.02 14.32 -9.39
CA VAL H 194 50.81 14.48 -10.82
C VAL H 194 51.82 15.47 -11.38
N GLN H 195 51.97 16.61 -10.70
CA GLN H 195 52.93 17.65 -11.05
C GLN H 195 54.37 17.16 -11.10
N GLN H 196 54.74 16.29 -10.15
CA GLN H 196 56.07 15.67 -10.15
C GLN H 196 56.28 14.85 -11.42
N VAL H 197 55.22 14.16 -11.87
CA VAL H 197 55.28 13.38 -13.11
C VAL H 197 55.34 14.35 -14.29
N VAL H 198 54.43 15.32 -14.29
CA VAL H 198 54.33 16.33 -15.34
C VAL H 198 55.67 17.05 -15.55
N GLU H 199 56.34 17.36 -14.43
CA GLU H 199 57.64 18.04 -14.45
C GLU H 199 58.74 17.17 -15.02
N LEU H 200 58.66 15.86 -14.77
CA LEU H 200 59.52 14.88 -15.42
C LEU H 200 59.28 14.93 -16.93
N LEU H 201 58.00 14.90 -17.31
CA LEU H 201 57.60 14.93 -18.72
C LEU H 201 57.99 16.23 -19.44
N ASN H 202 57.83 17.38 -18.76
CA ASN H 202 58.34 18.65 -19.28
C ASN H 202 59.83 18.55 -19.61
N GLU H 203 60.64 18.21 -18.61
CA GLU H 203 62.10 18.15 -18.76
C GLU H 203 62.60 17.13 -19.81
N ARG H 204 61.82 16.09 -20.08
CA ARG H 204 62.16 15.12 -21.12
C ARG H 204 61.47 15.47 -22.45
N ASP H 205 60.81 16.63 -22.45
CA ASP H 205 60.31 17.23 -23.69
C ASP H 205 58.99 16.64 -24.19
N ILE H 206 58.39 15.75 -23.40
CA ILE H 206 57.18 15.06 -23.81
C ILE H 206 56.00 16.01 -23.72
N LEU H 207 56.02 16.84 -22.68
CA LEU H 207 55.03 17.88 -22.47
C LEU H 207 55.61 19.28 -22.71
N PRO H 208 54.79 20.19 -23.28
CA PRO H 208 55.23 21.59 -23.43
C PRO H 208 55.61 22.21 -22.08
#